data_3WCI
#
_entry.id   3WCI
#
_cell.length_a   85.384
_cell.length_b   153.616
_cell.length_c   91.164
_cell.angle_alpha   90.00
_cell.angle_beta   90.82
_cell.angle_gamma   90.00
#
_symmetry.space_group_name_H-M   'P 1 21 1'
#
loop_
_entity.id
_entity.type
_entity.pdbx_description
1 polymer 'Squalene synthase'
2 non-polymer 'hydrogen [(1R)-1-hydroxy-2-(3-pentadecyl-1H-imidazol-3-ium-1-yl)-1-phosphonoethyl]phosphonate'
3 water water
#
_entity_poly.entity_id   1
_entity_poly.type   'polypeptide(L)'
_entity_poly.pdbx_seq_one_letter_code
;MGSSHHHHHHSSGLVPRGSHMDQDSLSSSLKTCYKYLNQTSRSFAAVIQALDGEMRNAVCIFYLVLRALDTLEDDMTISV
EKKVPLLHNFHSFLYQPDWRFMESKEKDRQVLEDFPTISLEFRNLAEKYQTVIADICRRMGIGMAEFLDKHVTSEQEWDK
YCHYVAGLVGIGLSRLFSASEFEDPLVGEDTERANSMGLFLQKTNIIRDYLEDQQGGREFWPQEVWSRYVKKLGDFALPE
NIDLAVQCLNELITNALHHIPDVITYLSRLRNQSVFNFCAIPQVMAIATLAACYNNQQVFKGAVLIRLGQAVTLMMDATN
MPAVKAIIYQYMEEIYHRIPDSNPSSSKTRQIISTIRTQN
;
_entity_poly.pdbx_strand_id   A,B,C,D,E,F
#
loop_
_chem_comp.id
_chem_comp.type
_chem_comp.name
_chem_comp.formula
BH5 non-polymer 'hydrogen [(1R)-1-hydroxy-2-(3-pentadecyl-1H-imidazol-3-ium-1-yl)-1-phosphonoethyl]phosphonate' 'C20 H40 N2 O7 P2'
#
# COMPACT_ATOMS: atom_id res chain seq x y z
N LEU A 26 1.14 4.29 -35.41
CA LEU A 26 -0.22 3.76 -35.03
C LEU A 26 -0.77 2.87 -36.14
N SER A 27 -1.59 1.90 -35.76
CA SER A 27 -2.22 0.99 -36.71
C SER A 27 -3.48 1.69 -37.22
N SER A 28 -3.73 1.61 -38.52
CA SER A 28 -4.92 2.24 -39.09
C SER A 28 -6.15 1.48 -38.59
N SER A 29 -6.03 0.16 -38.48
CA SER A 29 -7.14 -0.65 -38.01
C SER A 29 -7.40 -0.34 -36.54
N LEU A 30 -6.34 -0.15 -35.75
CA LEU A 30 -6.53 0.17 -34.34
C LEU A 30 -7.15 1.58 -34.24
N LYS A 31 -6.70 2.49 -35.09
CA LYS A 31 -7.23 3.85 -35.06
C LYS A 31 -8.74 3.78 -35.32
N THR A 32 -9.12 2.90 -36.25
CA THR A 32 -10.51 2.71 -36.61
C THR A 32 -11.35 2.15 -35.47
N CYS A 33 -10.77 1.27 -34.67
CA CYS A 33 -11.48 0.69 -33.53
C CYS A 33 -11.81 1.78 -32.51
N TYR A 34 -10.85 2.66 -32.25
CA TYR A 34 -11.10 3.73 -31.29
C TYR A 34 -12.11 4.71 -31.87
N LYS A 35 -12.22 4.74 -33.19
CA LYS A 35 -13.19 5.60 -33.85
C LYS A 35 -14.56 4.98 -33.57
N TYR A 36 -14.65 3.65 -33.71
CA TYR A 36 -15.90 2.95 -33.44
C TYR A 36 -16.23 3.03 -31.96
N LEU A 37 -15.21 2.85 -31.11
CA LEU A 37 -15.44 2.92 -29.67
C LEU A 37 -16.18 4.21 -29.33
N ASN A 38 -15.67 5.33 -29.82
CA ASN A 38 -16.29 6.63 -29.57
C ASN A 38 -17.65 6.80 -30.25
N GLN A 39 -17.85 6.15 -31.38
CA GLN A 39 -19.12 6.25 -32.09
C GLN A 39 -20.25 5.57 -31.34
N THR A 40 -19.95 4.40 -30.78
CA THR A 40 -20.93 3.59 -30.08
C THR A 40 -20.98 3.75 -28.57
N SER A 41 -19.97 4.41 -28.00
CA SER A 41 -19.94 4.61 -26.55
C SER A 41 -19.63 6.04 -26.18
N ARG A 42 -20.60 6.92 -26.35
CA ARG A 42 -20.41 8.33 -26.05
C ARG A 42 -20.15 8.66 -24.59
N SER A 43 -20.28 7.70 -23.68
CA SER A 43 -20.05 7.96 -22.27
C SER A 43 -18.90 7.18 -21.60
N PHE A 44 -18.71 5.92 -21.98
CA PHE A 44 -17.66 5.07 -21.40
C PHE A 44 -16.33 5.15 -22.15
N ALA A 45 -16.35 5.64 -23.39
CA ALA A 45 -15.13 5.72 -24.19
C ALA A 45 -13.99 6.40 -23.48
N ALA A 46 -14.29 7.49 -22.80
CA ALA A 46 -13.27 8.24 -22.09
C ALA A 46 -12.61 7.45 -20.98
N VAL A 47 -13.39 6.76 -20.13
CA VAL A 47 -12.76 6.00 -19.04
C VAL A 47 -12.04 4.77 -19.57
N ILE A 48 -12.51 4.21 -20.68
CA ILE A 48 -11.85 3.05 -21.27
C ILE A 48 -10.49 3.50 -21.79
N GLN A 49 -10.46 4.62 -22.50
CA GLN A 49 -9.22 5.14 -23.04
C GLN A 49 -8.23 5.58 -21.96
N ALA A 50 -8.67 5.66 -20.71
CA ALA A 50 -7.80 6.06 -19.62
C ALA A 50 -7.23 4.86 -18.85
N LEU A 51 -7.60 3.65 -19.26
CA LEU A 51 -7.09 2.46 -18.60
C LEU A 51 -5.59 2.33 -18.82
N ASP A 52 -4.85 1.88 -17.80
CA ASP A 52 -3.39 1.73 -17.94
C ASP A 52 -2.99 0.60 -18.86
N GLY A 53 -1.84 0.78 -19.51
CA GLY A 53 -1.26 -0.22 -20.39
C GLY A 53 -2.15 -1.07 -21.28
N GLU A 54 -1.92 -2.38 -21.23
CA GLU A 54 -2.66 -3.35 -22.05
C GLU A 54 -4.16 -3.43 -21.89
N MET A 55 -4.69 -2.93 -20.78
CA MET A 55 -6.13 -2.98 -20.56
C MET A 55 -6.85 -2.05 -21.54
N ARG A 56 -6.19 -0.95 -21.88
CA ARG A 56 -6.77 0.02 -22.80
C ARG A 56 -7.30 -0.65 -24.07
N ASN A 57 -6.40 -1.25 -24.87
CA ASN A 57 -6.83 -1.92 -26.11
C ASN A 57 -7.72 -3.12 -25.81
N ALA A 58 -7.34 -3.93 -24.82
CA ALA A 58 -8.14 -5.10 -24.49
C ALA A 58 -9.59 -4.73 -24.22
N VAL A 59 -9.82 -3.76 -23.35
CA VAL A 59 -11.17 -3.34 -23.05
C VAL A 59 -11.86 -2.68 -24.25
N CYS A 60 -11.12 -1.91 -25.05
CA CYS A 60 -11.70 -1.29 -26.22
C CYS A 60 -12.26 -2.37 -27.16
N ILE A 61 -11.42 -3.35 -27.51
CA ILE A 61 -11.83 -4.42 -28.40
C ILE A 61 -12.99 -5.22 -27.78
N PHE A 62 -12.88 -5.53 -26.49
CA PHE A 62 -13.93 -6.27 -25.81
C PHE A 62 -15.26 -5.53 -25.94
N TYR A 63 -15.22 -4.21 -25.80
CA TYR A 63 -16.43 -3.42 -25.90
C TYR A 63 -17.01 -3.48 -27.31
N LEU A 64 -16.16 -3.36 -28.32
CA LEU A 64 -16.63 -3.41 -29.70
C LEU A 64 -17.22 -4.76 -30.09
N VAL A 65 -16.62 -5.87 -29.64
CA VAL A 65 -17.18 -7.17 -30.00
C VAL A 65 -18.50 -7.35 -29.26
N LEU A 66 -18.59 -6.83 -28.03
CA LEU A 66 -19.84 -6.94 -27.28
C LEU A 66 -20.92 -6.11 -27.95
N ARG A 67 -20.52 -4.95 -28.47
CA ARG A 67 -21.45 -4.05 -29.15
C ARG A 67 -21.96 -4.75 -30.40
N ALA A 68 -21.08 -5.49 -31.06
CA ALA A 68 -21.45 -6.21 -32.27
C ALA A 68 -22.47 -7.30 -31.92
N LEU A 69 -22.15 -8.09 -30.91
CA LEU A 69 -23.01 -9.17 -30.46
C LEU A 69 -24.37 -8.63 -30.01
N ASP A 70 -24.34 -7.51 -29.31
CA ASP A 70 -25.57 -6.87 -28.83
C ASP A 70 -26.44 -6.40 -29.98
N THR A 71 -25.82 -5.88 -31.03
CA THR A 71 -26.56 -5.40 -32.17
C THR A 71 -27.26 -6.55 -32.89
N LEU A 72 -26.64 -7.72 -32.89
CA LEU A 72 -27.25 -8.89 -33.51
C LEU A 72 -28.49 -9.28 -32.71
N GLU A 73 -28.34 -9.31 -31.38
CA GLU A 73 -29.46 -9.65 -30.50
C GLU A 73 -30.65 -8.70 -30.61
N ASP A 74 -30.39 -7.40 -30.71
CA ASP A 74 -31.45 -6.39 -30.81
C ASP A 74 -32.15 -6.29 -32.15
N ASP A 75 -31.46 -6.69 -33.21
CA ASP A 75 -32.02 -6.57 -34.56
C ASP A 75 -33.21 -7.47 -34.88
N MET A 76 -34.41 -6.88 -34.82
CA MET A 76 -35.64 -7.62 -35.08
C MET A 76 -35.94 -7.93 -36.55
N THR A 77 -35.09 -7.47 -37.47
CA THR A 77 -35.32 -7.78 -38.88
C THR A 77 -34.59 -9.09 -39.19
N ILE A 78 -33.95 -9.65 -38.16
CA ILE A 78 -33.24 -10.91 -38.28
C ILE A 78 -34.11 -11.94 -37.58
N SER A 79 -34.65 -12.90 -38.32
CA SER A 79 -35.53 -13.91 -37.72
C SER A 79 -34.80 -14.75 -36.66
N VAL A 80 -35.56 -15.30 -35.73
CA VAL A 80 -35.02 -16.13 -34.67
C VAL A 80 -34.14 -17.28 -35.19
N GLU A 81 -34.64 -18.01 -36.19
CA GLU A 81 -33.87 -19.14 -36.73
C GLU A 81 -32.55 -18.72 -37.38
N LYS A 82 -32.46 -17.47 -37.83
CA LYS A 82 -31.22 -16.99 -38.42
C LYS A 82 -30.36 -16.35 -37.33
N LYS A 83 -31.00 -15.81 -36.29
CA LYS A 83 -30.28 -15.17 -35.20
C LYS A 83 -29.63 -16.17 -34.24
N VAL A 84 -30.31 -17.28 -33.98
CA VAL A 84 -29.77 -18.29 -33.08
C VAL A 84 -28.36 -18.76 -33.46
N PRO A 85 -28.16 -19.12 -34.74
CA PRO A 85 -26.83 -19.56 -35.16
C PRO A 85 -25.79 -18.44 -34.99
N LEU A 86 -26.15 -17.24 -35.40
CA LEU A 86 -25.24 -16.10 -35.27
C LEU A 86 -24.80 -15.87 -33.83
N LEU A 87 -25.73 -16.01 -32.90
CA LEU A 87 -25.43 -15.79 -31.49
C LEU A 87 -24.56 -16.91 -30.92
N HIS A 88 -24.91 -18.15 -31.29
CA HIS A 88 -24.18 -19.33 -30.84
C HIS A 88 -22.76 -19.37 -31.37
N ASN A 89 -22.59 -18.96 -32.62
CA ASN A 89 -21.28 -19.02 -33.23
C ASN A 89 -20.50 -17.72 -33.26
N PHE A 90 -21.08 -16.66 -32.74
CA PHE A 90 -20.39 -15.37 -32.75
C PHE A 90 -18.96 -15.48 -32.25
N HIS A 91 -18.73 -16.29 -31.23
CA HIS A 91 -17.39 -16.43 -30.69
C HIS A 91 -16.37 -16.96 -31.71
N SER A 92 -16.78 -17.86 -32.60
CA SER A 92 -15.83 -18.38 -33.58
C SER A 92 -15.52 -17.38 -34.69
N PHE A 93 -16.47 -16.48 -34.99
CA PHE A 93 -16.24 -15.47 -36.03
C PHE A 93 -15.04 -14.61 -35.65
N LEU A 94 -14.79 -14.48 -34.36
CA LEU A 94 -13.65 -13.68 -33.91
C LEU A 94 -12.40 -14.18 -34.59
N TYR A 95 -12.41 -15.47 -34.94
CA TYR A 95 -11.27 -16.11 -35.59
C TYR A 95 -11.41 -16.32 -37.09
N GLN A 96 -12.43 -15.69 -37.69
CA GLN A 96 -12.66 -15.77 -39.13
C GLN A 96 -12.41 -14.35 -39.64
N PRO A 97 -11.20 -14.09 -40.17
CA PRO A 97 -10.77 -12.80 -40.71
C PRO A 97 -11.69 -12.10 -41.68
N ASP A 98 -12.43 -12.86 -42.49
CA ASP A 98 -13.31 -12.26 -43.49
C ASP A 98 -14.76 -12.14 -43.06
N TRP A 99 -15.12 -12.73 -41.93
CA TRP A 99 -16.50 -12.66 -41.46
C TRP A 99 -16.99 -11.24 -41.17
N ARG A 100 -18.22 -10.97 -41.60
CA ARG A 100 -18.89 -9.69 -41.38
C ARG A 100 -20.39 -9.93 -41.58
N PHE A 101 -21.21 -8.94 -41.25
CA PHE A 101 -22.66 -9.09 -41.41
C PHE A 101 -23.20 -7.80 -42.01
N MET A 102 -23.72 -7.90 -43.23
CA MET A 102 -24.22 -6.73 -43.95
C MET A 102 -25.73 -6.50 -43.95
N GLU A 103 -26.50 -7.29 -43.21
CA GLU A 103 -27.94 -7.10 -43.23
C GLU A 103 -28.58 -6.43 -42.03
N SER A 104 -27.79 -6.00 -41.07
CA SER A 104 -28.37 -5.33 -39.91
C SER A 104 -28.90 -3.97 -40.31
N LYS A 105 -29.96 -3.52 -39.65
CA LYS A 105 -30.52 -2.20 -39.95
C LYS A 105 -30.43 -1.35 -38.68
N GLU A 106 -29.72 -1.85 -37.67
CA GLU A 106 -29.55 -1.15 -36.39
C GLU A 106 -28.60 0.04 -36.53
N LYS A 107 -28.67 0.95 -35.56
CA LYS A 107 -27.85 2.16 -35.58
C LYS A 107 -26.34 1.94 -35.51
N ASP A 108 -25.89 0.89 -34.81
CA ASP A 108 -24.46 0.62 -34.71
C ASP A 108 -24.02 -0.49 -35.66
N ARG A 109 -24.78 -0.71 -36.73
CA ARG A 109 -24.44 -1.76 -37.69
C ARG A 109 -23.03 -1.65 -38.28
N GLN A 110 -22.39 -0.51 -38.16
CA GLN A 110 -21.05 -0.35 -38.72
C GLN A 110 -20.00 -1.29 -38.10
N VAL A 111 -20.18 -1.71 -36.86
CA VAL A 111 -19.20 -2.60 -36.23
C VAL A 111 -19.33 -4.00 -36.80
N LEU A 112 -20.54 -4.32 -37.26
CA LEU A 112 -20.81 -5.62 -37.86
C LEU A 112 -20.33 -5.64 -39.32
N GLU A 113 -20.59 -4.56 -40.05
CA GLU A 113 -20.20 -4.47 -41.45
C GLU A 113 -18.69 -4.36 -41.65
N ASP A 114 -17.97 -3.91 -40.62
CA ASP A 114 -16.51 -3.80 -40.70
C ASP A 114 -15.88 -4.61 -39.58
N PHE A 115 -16.53 -5.71 -39.21
CA PHE A 115 -16.05 -6.57 -38.16
C PHE A 115 -14.65 -7.13 -38.43
N PRO A 116 -14.28 -7.35 -39.70
CA PRO A 116 -12.93 -7.87 -39.96
C PRO A 116 -11.84 -6.98 -39.36
N THR A 117 -12.10 -5.68 -39.32
CA THR A 117 -11.14 -4.73 -38.77
C THR A 117 -11.07 -4.93 -37.26
N ILE A 118 -12.23 -5.17 -36.66
CA ILE A 118 -12.31 -5.39 -35.24
C ILE A 118 -11.69 -6.74 -34.80
N SER A 119 -12.07 -7.83 -35.46
CA SER A 119 -11.53 -9.13 -35.10
C SER A 119 -10.03 -9.20 -35.36
N LEU A 120 -9.57 -8.35 -36.28
CA LEU A 120 -8.15 -8.28 -36.59
C LEU A 120 -7.40 -7.79 -35.34
N GLU A 121 -7.82 -6.64 -34.84
CA GLU A 121 -7.17 -6.12 -33.64
C GLU A 121 -7.40 -7.07 -32.47
N PHE A 122 -8.49 -7.84 -32.53
CA PHE A 122 -8.77 -8.81 -31.47
C PHE A 122 -7.69 -9.90 -31.47
N ARG A 123 -7.36 -10.41 -32.66
CA ARG A 123 -6.35 -11.45 -32.79
C ARG A 123 -4.96 -10.89 -32.50
N ASN A 124 -4.88 -9.58 -32.36
CA ASN A 124 -3.61 -8.93 -32.05
C ASN A 124 -3.35 -8.85 -30.55
N LEU A 125 -4.41 -8.92 -29.75
CA LEU A 125 -4.25 -8.86 -28.31
C LEU A 125 -3.43 -10.06 -27.84
N ALA A 126 -2.85 -9.98 -26.65
CA ALA A 126 -2.10 -11.12 -26.12
C ALA A 126 -3.14 -12.22 -25.91
N GLU A 127 -2.72 -13.47 -26.08
CA GLU A 127 -3.62 -14.61 -25.94
C GLU A 127 -4.45 -14.68 -24.65
N LYS A 128 -3.88 -14.27 -23.52
CA LYS A 128 -4.63 -14.32 -22.27
C LYS A 128 -5.89 -13.44 -22.28
N TYR A 129 -5.90 -12.38 -23.08
CA TYR A 129 -7.07 -11.52 -23.16
C TYR A 129 -8.05 -12.16 -24.16
N GLN A 130 -7.50 -12.66 -25.28
CA GLN A 130 -8.29 -13.31 -26.31
C GLN A 130 -9.15 -14.43 -25.73
N THR A 131 -8.53 -15.28 -24.92
CA THR A 131 -9.18 -16.42 -24.28
C THR A 131 -10.37 -16.01 -23.41
N VAL A 132 -10.20 -14.97 -22.61
CA VAL A 132 -11.29 -14.51 -21.76
C VAL A 132 -12.41 -13.94 -22.62
N ILE A 133 -12.06 -13.13 -23.61
CA ILE A 133 -13.07 -12.51 -24.48
C ILE A 133 -13.85 -13.54 -25.29
N ALA A 134 -13.14 -14.52 -25.87
CA ALA A 134 -13.81 -15.56 -26.64
C ALA A 134 -14.74 -16.36 -25.73
N ASP A 135 -14.25 -16.72 -24.56
CA ASP A 135 -15.07 -17.50 -23.63
C ASP A 135 -16.36 -16.78 -23.27
N ILE A 136 -16.28 -15.48 -22.96
CA ILE A 136 -17.46 -14.72 -22.61
C ILE A 136 -18.48 -14.59 -23.75
N CYS A 137 -18.00 -14.38 -24.96
CA CYS A 137 -18.89 -14.27 -26.11
C CYS A 137 -19.60 -15.60 -26.36
N ARG A 138 -18.86 -16.70 -26.16
CA ARG A 138 -19.39 -18.05 -26.34
C ARG A 138 -20.56 -18.25 -25.37
N ARG A 139 -20.30 -18.00 -24.09
CA ARG A 139 -21.34 -18.18 -23.07
C ARG A 139 -22.50 -17.18 -23.23
N MET A 140 -22.17 -15.95 -23.59
CA MET A 140 -23.19 -14.90 -23.77
C MET A 140 -24.11 -15.25 -24.94
N GLY A 141 -23.53 -15.69 -26.05
CA GLY A 141 -24.34 -16.03 -27.21
C GLY A 141 -25.37 -17.11 -26.87
N ILE A 142 -24.95 -18.11 -26.12
CA ILE A 142 -25.86 -19.18 -25.73
C ILE A 142 -27.00 -18.57 -24.90
N GLY A 143 -26.65 -17.72 -23.95
CA GLY A 143 -27.65 -17.09 -23.11
C GLY A 143 -28.61 -16.19 -23.87
N MET A 144 -28.08 -15.40 -24.81
CA MET A 144 -28.94 -14.50 -25.57
C MET A 144 -29.92 -15.31 -26.43
N ALA A 145 -29.43 -16.40 -27.01
CA ALA A 145 -30.27 -17.25 -27.85
C ALA A 145 -31.43 -17.83 -27.04
N GLU A 146 -31.12 -18.29 -25.82
CA GLU A 146 -32.12 -18.88 -24.94
C GLU A 146 -33.32 -17.96 -24.66
N PHE A 147 -33.10 -16.65 -24.61
CA PHE A 147 -34.19 -15.72 -24.33
C PHE A 147 -34.82 -15.07 -25.54
N LEU A 148 -34.35 -15.42 -26.74
CA LEU A 148 -34.89 -14.84 -27.97
C LEU A 148 -36.38 -15.05 -28.16
N ASP A 149 -36.84 -16.24 -27.78
CA ASP A 149 -38.23 -16.60 -27.92
C ASP A 149 -39.08 -16.20 -26.72
N LYS A 150 -38.66 -16.61 -25.53
CA LYS A 150 -39.38 -16.31 -24.31
C LYS A 150 -39.15 -14.90 -23.76
N HIS A 151 -39.97 -14.54 -22.79
CA HIS A 151 -39.88 -13.26 -22.10
C HIS A 151 -39.50 -13.60 -20.67
N VAL A 152 -38.96 -12.63 -19.94
CA VAL A 152 -38.56 -12.85 -18.55
C VAL A 152 -39.77 -13.07 -17.63
N THR A 153 -39.80 -14.24 -17.01
CA THR A 153 -40.90 -14.58 -16.12
C THR A 153 -40.62 -14.19 -14.68
N SER A 154 -39.97 -15.08 -13.93
CA SER A 154 -39.67 -14.81 -12.53
C SER A 154 -38.52 -13.83 -12.34
N GLU A 155 -38.33 -13.40 -11.10
CA GLU A 155 -37.25 -12.50 -10.78
C GLU A 155 -35.96 -13.31 -10.94
N GLN A 156 -36.04 -14.61 -10.69
CA GLN A 156 -34.87 -15.46 -10.82
C GLN A 156 -34.42 -15.50 -12.29
N GLU A 157 -35.38 -15.44 -13.19
CA GLU A 157 -35.09 -15.44 -14.63
C GLU A 157 -34.54 -14.07 -15.02
N TRP A 158 -35.01 -13.04 -14.32
CA TRP A 158 -34.54 -11.69 -14.61
C TRP A 158 -33.04 -11.73 -14.35
N ASP A 159 -32.66 -12.31 -13.21
CA ASP A 159 -31.25 -12.45 -12.83
C ASP A 159 -30.46 -13.24 -13.87
N LYS A 160 -31.06 -14.30 -14.42
CA LYS A 160 -30.37 -15.11 -15.40
C LYS A 160 -30.13 -14.31 -16.69
N TYR A 161 -31.14 -13.59 -17.15
CA TYR A 161 -31.01 -12.79 -18.36
C TYR A 161 -29.98 -11.69 -18.18
N CYS A 162 -29.97 -11.05 -17.01
CA CYS A 162 -29.01 -9.99 -16.75
C CYS A 162 -27.62 -10.58 -16.65
N HIS A 163 -27.54 -11.78 -16.08
CA HIS A 163 -26.27 -12.46 -15.96
C HIS A 163 -25.66 -12.64 -17.36
N TYR A 164 -26.49 -13.03 -18.33
CA TYR A 164 -26.03 -13.27 -19.71
C TYR A 164 -25.65 -12.05 -20.53
N VAL A 165 -26.37 -10.94 -20.36
CA VAL A 165 -26.05 -9.76 -21.14
C VAL A 165 -25.22 -8.72 -20.40
N ALA A 166 -25.11 -8.85 -19.09
CA ALA A 166 -24.35 -7.88 -18.30
C ALA A 166 -23.40 -8.52 -17.26
N GLY A 167 -23.92 -9.49 -16.50
CA GLY A 167 -23.09 -10.16 -15.51
C GLY A 167 -21.81 -10.76 -16.08
N LEU A 168 -21.91 -11.42 -17.23
CA LEU A 168 -20.72 -12.03 -17.87
C LEU A 168 -19.71 -10.96 -18.27
N VAL A 169 -20.20 -9.77 -18.60
CA VAL A 169 -19.33 -8.68 -18.98
C VAL A 169 -18.50 -8.27 -17.76
N GLY A 170 -19.15 -8.15 -16.61
CA GLY A 170 -18.45 -7.77 -15.38
C GLY A 170 -17.40 -8.83 -15.05
N ILE A 171 -17.77 -10.10 -15.27
CA ILE A 171 -16.87 -11.22 -15.03
C ILE A 171 -15.70 -11.19 -16.02
N GLY A 172 -16.01 -10.95 -17.30
CA GLY A 172 -14.97 -10.87 -18.31
C GLY A 172 -13.99 -9.78 -17.97
N LEU A 173 -14.51 -8.58 -17.73
CA LEU A 173 -13.67 -7.46 -17.37
C LEU A 173 -12.74 -7.79 -16.19
N SER A 174 -13.32 -8.33 -15.11
CA SER A 174 -12.54 -8.67 -13.93
C SER A 174 -11.38 -9.60 -14.29
N ARG A 175 -11.66 -10.59 -15.14
CA ARG A 175 -10.60 -11.50 -15.54
C ARG A 175 -9.57 -10.78 -16.39
N LEU A 176 -10.00 -9.76 -17.13
CA LEU A 176 -9.06 -8.99 -17.94
C LEU A 176 -8.19 -8.14 -17.02
N PHE A 177 -8.75 -7.62 -15.92
CA PHE A 177 -7.95 -6.82 -14.99
C PHE A 177 -6.86 -7.69 -14.36
N SER A 178 -7.26 -8.88 -13.92
CA SER A 178 -6.30 -9.78 -13.28
C SER A 178 -5.22 -10.28 -14.22
N ALA A 179 -5.61 -10.70 -15.42
CA ALA A 179 -4.67 -11.21 -16.40
C ALA A 179 -3.55 -10.21 -16.65
N SER A 180 -3.92 -8.94 -16.75
CA SER A 180 -2.96 -7.87 -16.99
C SER A 180 -2.03 -7.64 -15.79
N GLU A 181 -2.40 -8.16 -14.63
CA GLU A 181 -1.61 -7.99 -13.40
C GLU A 181 -1.82 -6.61 -12.74
N PHE A 182 -2.65 -5.77 -13.33
CA PHE A 182 -2.91 -4.47 -12.73
C PHE A 182 -3.77 -4.64 -11.50
N GLU A 183 -4.62 -5.66 -11.53
CA GLU A 183 -5.46 -5.97 -10.39
C GLU A 183 -5.03 -7.33 -9.84
N ASP A 184 -5.25 -7.54 -8.55
CA ASP A 184 -4.90 -8.77 -7.89
C ASP A 184 -5.69 -9.95 -8.50
N PRO A 185 -5.12 -11.17 -8.51
CA PRO A 185 -5.91 -12.26 -9.10
C PRO A 185 -7.24 -12.53 -8.39
N LEU A 186 -7.38 -12.03 -7.16
CA LEU A 186 -8.62 -12.23 -6.42
C LEU A 186 -9.79 -11.50 -7.09
N VAL A 187 -9.50 -10.45 -7.84
CA VAL A 187 -10.56 -9.69 -8.53
C VAL A 187 -11.22 -10.57 -9.58
N GLY A 188 -10.38 -11.22 -10.40
CA GLY A 188 -10.89 -12.09 -11.43
C GLY A 188 -11.56 -13.35 -10.88
N GLU A 189 -11.04 -13.87 -9.78
CA GLU A 189 -11.59 -15.08 -9.17
C GLU A 189 -12.99 -14.92 -8.57
N ASP A 190 -13.29 -13.75 -8.02
CA ASP A 190 -14.58 -13.50 -7.40
C ASP A 190 -15.64 -13.20 -8.45
N THR A 191 -16.13 -14.24 -9.11
CA THR A 191 -17.12 -14.09 -10.16
C THR A 191 -18.49 -13.65 -9.65
N GLU A 192 -18.84 -14.04 -8.43
CA GLU A 192 -20.13 -13.69 -7.84
C GLU A 192 -20.38 -12.17 -7.78
N ARG A 193 -19.40 -11.43 -7.26
CA ARG A 193 -19.54 -9.99 -7.14
C ARG A 193 -19.31 -9.29 -8.46
N ALA A 194 -18.50 -9.87 -9.33
CA ALA A 194 -18.29 -9.26 -10.62
C ALA A 194 -19.64 -9.35 -11.35
N ASN A 195 -20.31 -10.48 -11.17
CA ASN A 195 -21.61 -10.68 -11.81
C ASN A 195 -22.62 -9.68 -11.27
N SER A 196 -22.57 -9.43 -9.97
CA SER A 196 -23.49 -8.47 -9.35
C SER A 196 -23.29 -7.08 -9.93
N MET A 197 -22.04 -6.73 -10.23
CA MET A 197 -21.75 -5.43 -10.81
C MET A 197 -22.54 -5.25 -12.10
N GLY A 198 -22.61 -6.30 -12.89
CA GLY A 198 -23.34 -6.26 -14.15
C GLY A 198 -24.85 -6.27 -13.98
N LEU A 199 -25.34 -7.10 -13.07
CA LEU A 199 -26.78 -7.17 -12.83
C LEU A 199 -27.35 -5.82 -12.38
N PHE A 200 -26.59 -5.09 -11.57
CA PHE A 200 -27.03 -3.81 -11.08
C PHE A 200 -27.16 -2.77 -12.18
N LEU A 201 -26.18 -2.74 -13.09
CA LEU A 201 -26.25 -1.80 -14.20
C LEU A 201 -27.39 -2.16 -15.14
N GLN A 202 -27.50 -3.45 -15.47
CA GLN A 202 -28.55 -3.89 -16.39
C GLN A 202 -29.96 -3.62 -15.87
N LYS A 203 -30.21 -4.03 -14.63
CA LYS A 203 -31.51 -3.82 -14.01
C LYS A 203 -31.89 -2.35 -13.98
N THR A 204 -30.91 -1.50 -13.71
CA THR A 204 -31.15 -0.08 -13.68
C THR A 204 -31.58 0.39 -15.07
N ASN A 205 -30.80 0.01 -16.08
CA ASN A 205 -31.09 0.40 -17.45
C ASN A 205 -32.46 -0.10 -17.92
N ILE A 206 -32.77 -1.37 -17.61
CA ILE A 206 -34.04 -1.95 -17.99
C ILE A 206 -35.20 -1.20 -17.33
N ILE A 207 -35.00 -0.84 -16.07
CA ILE A 207 -36.00 -0.10 -15.31
C ILE A 207 -36.22 1.27 -15.95
N ARG A 208 -35.14 2.02 -16.11
CA ARG A 208 -35.20 3.36 -16.68
C ARG A 208 -35.77 3.38 -18.10
N ASP A 209 -35.38 2.41 -18.91
CA ASP A 209 -35.80 2.35 -20.31
C ASP A 209 -37.15 1.68 -20.59
N TYR A 210 -38.05 1.69 -19.60
CA TYR A 210 -39.36 1.06 -19.79
C TYR A 210 -40.13 1.60 -21.00
N LEU A 211 -40.42 2.90 -20.97
CA LEU A 211 -41.17 3.54 -22.04
C LEU A 211 -40.50 3.32 -23.38
N GLU A 212 -39.22 3.64 -23.45
CA GLU A 212 -38.45 3.48 -24.68
C GLU A 212 -38.52 2.04 -25.21
N ASP A 213 -38.58 1.07 -24.30
CA ASP A 213 -38.65 -0.33 -24.71
C ASP A 213 -40.07 -0.71 -25.12
N GLN A 214 -41.06 -0.01 -24.56
CA GLN A 214 -42.45 -0.27 -24.92
C GLN A 214 -42.62 0.17 -26.37
N GLN A 215 -42.21 1.41 -26.62
CA GLN A 215 -42.29 1.98 -27.95
C GLN A 215 -41.10 1.44 -28.73
N GLY A 216 -41.06 0.12 -28.85
CA GLY A 216 -39.99 -0.56 -29.55
C GLY A 216 -40.29 -2.04 -29.56
N GLY A 217 -41.42 -2.40 -28.96
CA GLY A 217 -41.82 -3.80 -28.91
C GLY A 217 -40.94 -4.70 -28.07
N ARG A 218 -40.24 -4.13 -27.09
CA ARG A 218 -39.38 -4.92 -26.22
C ARG A 218 -39.90 -4.94 -24.80
N GLU A 219 -39.88 -6.12 -24.18
CA GLU A 219 -40.33 -6.27 -22.81
C GLU A 219 -39.24 -6.92 -21.97
N PHE A 220 -38.78 -6.20 -20.96
CA PHE A 220 -37.73 -6.71 -20.09
C PHE A 220 -38.09 -6.80 -18.61
N TRP A 221 -39.15 -6.12 -18.19
CA TRP A 221 -39.58 -6.19 -16.78
C TRP A 221 -40.11 -7.61 -16.54
N PRO A 222 -39.66 -8.25 -15.44
CA PRO A 222 -40.12 -9.61 -15.13
C PRO A 222 -41.64 -9.74 -15.02
N GLN A 223 -42.20 -10.67 -15.79
CA GLN A 223 -43.64 -10.88 -15.83
C GLN A 223 -44.30 -11.22 -14.50
N GLU A 224 -43.73 -12.18 -13.77
CA GLU A 224 -44.29 -12.57 -12.47
C GLU A 224 -44.35 -11.41 -11.48
N VAL A 225 -43.86 -10.25 -11.89
CA VAL A 225 -43.87 -9.07 -11.06
C VAL A 225 -44.91 -8.06 -11.53
N TRP A 226 -44.80 -7.60 -12.77
CA TRP A 226 -45.77 -6.63 -13.28
C TRP A 226 -47.16 -7.21 -13.53
N SER A 227 -47.24 -8.53 -13.67
CA SER A 227 -48.54 -9.16 -13.92
C SER A 227 -49.41 -8.99 -12.69
N ARG A 228 -48.78 -8.82 -11.53
CA ARG A 228 -49.50 -8.63 -10.28
C ARG A 228 -50.06 -7.21 -10.18
N TYR A 229 -49.78 -6.38 -11.19
CA TYR A 229 -50.25 -5.00 -11.19
C TYR A 229 -51.18 -4.67 -12.35
N VAL A 230 -50.92 -5.25 -13.52
CA VAL A 230 -51.73 -5.01 -14.70
C VAL A 230 -51.79 -6.27 -15.57
N LYS A 231 -52.65 -6.27 -16.58
CA LYS A 231 -52.80 -7.43 -17.45
C LYS A 231 -51.72 -7.51 -18.53
N LYS A 232 -51.31 -6.34 -19.01
CA LYS A 232 -50.27 -6.26 -20.04
C LYS A 232 -49.24 -5.25 -19.55
N LEU A 233 -47.96 -5.55 -19.74
CA LEU A 233 -46.91 -4.64 -19.31
C LEU A 233 -47.17 -3.26 -19.90
N GLY A 234 -47.63 -3.24 -21.15
CA GLY A 234 -47.90 -1.98 -21.83
C GLY A 234 -48.90 -1.09 -21.12
N ASP A 235 -49.72 -1.68 -20.27
CA ASP A 235 -50.72 -0.91 -19.56
C ASP A 235 -50.09 0.19 -18.71
N PHE A 236 -48.85 -0.03 -18.26
CA PHE A 236 -48.17 0.96 -17.43
C PHE A 236 -48.03 2.30 -18.15
N ALA A 237 -48.15 2.27 -19.48
CA ALA A 237 -48.03 3.48 -20.28
C ALA A 237 -49.33 4.29 -20.34
N LEU A 238 -50.40 3.74 -19.79
CA LEU A 238 -51.70 4.42 -19.79
C LEU A 238 -51.90 5.16 -18.46
N PRO A 239 -52.00 6.50 -18.52
CA PRO A 239 -52.19 7.41 -17.38
C PRO A 239 -53.14 6.97 -16.27
N GLU A 240 -54.08 6.09 -16.61
CA GLU A 240 -55.03 5.61 -15.60
C GLU A 240 -54.44 4.50 -14.76
N ASN A 241 -53.24 4.07 -15.11
CA ASN A 241 -52.55 3.01 -14.40
C ASN A 241 -51.27 3.50 -13.75
N ILE A 242 -51.01 4.80 -13.89
CA ILE A 242 -49.81 5.42 -13.34
C ILE A 242 -49.51 5.00 -11.91
N ASP A 243 -50.53 5.01 -11.05
CA ASP A 243 -50.34 4.63 -9.65
C ASP A 243 -49.82 3.21 -9.54
N LEU A 244 -50.37 2.32 -10.35
CA LEU A 244 -49.96 0.92 -10.35
C LEU A 244 -48.56 0.77 -10.93
N ALA A 245 -48.26 1.61 -11.93
CA ALA A 245 -46.95 1.56 -12.58
C ALA A 245 -45.85 1.96 -11.60
N VAL A 246 -46.12 2.98 -10.79
CA VAL A 246 -45.15 3.43 -9.81
C VAL A 246 -44.89 2.37 -8.74
N GLN A 247 -45.92 1.66 -8.32
CA GLN A 247 -45.73 0.63 -7.32
C GLN A 247 -44.80 -0.47 -7.84
N CYS A 248 -45.06 -0.92 -9.06
CA CYS A 248 -44.24 -1.96 -9.67
C CYS A 248 -42.81 -1.40 -9.85
N LEU A 249 -42.74 -0.13 -10.24
CA LEU A 249 -41.47 0.54 -10.43
C LEU A 249 -40.65 0.45 -9.14
N ASN A 250 -41.26 0.85 -8.04
CA ASN A 250 -40.58 0.83 -6.76
C ASN A 250 -40.20 -0.56 -6.31
N GLU A 251 -40.98 -1.56 -6.73
CA GLU A 251 -40.65 -2.92 -6.34
C GLU A 251 -39.38 -3.36 -7.06
N LEU A 252 -39.31 -3.07 -8.35
CA LEU A 252 -38.15 -3.43 -9.15
C LEU A 252 -36.92 -2.69 -8.66
N ILE A 253 -37.10 -1.42 -8.31
CA ILE A 253 -35.98 -0.63 -7.81
C ILE A 253 -35.48 -1.23 -6.50
N THR A 254 -36.42 -1.68 -5.66
CA THR A 254 -36.07 -2.29 -4.38
C THR A 254 -35.24 -3.55 -4.63
N ASN A 255 -35.62 -4.29 -5.66
CA ASN A 255 -34.91 -5.50 -6.07
C ASN A 255 -33.46 -5.18 -6.45
N ALA A 256 -33.29 -4.18 -7.30
CA ALA A 256 -31.96 -3.80 -7.78
C ALA A 256 -31.03 -3.32 -6.67
N LEU A 257 -31.58 -2.64 -5.66
CA LEU A 257 -30.78 -2.15 -4.56
C LEU A 257 -30.04 -3.28 -3.84
N HIS A 258 -30.60 -4.47 -3.88
CA HIS A 258 -29.97 -5.61 -3.22
C HIS A 258 -28.56 -5.93 -3.70
N HIS A 259 -28.17 -5.45 -4.88
CA HIS A 259 -26.82 -5.72 -5.40
C HIS A 259 -25.74 -4.77 -4.89
N ILE A 260 -26.16 -3.67 -4.25
CA ILE A 260 -25.22 -2.66 -3.76
C ILE A 260 -24.11 -3.16 -2.83
N PRO A 261 -24.45 -4.02 -1.86
CA PRO A 261 -23.41 -4.53 -0.95
C PRO A 261 -22.28 -5.18 -1.76
N ASP A 262 -22.63 -6.03 -2.72
CA ASP A 262 -21.65 -6.69 -3.59
C ASP A 262 -20.86 -5.67 -4.41
N VAL A 263 -21.55 -4.61 -4.86
CA VAL A 263 -20.88 -3.58 -5.65
C VAL A 263 -19.83 -2.87 -4.79
N ILE A 264 -20.19 -2.60 -3.53
CA ILE A 264 -19.27 -1.93 -2.63
C ILE A 264 -18.08 -2.84 -2.34
N THR A 265 -18.36 -4.11 -2.08
CA THR A 265 -17.31 -5.08 -1.79
C THR A 265 -16.37 -5.27 -2.99
N TYR A 266 -16.94 -5.28 -4.20
CA TYR A 266 -16.12 -5.46 -5.39
C TYR A 266 -15.21 -4.27 -5.57
N LEU A 267 -15.78 -3.06 -5.51
CA LEU A 267 -14.99 -1.84 -5.67
C LEU A 267 -13.91 -1.69 -4.60
N SER A 268 -14.21 -2.15 -3.39
CA SER A 268 -13.24 -2.03 -2.30
C SER A 268 -11.98 -2.86 -2.48
N ARG A 269 -12.05 -3.88 -3.31
CA ARG A 269 -10.92 -4.76 -3.56
C ARG A 269 -9.95 -4.21 -4.60
N LEU A 270 -10.42 -3.29 -5.44
CA LEU A 270 -9.60 -2.70 -6.51
C LEU A 270 -8.42 -1.86 -6.02
N ARG A 271 -7.29 -1.95 -6.71
CA ARG A 271 -6.09 -1.22 -6.33
C ARG A 271 -5.58 -0.23 -7.37
N ASN A 272 -5.85 -0.50 -8.63
CA ASN A 272 -5.39 0.38 -9.70
C ASN A 272 -6.38 1.54 -9.87
N GLN A 273 -5.86 2.76 -9.91
CA GLN A 273 -6.69 3.96 -10.06
C GLN A 273 -7.48 3.97 -11.37
N SER A 274 -6.83 3.66 -12.49
CA SER A 274 -7.54 3.67 -13.77
C SER A 274 -8.65 2.63 -13.80
N VAL A 275 -8.41 1.49 -13.14
CA VAL A 275 -9.42 0.45 -13.10
C VAL A 275 -10.56 0.88 -12.17
N PHE A 276 -10.21 1.48 -11.04
CA PHE A 276 -11.21 1.91 -10.08
C PHE A 276 -12.18 2.93 -10.70
N ASN A 277 -11.62 3.90 -11.42
CA ASN A 277 -12.43 4.92 -12.07
C ASN A 277 -13.39 4.29 -13.07
N PHE A 278 -12.85 3.38 -13.87
CA PHE A 278 -13.62 2.69 -14.89
C PHE A 278 -14.81 1.91 -14.31
N CYS A 279 -14.56 1.24 -13.18
CA CYS A 279 -15.58 0.44 -12.50
C CYS A 279 -16.57 1.21 -11.60
N ALA A 280 -16.10 2.23 -10.89
CA ALA A 280 -16.97 2.96 -9.97
C ALA A 280 -17.93 3.98 -10.58
N ILE A 281 -17.47 4.70 -11.60
CA ILE A 281 -18.32 5.71 -12.22
C ILE A 281 -19.64 5.17 -12.77
N PRO A 282 -19.60 4.08 -13.56
CA PRO A 282 -20.87 3.56 -14.07
C PRO A 282 -21.82 3.18 -12.93
N GLN A 283 -21.27 2.66 -11.84
CA GLN A 283 -22.09 2.25 -10.69
C GLN A 283 -22.76 3.44 -10.00
N VAL A 284 -21.98 4.50 -9.75
CA VAL A 284 -22.50 5.71 -9.11
C VAL A 284 -23.61 6.33 -9.97
N MET A 285 -23.39 6.35 -11.29
CA MET A 285 -24.40 6.88 -12.21
C MET A 285 -25.64 5.99 -12.18
N ALA A 286 -25.44 4.68 -12.10
CA ALA A 286 -26.57 3.77 -12.04
C ALA A 286 -27.35 4.07 -10.76
N ILE A 287 -26.62 4.34 -9.68
CA ILE A 287 -27.27 4.64 -8.41
C ILE A 287 -28.00 5.98 -8.44
N ALA A 288 -27.41 6.96 -9.12
CA ALA A 288 -28.04 8.28 -9.22
C ALA A 288 -29.36 8.12 -9.98
N THR A 289 -29.31 7.32 -11.05
CA THR A 289 -30.47 7.03 -11.89
C THR A 289 -31.58 6.38 -11.08
N LEU A 290 -31.24 5.34 -10.32
CA LEU A 290 -32.23 4.68 -9.50
C LEU A 290 -32.82 5.66 -8.50
N ALA A 291 -31.98 6.57 -8.01
CA ALA A 291 -32.44 7.57 -7.05
C ALA A 291 -33.44 8.51 -7.71
N ALA A 292 -33.19 8.84 -8.98
CA ALA A 292 -34.09 9.75 -9.70
C ALA A 292 -35.43 9.12 -10.06
N CYS A 293 -35.40 7.87 -10.51
CA CYS A 293 -36.61 7.15 -10.91
C CYS A 293 -37.54 6.71 -9.77
N TYR A 294 -36.98 6.51 -8.59
CA TYR A 294 -37.80 6.05 -7.48
C TYR A 294 -39.07 6.87 -7.29
N ASN A 295 -40.20 6.17 -7.20
CA ASN A 295 -41.52 6.79 -7.01
C ASN A 295 -41.75 7.98 -7.93
N ASN A 296 -41.13 7.93 -9.11
CA ASN A 296 -41.25 9.00 -10.08
C ASN A 296 -42.16 8.58 -11.24
N GLN A 297 -43.27 9.29 -11.41
CA GLN A 297 -44.24 9.01 -12.47
C GLN A 297 -43.67 9.29 -13.87
N GLN A 298 -42.69 10.17 -13.95
CA GLN A 298 -42.08 10.54 -15.21
C GLN A 298 -41.48 9.35 -15.97
N VAL A 299 -41.02 8.35 -15.23
CA VAL A 299 -40.43 7.18 -15.86
C VAL A 299 -41.37 6.64 -16.94
N PHE A 300 -42.67 6.76 -16.68
CA PHE A 300 -43.68 6.27 -17.60
C PHE A 300 -44.21 7.30 -18.60
N LYS A 301 -43.57 8.46 -18.69
CA LYS A 301 -44.01 9.49 -19.61
C LYS A 301 -42.90 9.99 -20.53
N GLY A 302 -41.66 9.63 -20.22
CA GLY A 302 -40.52 10.04 -21.03
C GLY A 302 -39.19 9.78 -20.37
N ALA A 303 -38.37 10.82 -20.26
CA ALA A 303 -37.05 10.74 -19.64
C ALA A 303 -37.06 11.37 -18.25
N VAL A 304 -36.10 10.99 -17.42
CA VAL A 304 -36.01 11.53 -16.06
C VAL A 304 -34.79 12.39 -15.88
N LEU A 305 -35.00 13.62 -15.40
CA LEU A 305 -33.89 14.56 -15.17
C LEU A 305 -33.14 14.27 -13.85
N ILE A 306 -31.87 13.90 -13.98
CA ILE A 306 -31.05 13.58 -12.81
C ILE A 306 -30.70 14.85 -12.03
N ARG A 307 -31.23 15.00 -10.82
CA ARG A 307 -30.93 16.20 -10.06
C ARG A 307 -29.49 16.17 -9.54
N LEU A 308 -29.30 16.28 -8.22
CA LEU A 308 -27.97 16.24 -7.60
C LEU A 308 -28.08 16.68 -6.14
N GLY A 309 -27.19 16.18 -5.28
CA GLY A 309 -27.25 16.49 -3.86
C GLY A 309 -26.26 17.45 -3.23
N GLN A 310 -26.38 17.56 -1.90
CA GLN A 310 -25.56 18.43 -1.04
C GLN A 310 -24.06 18.57 -1.31
N ALA A 311 -23.43 19.37 -0.45
CA ALA A 311 -22.00 19.67 -0.50
C ALA A 311 -21.12 18.43 -0.42
N VAL A 312 -21.43 17.51 0.48
CA VAL A 312 -20.64 16.30 0.61
C VAL A 312 -20.50 15.66 -0.78
N THR A 313 -21.54 15.80 -1.60
CA THR A 313 -21.54 15.27 -2.96
C THR A 313 -20.67 16.13 -3.87
N LEU A 314 -20.72 17.44 -3.65
CA LEU A 314 -19.95 18.40 -4.45
C LEU A 314 -18.55 18.67 -3.89
N MET A 315 -18.30 18.19 -2.68
CA MET A 315 -17.00 18.37 -2.04
C MET A 315 -16.08 17.18 -2.30
N MET A 316 -16.64 16.13 -2.90
CA MET A 316 -15.85 14.95 -3.21
C MET A 316 -16.36 14.26 -4.47
N ASP A 317 -15.43 13.73 -5.26
CA ASP A 317 -15.78 13.03 -6.49
C ASP A 317 -15.73 11.51 -6.33
N ALA A 318 -15.97 10.78 -7.42
CA ALA A 318 -16.02 9.32 -7.39
C ALA A 318 -14.73 8.58 -7.67
N THR A 319 -13.60 9.08 -7.20
CA THR A 319 -12.31 8.45 -7.48
C THR A 319 -11.56 7.77 -6.34
N ASN A 320 -12.15 7.71 -5.15
CA ASN A 320 -11.53 6.99 -4.04
C ASN A 320 -12.69 6.29 -3.35
N MET A 321 -12.42 5.10 -2.82
CA MET A 321 -13.46 4.29 -2.21
C MET A 321 -14.29 4.94 -1.11
N PRO A 322 -13.65 5.58 -0.13
CA PRO A 322 -14.45 6.20 0.92
C PRO A 322 -15.44 7.22 0.34
N ALA A 323 -15.00 7.95 -0.67
CA ALA A 323 -15.88 8.94 -1.30
C ALA A 323 -17.04 8.30 -2.07
N VAL A 324 -16.76 7.18 -2.74
CA VAL A 324 -17.79 6.47 -3.48
C VAL A 324 -18.84 5.98 -2.51
N LYS A 325 -18.39 5.47 -1.37
CA LYS A 325 -19.30 4.98 -0.34
C LYS A 325 -20.20 6.12 0.09
N ALA A 326 -19.60 7.27 0.42
CA ALA A 326 -20.36 8.44 0.86
C ALA A 326 -21.40 8.86 -0.18
N ILE A 327 -20.99 8.90 -1.44
CA ILE A 327 -21.91 9.28 -2.52
C ILE A 327 -23.07 8.30 -2.58
N ILE A 328 -22.76 7.01 -2.49
CA ILE A 328 -23.81 6.00 -2.53
C ILE A 328 -24.74 6.13 -1.33
N TYR A 329 -24.19 6.36 -0.15
CA TYR A 329 -25.03 6.49 1.02
C TYR A 329 -25.95 7.70 0.89
N GLN A 330 -25.46 8.78 0.29
CA GLN A 330 -26.31 9.96 0.12
C GLN A 330 -27.51 9.67 -0.80
N TYR A 331 -27.27 8.97 -1.90
CA TYR A 331 -28.36 8.63 -2.82
C TYR A 331 -29.33 7.67 -2.15
N MET A 332 -28.84 6.84 -1.23
CA MET A 332 -29.70 5.90 -0.53
C MET A 332 -30.68 6.65 0.37
N GLU A 333 -30.18 7.68 1.04
CA GLU A 333 -31.01 8.49 1.93
C GLU A 333 -32.04 9.25 1.09
N GLU A 334 -31.64 9.64 -0.13
CA GLU A 334 -32.52 10.35 -1.04
C GLU A 334 -33.74 9.50 -1.37
N ILE A 335 -33.53 8.20 -1.52
CA ILE A 335 -34.63 7.28 -1.81
C ILE A 335 -35.42 7.02 -0.52
N TYR A 336 -34.70 6.73 0.56
CA TYR A 336 -35.31 6.43 1.84
C TYR A 336 -36.27 7.55 2.27
N HIS A 337 -35.84 8.78 2.08
CA HIS A 337 -36.64 9.93 2.47
C HIS A 337 -37.94 10.09 1.66
N ARG A 338 -37.96 9.59 0.42
CA ARG A 338 -39.14 9.71 -0.41
C ARG A 338 -40.00 8.44 -0.41
N ILE A 339 -39.76 7.54 0.54
CA ILE A 339 -40.52 6.29 0.61
C ILE A 339 -41.91 6.49 1.21
N PRO A 340 -42.96 6.29 0.40
CA PRO A 340 -44.34 6.45 0.88
C PRO A 340 -44.83 5.24 1.67
N ASP A 341 -45.40 5.50 2.84
CA ASP A 341 -45.92 4.43 3.70
C ASP A 341 -46.82 3.48 2.93
N SER A 342 -47.72 4.04 2.13
CA SER A 342 -48.67 3.23 1.38
C SER A 342 -48.09 2.33 0.31
N ASN A 343 -46.85 2.58 -0.10
CA ASN A 343 -46.23 1.76 -1.14
C ASN A 343 -46.18 0.32 -0.67
N PRO A 344 -46.55 -0.62 -1.54
CA PRO A 344 -46.54 -2.04 -1.20
C PRO A 344 -45.17 -2.60 -0.81
N SER A 345 -44.11 -1.95 -1.26
CA SER A 345 -42.75 -2.40 -0.97
C SER A 345 -42.04 -1.52 0.05
N SER A 346 -42.77 -0.57 0.62
CA SER A 346 -42.20 0.37 1.59
C SER A 346 -41.27 -0.26 2.61
N SER A 347 -41.69 -1.36 3.23
CA SER A 347 -40.85 -2.00 4.23
C SER A 347 -39.57 -2.58 3.64
N LYS A 348 -39.70 -3.35 2.55
CA LYS A 348 -38.55 -3.95 1.89
C LYS A 348 -37.55 -2.90 1.43
N THR A 349 -38.06 -1.76 0.97
CA THR A 349 -37.18 -0.69 0.52
C THR A 349 -36.38 -0.19 1.71
N ARG A 350 -37.06 0.01 2.84
CA ARG A 350 -36.39 0.47 4.05
C ARG A 350 -35.36 -0.55 4.56
N GLN A 351 -35.73 -1.83 4.60
CA GLN A 351 -34.79 -2.80 5.12
C GLN A 351 -33.54 -3.03 4.25
N ILE A 352 -33.67 -2.98 2.94
CA ILE A 352 -32.48 -3.18 2.13
C ILE A 352 -31.55 -1.97 2.28
N ILE A 353 -32.14 -0.77 2.36
CA ILE A 353 -31.36 0.46 2.54
C ILE A 353 -30.74 0.47 3.95
N SER A 354 -31.45 -0.15 4.90
CA SER A 354 -30.99 -0.20 6.28
C SER A 354 -29.76 -1.08 6.34
N THR A 355 -29.83 -2.21 5.65
CA THR A 355 -28.73 -3.15 5.59
C THR A 355 -27.48 -2.51 5.01
N ILE A 356 -27.66 -1.73 3.94
CA ILE A 356 -26.54 -1.05 3.28
C ILE A 356 -25.92 0.01 4.20
N ARG A 357 -26.76 0.75 4.91
CA ARG A 357 -26.31 1.80 5.82
C ARG A 357 -25.48 1.27 6.97
N THR A 358 -25.97 0.19 7.57
CA THR A 358 -25.36 -0.45 8.71
C THR A 358 -24.15 -1.31 8.40
N GLN A 359 -24.27 -2.16 7.40
CA GLN A 359 -23.20 -3.07 7.01
C GLN A 359 -22.53 -2.65 5.71
N LEU B 26 -27.23 -9.30 10.86
CA LEU B 26 -26.62 -8.43 11.86
C LEU B 26 -27.62 -7.90 12.89
N SER B 27 -27.08 -7.28 13.92
CA SER B 27 -27.85 -6.68 15.00
C SER B 27 -28.90 -5.73 14.46
N SER B 28 -30.14 -5.86 14.94
CA SER B 28 -31.17 -4.93 14.48
C SER B 28 -31.07 -3.65 15.31
N SER B 29 -30.36 -3.72 16.44
CA SER B 29 -30.21 -2.52 17.25
C SER B 29 -29.17 -1.62 16.60
N LEU B 30 -28.19 -2.21 15.93
CA LEU B 30 -27.19 -1.39 15.25
C LEU B 30 -27.86 -0.72 14.04
N LYS B 31 -28.80 -1.42 13.40
CA LYS B 31 -29.51 -0.84 12.26
C LYS B 31 -30.33 0.35 12.75
N THR B 32 -30.95 0.21 13.92
CA THR B 32 -31.73 1.29 14.49
C THR B 32 -30.80 2.47 14.74
N CYS B 33 -29.58 2.18 15.20
CA CYS B 33 -28.60 3.22 15.46
C CYS B 33 -28.27 4.02 14.20
N TYR B 34 -28.03 3.34 13.10
CA TYR B 34 -27.72 4.04 11.86
C TYR B 34 -28.94 4.80 11.36
N LYS B 35 -30.14 4.32 11.69
CA LYS B 35 -31.34 5.04 11.29
C LYS B 35 -31.33 6.38 12.03
N TYR B 36 -31.04 6.32 13.34
CA TYR B 36 -30.99 7.54 14.14
C TYR B 36 -29.92 8.50 13.64
N LEU B 37 -28.78 7.94 13.25
CA LEU B 37 -27.67 8.75 12.74
C LEU B 37 -28.16 9.53 11.51
N ASN B 38 -28.88 8.87 10.61
CA ASN B 38 -29.38 9.53 9.41
C ASN B 38 -30.51 10.51 9.69
N GLN B 39 -31.23 10.28 10.79
CA GLN B 39 -32.33 11.15 11.18
C GLN B 39 -31.76 12.43 11.76
N THR B 40 -30.74 12.28 12.60
CA THR B 40 -30.12 13.39 13.30
C THR B 40 -28.97 14.12 12.60
N SER B 41 -28.36 13.50 11.59
CA SER B 41 -27.26 14.13 10.87
C SER B 41 -27.52 14.19 9.36
N ARG B 42 -28.27 15.20 8.94
CA ARG B 42 -28.58 15.38 7.53
C ARG B 42 -27.32 15.45 6.64
N SER B 43 -26.25 16.02 7.18
CA SER B 43 -24.99 16.20 6.44
C SER B 43 -23.90 15.13 6.54
N PHE B 44 -23.47 14.79 7.75
CA PHE B 44 -22.37 13.84 7.91
C PHE B 44 -22.64 12.34 8.06
N ALA B 45 -23.91 11.92 7.99
CA ALA B 45 -24.19 10.50 8.13
C ALA B 45 -23.42 9.69 7.09
N ALA B 46 -23.42 10.18 5.85
CA ALA B 46 -22.74 9.51 4.74
C ALA B 46 -21.25 9.32 4.93
N VAL B 47 -20.55 10.36 5.38
CA VAL B 47 -19.10 10.23 5.55
C VAL B 47 -18.74 9.43 6.78
N ILE B 48 -19.64 9.38 7.76
CA ILE B 48 -19.40 8.60 8.97
C ILE B 48 -19.51 7.13 8.58
N GLN B 49 -20.54 6.83 7.80
CA GLN B 49 -20.77 5.47 7.34
C GLN B 49 -19.64 5.02 6.42
N ALA B 50 -18.89 5.98 5.88
CA ALA B 50 -17.78 5.68 4.99
C ALA B 50 -16.46 5.36 5.72
N LEU B 51 -16.40 5.57 7.03
CA LEU B 51 -15.17 5.28 7.79
C LEU B 51 -14.83 3.80 7.71
N ASP B 52 -13.53 3.48 7.60
CA ASP B 52 -13.12 2.09 7.53
C ASP B 52 -13.34 1.32 8.83
N GLY B 53 -13.57 0.02 8.69
CA GLY B 53 -13.76 -0.89 9.81
C GLY B 53 -14.34 -0.42 11.12
N GLU B 54 -13.56 -0.60 12.19
CA GLU B 54 -13.95 -0.24 13.56
C GLU B 54 -14.41 1.20 13.80
N MET B 55 -13.81 2.16 13.13
CA MET B 55 -14.18 3.56 13.34
C MET B 55 -15.62 3.86 12.98
N ARG B 56 -16.16 3.10 12.04
CA ARG B 56 -17.52 3.26 11.56
C ARG B 56 -18.53 3.25 12.72
N ASN B 57 -18.65 2.12 13.39
CA ASN B 57 -19.59 2.01 14.51
C ASN B 57 -19.19 2.88 15.67
N ALA B 58 -17.89 2.94 15.96
CA ALA B 58 -17.41 3.73 17.08
C ALA B 58 -17.80 5.20 16.95
N VAL B 59 -17.69 5.74 15.73
CA VAL B 59 -18.03 7.14 15.49
C VAL B 59 -19.55 7.33 15.40
N CYS B 60 -20.26 6.35 14.84
CA CYS B 60 -21.71 6.44 14.76
C CYS B 60 -22.28 6.51 16.17
N ILE B 61 -21.84 5.62 17.04
CA ILE B 61 -22.32 5.59 18.42
C ILE B 61 -21.89 6.87 19.16
N PHE B 62 -20.63 7.28 18.95
CA PHE B 62 -20.13 8.49 19.59
C PHE B 62 -21.07 9.64 19.20
N TYR B 63 -21.36 9.73 17.91
CA TYR B 63 -22.23 10.79 17.44
C TYR B 63 -23.56 10.74 18.15
N LEU B 64 -24.14 9.54 18.25
CA LEU B 64 -25.44 9.40 18.89
C LEU B 64 -25.49 9.74 20.38
N VAL B 65 -24.51 9.28 21.16
CA VAL B 65 -24.53 9.59 22.59
C VAL B 65 -24.33 11.10 22.77
N LEU B 66 -23.57 11.69 21.86
CA LEU B 66 -23.32 13.13 21.92
C LEU B 66 -24.59 13.87 21.58
N ARG B 67 -25.36 13.33 20.64
CA ARG B 67 -26.61 13.97 20.26
C ARG B 67 -27.60 13.88 21.43
N ALA B 68 -27.50 12.81 22.21
CA ALA B 68 -28.39 12.64 23.35
C ALA B 68 -28.01 13.70 24.40
N LEU B 69 -26.71 13.80 24.67
CA LEU B 69 -26.21 14.75 25.64
C LEU B 69 -26.57 16.18 25.24
N ASP B 70 -26.43 16.50 23.96
CA ASP B 70 -26.73 17.83 23.45
C ASP B 70 -28.23 18.13 23.59
N THR B 71 -29.06 17.12 23.36
CA THR B 71 -30.49 17.30 23.45
C THR B 71 -30.86 17.63 24.90
N LEU B 72 -30.17 16.99 25.84
CA LEU B 72 -30.42 17.24 27.25
C LEU B 72 -29.99 18.67 27.58
N GLU B 73 -28.84 19.09 27.08
CA GLU B 73 -28.36 20.45 27.37
C GLU B 73 -29.31 21.53 26.84
N ASP B 74 -29.74 21.38 25.59
CA ASP B 74 -30.62 22.34 24.94
C ASP B 74 -32.08 22.40 25.40
N ASP B 75 -32.58 21.30 25.96
CA ASP B 75 -33.98 21.25 26.38
C ASP B 75 -34.21 22.25 27.51
N MET B 76 -35.02 23.27 27.22
CA MET B 76 -35.29 24.32 28.21
C MET B 76 -36.45 24.03 29.14
N THR B 77 -37.14 22.91 28.92
CA THR B 77 -38.24 22.51 29.77
C THR B 77 -37.68 21.75 30.97
N ILE B 78 -36.37 21.59 30.99
CA ILE B 78 -35.71 20.90 32.09
C ILE B 78 -35.00 21.98 32.91
N SER B 79 -35.52 22.24 34.10
CA SER B 79 -34.94 23.25 34.96
C SER B 79 -33.48 22.89 35.20
N VAL B 80 -32.70 23.90 35.55
CA VAL B 80 -31.26 23.75 35.82
C VAL B 80 -30.92 22.75 36.93
N GLU B 81 -31.67 22.80 38.03
CA GLU B 81 -31.40 21.91 39.16
C GLU B 81 -31.61 20.44 38.76
N LYS B 82 -32.58 20.20 37.90
CA LYS B 82 -32.87 18.85 37.45
C LYS B 82 -31.87 18.38 36.40
N LYS B 83 -31.50 19.29 35.51
CA LYS B 83 -30.60 19.01 34.42
C LYS B 83 -29.14 18.74 34.78
N VAL B 84 -28.61 19.48 35.75
CA VAL B 84 -27.21 19.31 36.12
C VAL B 84 -26.80 17.89 36.46
N PRO B 85 -27.61 17.19 37.27
CA PRO B 85 -27.26 15.81 37.63
C PRO B 85 -27.34 14.88 36.42
N LEU B 86 -28.17 15.22 35.44
CA LEU B 86 -28.27 14.38 34.25
C LEU B 86 -27.03 14.56 33.38
N LEU B 87 -26.53 15.80 33.30
CA LEU B 87 -25.34 16.07 32.49
C LEU B 87 -24.11 15.46 33.17
N HIS B 88 -24.04 15.60 34.49
CA HIS B 88 -22.93 15.06 35.26
C HIS B 88 -22.83 13.55 35.22
N ASN B 89 -23.97 12.87 35.25
CA ASN B 89 -23.95 11.42 35.27
C ASN B 89 -24.18 10.75 33.91
N PHE B 90 -24.39 11.55 32.87
CA PHE B 90 -24.64 11.00 31.54
C PHE B 90 -23.63 9.93 31.16
N HIS B 91 -22.36 10.22 31.40
CA HIS B 91 -21.28 9.29 31.08
C HIS B 91 -21.48 7.93 31.76
N SER B 92 -22.13 7.93 32.93
CA SER B 92 -22.36 6.68 33.64
C SER B 92 -23.63 6.00 33.17
N PHE B 93 -24.56 6.76 32.60
CA PHE B 93 -25.81 6.19 32.09
C PHE B 93 -25.49 5.22 30.94
N LEU B 94 -24.33 5.43 30.31
CA LEU B 94 -23.91 4.57 29.21
C LEU B 94 -23.83 3.12 29.68
N TYR B 95 -23.68 2.95 30.99
CA TYR B 95 -23.57 1.62 31.60
C TYR B 95 -24.80 1.20 32.38
N GLN B 96 -25.92 1.91 32.20
CA GLN B 96 -27.18 1.57 32.85
C GLN B 96 -28.07 1.15 31.67
N PRO B 97 -28.09 -0.17 31.36
CA PRO B 97 -28.86 -0.75 30.28
C PRO B 97 -30.31 -0.29 30.11
N ASP B 98 -30.96 0.06 31.21
CA ASP B 98 -32.36 0.46 31.13
C ASP B 98 -32.64 1.94 31.17
N TRP B 99 -31.61 2.76 31.36
CA TRP B 99 -31.80 4.20 31.42
C TRP B 99 -32.28 4.79 30.10
N ARG B 100 -33.19 5.74 30.20
CA ARG B 100 -33.77 6.43 29.06
C ARG B 100 -34.38 7.69 29.64
N PHE B 101 -34.66 8.68 28.79
CA PHE B 101 -35.28 9.90 29.25
C PHE B 101 -36.54 10.11 28.43
N MET B 102 -37.69 10.21 29.11
CA MET B 102 -38.97 10.33 28.45
C MET B 102 -39.65 11.69 28.56
N GLU B 103 -38.99 12.66 29.15
CA GLU B 103 -39.62 13.97 29.34
C GLU B 103 -39.09 15.09 28.46
N SER B 104 -38.32 14.73 27.43
CA SER B 104 -37.77 15.73 26.53
C SER B 104 -38.77 16.15 25.47
N LYS B 105 -38.73 17.43 25.11
CA LYS B 105 -39.62 17.98 24.10
C LYS B 105 -38.86 18.43 22.86
N GLU B 106 -37.57 18.15 22.83
CA GLU B 106 -36.73 18.52 21.69
C GLU B 106 -36.99 17.63 20.47
N LYS B 107 -36.65 18.15 19.30
CA LYS B 107 -36.84 17.43 18.05
C LYS B 107 -36.21 16.03 17.99
N ASP B 108 -35.01 15.88 18.57
CA ASP B 108 -34.32 14.59 18.54
C ASP B 108 -34.47 13.80 19.82
N ARG B 109 -35.58 13.98 20.53
CA ARG B 109 -35.80 13.28 21.80
C ARG B 109 -35.82 11.76 21.66
N GLN B 110 -35.93 11.28 20.43
CA GLN B 110 -35.97 9.85 20.16
C GLN B 110 -34.71 9.11 20.62
N VAL B 111 -33.55 9.76 20.55
CA VAL B 111 -32.34 9.11 20.97
C VAL B 111 -32.24 8.97 22.50
N LEU B 112 -32.99 9.79 23.22
CA LEU B 112 -33.01 9.73 24.68
C LEU B 112 -34.04 8.71 25.13
N GLU B 113 -35.19 8.67 24.44
CA GLU B 113 -36.26 7.76 24.78
C GLU B 113 -35.94 6.32 24.43
N ASP B 114 -35.09 6.12 23.43
CA ASP B 114 -34.68 4.76 23.04
C ASP B 114 -33.17 4.67 23.27
N PHE B 115 -32.71 5.35 24.31
CA PHE B 115 -31.30 5.34 24.63
C PHE B 115 -30.76 3.94 24.94
N PRO B 116 -31.59 3.04 25.50
CA PRO B 116 -31.10 1.69 25.79
C PRO B 116 -30.56 0.98 24.54
N THR B 117 -31.16 1.26 23.39
CA THR B 117 -30.71 0.68 22.13
C THR B 117 -29.34 1.22 21.76
N ILE B 118 -29.15 2.52 21.96
CA ILE B 118 -27.86 3.13 21.66
C ILE B 118 -26.76 2.71 22.64
N SER B 119 -27.06 2.68 23.94
CA SER B 119 -26.06 2.30 24.93
C SER B 119 -25.69 0.83 24.82
N LEU B 120 -26.62 0.03 24.31
CA LEU B 120 -26.37 -1.40 24.12
C LEU B 120 -25.23 -1.53 23.11
N GLU B 121 -25.33 -0.78 22.02
CA GLU B 121 -24.29 -0.82 20.99
C GLU B 121 -22.99 -0.15 21.44
N PHE B 122 -23.10 0.83 22.34
CA PHE B 122 -21.92 1.47 22.88
C PHE B 122 -21.15 0.41 23.67
N ARG B 123 -21.88 -0.41 24.43
CA ARG B 123 -21.23 -1.42 25.24
C ARG B 123 -20.69 -2.59 24.42
N ASN B 124 -21.05 -2.67 23.13
CA ASN B 124 -20.52 -3.73 22.26
C ASN B 124 -19.21 -3.29 21.59
N LEU B 125 -18.87 -2.00 21.71
CA LEU B 125 -17.62 -1.49 21.13
C LEU B 125 -16.44 -2.01 21.96
N ALA B 126 -15.26 -2.11 21.35
CA ALA B 126 -14.09 -2.55 22.08
C ALA B 126 -13.93 -1.62 23.28
N GLU B 127 -13.47 -2.17 24.40
CA GLU B 127 -13.32 -1.38 25.61
C GLU B 127 -12.48 -0.12 25.40
N LYS B 128 -11.40 -0.21 24.62
CA LYS B 128 -10.57 0.95 24.42
C LYS B 128 -11.31 2.14 23.80
N TYR B 129 -12.42 1.90 23.11
CA TYR B 129 -13.21 2.98 22.52
C TYR B 129 -14.22 3.48 23.55
N GLN B 130 -14.79 2.55 24.32
CA GLN B 130 -15.75 2.91 25.37
C GLN B 130 -15.06 3.87 26.36
N THR B 131 -13.82 3.54 26.71
CA THR B 131 -13.04 4.35 27.63
C THR B 131 -12.90 5.79 27.13
N VAL B 132 -12.54 5.93 25.87
CA VAL B 132 -12.38 7.25 25.28
C VAL B 132 -13.71 8.01 25.29
N ILE B 133 -14.74 7.39 24.74
CA ILE B 133 -16.06 8.02 24.63
C ILE B 133 -16.67 8.38 25.99
N ALA B 134 -16.52 7.51 26.98
CA ALA B 134 -17.07 7.79 28.30
C ALA B 134 -16.32 8.96 28.93
N ASP B 135 -14.99 8.97 28.77
CA ASP B 135 -14.18 10.03 29.34
C ASP B 135 -14.62 11.38 28.78
N ILE B 136 -14.81 11.44 27.46
CA ILE B 136 -15.23 12.67 26.80
C ILE B 136 -16.59 13.12 27.32
N CYS B 137 -17.56 12.21 27.36
CA CYS B 137 -18.90 12.50 27.84
C CYS B 137 -18.91 13.07 29.25
N ARG B 138 -18.06 12.52 30.11
CA ARG B 138 -17.96 12.98 31.48
C ARG B 138 -17.48 14.43 31.57
N ARG B 139 -16.38 14.74 30.88
CA ARG B 139 -15.83 16.08 30.91
C ARG B 139 -16.77 17.08 30.24
N MET B 140 -17.45 16.64 29.19
CA MET B 140 -18.38 17.50 28.49
C MET B 140 -19.53 17.85 29.45
N GLY B 141 -19.96 16.85 30.21
CA GLY B 141 -21.04 17.08 31.16
C GLY B 141 -20.69 18.15 32.19
N ILE B 142 -19.45 18.09 32.66
CA ILE B 142 -18.95 19.02 33.64
C ILE B 142 -18.97 20.43 33.13
N GLY B 143 -18.50 20.61 31.90
CA GLY B 143 -18.47 21.93 31.30
C GLY B 143 -19.85 22.44 30.96
N MET B 144 -20.70 21.58 30.42
CA MET B 144 -22.04 21.99 30.07
C MET B 144 -22.81 22.49 31.29
N ALA B 145 -22.76 21.71 32.37
CA ALA B 145 -23.44 22.08 33.61
C ALA B 145 -22.88 23.43 34.05
N GLU B 146 -21.55 23.49 34.10
CA GLU B 146 -20.85 24.69 34.50
C GLU B 146 -21.26 25.93 33.69
N PHE B 147 -21.87 25.73 32.52
CA PHE B 147 -22.30 26.88 31.70
C PHE B 147 -23.81 27.10 31.59
N LEU B 148 -24.60 26.40 32.39
CA LEU B 148 -26.05 26.57 32.36
C LEU B 148 -26.51 27.86 33.04
N ASP B 149 -25.77 28.30 34.06
CA ASP B 149 -26.13 29.49 34.81
C ASP B 149 -25.29 30.73 34.53
N LYS B 150 -24.68 30.78 33.35
CA LYS B 150 -23.85 31.91 32.96
C LYS B 150 -23.66 31.99 31.45
N HIS B 151 -23.62 33.21 30.92
CA HIS B 151 -23.42 33.43 29.50
C HIS B 151 -21.92 33.54 29.23
N VAL B 152 -21.54 33.52 27.96
CA VAL B 152 -20.11 33.62 27.61
C VAL B 152 -19.68 35.08 27.72
N THR B 153 -18.71 35.35 28.57
CA THR B 153 -18.24 36.71 28.73
C THR B 153 -17.04 37.03 27.84
N SER B 154 -15.84 36.65 28.30
CA SER B 154 -14.64 36.91 27.54
C SER B 154 -14.42 35.91 26.40
N GLU B 155 -13.41 36.19 25.58
CA GLU B 155 -13.07 35.33 24.46
C GLU B 155 -12.43 34.07 25.01
N GLN B 156 -11.75 34.22 26.14
CA GLN B 156 -11.10 33.09 26.80
C GLN B 156 -12.19 32.14 27.31
N GLU B 157 -13.31 32.72 27.73
CA GLU B 157 -14.44 31.96 28.21
C GLU B 157 -15.10 31.30 27.00
N TRP B 158 -15.12 32.02 25.88
CA TRP B 158 -15.71 31.51 24.65
C TRP B 158 -14.96 30.26 24.20
N ASP B 159 -13.64 30.27 24.37
CA ASP B 159 -12.82 29.12 24.00
C ASP B 159 -13.08 27.98 24.97
N LYS B 160 -13.37 28.31 26.22
CA LYS B 160 -13.62 27.30 27.24
C LYS B 160 -14.92 26.57 26.93
N TYR B 161 -15.96 27.34 26.57
CA TYR B 161 -17.25 26.79 26.24
C TYR B 161 -17.15 25.95 24.96
N CYS B 162 -16.44 26.46 23.97
CA CYS B 162 -16.29 25.75 22.71
C CYS B 162 -15.50 24.46 22.96
N HIS B 163 -14.55 24.54 23.88
CA HIS B 163 -13.74 23.37 24.21
C HIS B 163 -14.68 22.27 24.71
N TYR B 164 -15.58 22.63 25.63
CA TYR B 164 -16.52 21.69 26.22
C TYR B 164 -17.54 21.07 25.28
N VAL B 165 -18.11 21.87 24.39
CA VAL B 165 -19.12 21.36 23.48
C VAL B 165 -18.61 20.85 22.13
N ALA B 166 -17.38 21.20 21.77
CA ALA B 166 -16.86 20.77 20.47
C ALA B 166 -15.39 20.37 20.48
N GLY B 167 -14.58 21.14 21.19
CA GLY B 167 -13.16 20.84 21.25
C GLY B 167 -12.95 19.43 21.73
N LEU B 168 -13.60 19.08 22.83
CA LEU B 168 -13.50 17.74 23.38
C LEU B 168 -13.90 16.68 22.37
N VAL B 169 -14.84 16.99 21.48
CA VAL B 169 -15.26 16.03 20.46
C VAL B 169 -14.08 15.74 19.52
N GLY B 170 -13.39 16.80 19.10
CA GLY B 170 -12.24 16.66 18.22
C GLY B 170 -11.17 15.84 18.92
N ILE B 171 -10.99 16.07 20.21
CA ILE B 171 -10.03 15.34 21.00
C ILE B 171 -10.48 13.87 21.11
N GLY B 172 -11.76 13.66 21.36
CA GLY B 172 -12.28 12.31 21.49
C GLY B 172 -12.07 11.52 20.21
N LEU B 173 -12.51 12.10 19.10
CA LEU B 173 -12.36 11.45 17.80
C LEU B 173 -10.89 11.15 17.47
N SER B 174 -10.00 12.08 17.82
CA SER B 174 -8.59 11.89 17.55
C SER B 174 -8.04 10.69 18.31
N ARG B 175 -8.44 10.56 19.57
CA ARG B 175 -7.99 9.45 20.39
C ARG B 175 -8.53 8.12 19.86
N LEU B 176 -9.67 8.16 19.16
CA LEU B 176 -10.23 6.93 18.60
C LEU B 176 -9.43 6.54 17.34
N PHE B 177 -8.98 7.54 16.58
CA PHE B 177 -8.22 7.28 15.35
C PHE B 177 -6.89 6.60 15.69
N SER B 178 -6.24 7.07 16.74
CA SER B 178 -4.96 6.51 17.16
C SER B 178 -5.16 5.14 17.79
N ALA B 179 -6.20 5.01 18.62
CA ALA B 179 -6.47 3.76 19.30
C ALA B 179 -6.80 2.65 18.31
N SER B 180 -7.39 3.02 17.17
CA SER B 180 -7.74 2.05 16.15
C SER B 180 -6.53 1.74 15.27
N GLU B 181 -5.48 2.55 15.39
CA GLU B 181 -4.26 2.38 14.61
C GLU B 181 -4.41 2.80 13.15
N PHE B 182 -5.57 3.34 12.80
CA PHE B 182 -5.81 3.79 11.44
C PHE B 182 -5.01 5.07 11.18
N GLU B 183 -4.68 5.78 12.26
CA GLU B 183 -3.88 7.00 12.17
C GLU B 183 -2.69 6.88 13.12
N ASP B 184 -1.73 7.79 12.98
CA ASP B 184 -0.54 7.80 13.80
C ASP B 184 -0.81 8.13 15.27
N PRO B 185 -0.05 7.54 16.19
CA PRO B 185 -0.26 7.80 17.62
C PRO B 185 -0.27 9.29 17.94
N LEU B 186 0.43 10.06 17.10
CA LEU B 186 0.54 11.50 17.28
C LEU B 186 -0.79 12.23 17.20
N VAL B 187 -1.72 11.72 16.39
CA VAL B 187 -3.03 12.35 16.21
C VAL B 187 -3.81 12.50 17.51
N GLY B 188 -3.82 11.44 18.32
CA GLY B 188 -4.55 11.49 19.58
C GLY B 188 -3.81 12.22 20.69
N GLU B 189 -2.49 12.23 20.63
CA GLU B 189 -1.68 12.89 21.66
C GLU B 189 -1.73 14.41 21.57
N ASP B 190 -1.72 14.95 20.35
CA ASP B 190 -1.75 16.39 20.18
C ASP B 190 -3.16 16.93 20.42
N THR B 191 -3.54 17.05 21.69
CA THR B 191 -4.86 17.53 22.04
C THR B 191 -5.15 18.96 21.62
N GLU B 192 -4.13 19.80 21.54
CA GLU B 192 -4.34 21.18 21.12
C GLU B 192 -4.81 21.30 19.68
N ARG B 193 -4.13 20.63 18.77
CA ARG B 193 -4.53 20.67 17.37
C ARG B 193 -5.95 20.09 17.22
N ALA B 194 -6.23 19.01 17.94
CA ALA B 194 -7.55 18.40 17.86
C ALA B 194 -8.60 19.33 18.45
N ASN B 195 -8.26 20.01 19.55
CA ASN B 195 -9.19 20.94 20.18
C ASN B 195 -9.53 22.03 19.16
N SER B 196 -8.53 22.47 18.41
CA SER B 196 -8.74 23.51 17.41
C SER B 196 -9.71 23.12 16.31
N MET B 197 -9.69 21.86 15.90
CA MET B 197 -10.63 21.40 14.88
C MET B 197 -12.04 21.69 15.40
N GLY B 198 -12.27 21.35 16.66
CA GLY B 198 -13.58 21.58 17.26
C GLY B 198 -13.94 23.05 17.41
N LEU B 199 -13.02 23.83 17.97
CA LEU B 199 -13.27 25.26 18.16
C LEU B 199 -13.58 25.97 16.86
N PHE B 200 -12.95 25.56 15.77
CA PHE B 200 -13.21 26.22 14.50
C PHE B 200 -14.64 25.99 14.03
N LEU B 201 -15.10 24.75 14.09
CA LEU B 201 -16.46 24.45 13.67
C LEU B 201 -17.48 25.08 14.60
N GLN B 202 -17.27 24.96 15.90
CA GLN B 202 -18.21 25.52 16.86
C GLN B 202 -18.36 27.02 16.70
N LYS B 203 -17.25 27.75 16.65
CA LYS B 203 -17.34 29.20 16.48
C LYS B 203 -18.05 29.55 15.18
N THR B 204 -17.79 28.78 14.13
CA THR B 204 -18.42 29.04 12.85
C THR B 204 -19.93 28.88 12.92
N ASN B 205 -20.40 27.85 13.60
CA ASN B 205 -21.84 27.65 13.72
C ASN B 205 -22.47 28.75 14.58
N ILE B 206 -21.80 29.10 15.68
CA ILE B 206 -22.30 30.13 16.58
C ILE B 206 -22.44 31.46 15.83
N ILE B 207 -21.44 31.80 15.04
CA ILE B 207 -21.45 33.04 14.28
C ILE B 207 -22.62 33.05 13.29
N ARG B 208 -22.73 31.95 12.54
CA ARG B 208 -23.76 31.78 11.52
C ARG B 208 -25.18 31.70 12.09
N ASP B 209 -25.31 31.12 13.29
CA ASP B 209 -26.63 30.95 13.91
C ASP B 209 -27.08 32.10 14.82
N TYR B 210 -26.40 33.24 14.76
CA TYR B 210 -26.79 34.36 15.60
C TYR B 210 -28.28 34.65 15.63
N LEU B 211 -28.86 34.91 14.47
CA LEU B 211 -30.28 35.24 14.39
C LEU B 211 -31.19 34.14 14.92
N GLU B 212 -30.97 32.91 14.47
CA GLU B 212 -31.76 31.77 14.93
C GLU B 212 -31.71 31.63 16.44
N ASP B 213 -30.50 31.74 17.01
CA ASP B 213 -30.36 31.63 18.45
C ASP B 213 -31.01 32.79 19.20
N GLN B 214 -31.14 33.93 18.55
CA GLN B 214 -31.73 35.12 19.17
C GLN B 214 -33.23 34.96 19.32
N GLN B 215 -33.86 34.32 18.34
CA GLN B 215 -35.30 34.08 18.37
C GLN B 215 -35.54 32.86 19.26
N GLY B 216 -34.50 32.07 19.47
CA GLY B 216 -34.62 30.90 20.31
C GLY B 216 -34.43 31.27 21.76
N GLY B 217 -33.93 32.48 21.99
CA GLY B 217 -33.73 32.96 23.35
C GLY B 217 -32.40 32.64 23.98
N ARG B 218 -31.41 32.24 23.17
CA ARG B 218 -30.09 31.91 23.70
C ARG B 218 -28.97 32.77 23.11
N GLU B 219 -28.02 33.11 23.97
CA GLU B 219 -26.89 33.96 23.60
C GLU B 219 -25.55 33.21 23.75
N PHE B 220 -24.76 33.19 22.67
CA PHE B 220 -23.48 32.51 22.70
C PHE B 220 -22.30 33.41 22.33
N TRP B 221 -22.56 34.48 21.60
CA TRP B 221 -21.52 35.42 21.21
C TRP B 221 -20.89 35.98 22.49
N PRO B 222 -19.55 36.06 22.54
CA PRO B 222 -18.92 36.59 23.75
C PRO B 222 -19.39 38.00 24.11
N GLN B 223 -19.90 38.13 25.34
CA GLN B 223 -20.42 39.40 25.84
C GLN B 223 -19.39 40.51 25.79
N GLU B 224 -18.14 40.19 26.09
CA GLU B 224 -17.10 41.20 26.04
C GLU B 224 -16.92 41.77 24.63
N VAL B 225 -17.38 41.05 23.62
CA VAL B 225 -17.25 41.51 22.24
C VAL B 225 -18.45 42.32 21.77
N TRP B 226 -19.66 41.83 22.00
CA TRP B 226 -20.82 42.59 21.56
C TRP B 226 -21.14 43.78 22.47
N SER B 227 -20.80 43.67 23.75
CA SER B 227 -21.07 44.76 24.69
C SER B 227 -20.31 46.03 24.35
N ARG B 228 -19.49 45.98 23.29
CA ARG B 228 -18.72 47.15 22.88
C ARG B 228 -19.31 47.78 21.62
N TYR B 229 -20.41 47.21 21.14
CA TYR B 229 -21.09 47.70 19.95
C TYR B 229 -22.53 48.07 20.29
N VAL B 230 -23.10 47.35 21.25
CA VAL B 230 -24.46 47.57 21.72
C VAL B 230 -24.51 47.16 23.18
N LYS B 231 -25.69 47.22 23.79
CA LYS B 231 -25.82 46.83 25.19
C LYS B 231 -26.68 45.58 25.37
N LYS B 232 -27.32 45.16 24.29
CA LYS B 232 -28.15 43.95 24.27
C LYS B 232 -27.80 43.18 23.01
N LEU B 233 -27.30 41.96 23.15
CA LEU B 233 -26.95 41.15 22.00
C LEU B 233 -28.11 41.10 21.01
N GLY B 234 -29.32 41.23 21.52
CA GLY B 234 -30.50 41.21 20.67
C GLY B 234 -30.61 42.44 19.80
N ASP B 235 -29.78 43.44 20.09
CA ASP B 235 -29.79 44.68 19.33
C ASP B 235 -29.37 44.51 17.87
N PHE B 236 -28.51 43.54 17.59
CA PHE B 236 -28.04 43.33 16.21
C PHE B 236 -29.20 42.88 15.34
N ALA B 237 -30.35 42.66 15.95
CA ALA B 237 -31.53 42.25 15.21
C ALA B 237 -32.29 43.49 14.76
N LEU B 238 -32.01 44.61 15.42
CA LEU B 238 -32.65 45.89 15.12
C LEU B 238 -31.87 46.59 14.00
N PRO B 239 -32.50 46.73 12.82
CA PRO B 239 -31.90 47.36 11.64
C PRO B 239 -31.09 48.62 11.92
N GLU B 240 -31.48 49.38 12.93
CA GLU B 240 -30.76 50.61 13.25
C GLU B 240 -29.37 50.34 13.82
N ASN B 241 -29.01 49.08 13.92
CA ASN B 241 -27.71 48.66 14.44
C ASN B 241 -27.04 47.70 13.47
N ILE B 242 -27.63 47.53 12.28
CA ILE B 242 -27.08 46.60 11.30
C ILE B 242 -25.59 46.80 11.05
N ASP B 243 -25.15 48.04 10.99
CA ASP B 243 -23.73 48.31 10.75
C ASP B 243 -22.92 47.81 11.93
N LEU B 244 -23.35 48.18 13.14
CA LEU B 244 -22.65 47.77 14.35
C LEU B 244 -22.56 46.26 14.46
N ALA B 245 -23.57 45.57 13.94
CA ALA B 245 -23.63 44.12 13.96
C ALA B 245 -22.54 43.55 13.03
N VAL B 246 -22.55 44.01 11.78
CA VAL B 246 -21.60 43.56 10.77
C VAL B 246 -20.15 43.76 11.22
N GLN B 247 -19.90 44.73 12.09
CA GLN B 247 -18.56 44.99 12.58
C GLN B 247 -18.17 43.98 13.65
N CYS B 248 -19.12 43.66 14.51
CA CYS B 248 -18.90 42.69 15.58
C CYS B 248 -18.76 41.33 14.91
N LEU B 249 -19.61 41.10 13.92
CA LEU B 249 -19.60 39.88 13.13
C LEU B 249 -18.21 39.64 12.59
N ASN B 250 -17.60 40.69 12.02
CA ASN B 250 -16.27 40.57 11.45
C ASN B 250 -15.19 40.33 12.48
N GLU B 251 -15.39 40.84 13.70
CA GLU B 251 -14.41 40.65 14.74
C GLU B 251 -14.35 39.20 15.19
N LEU B 252 -15.52 38.56 15.27
CA LEU B 252 -15.60 37.18 15.68
C LEU B 252 -15.05 36.27 14.58
N ILE B 253 -15.46 36.53 13.34
CA ILE B 253 -14.96 35.76 12.22
C ILE B 253 -13.44 35.84 12.25
N THR B 254 -12.93 37.03 12.54
CA THR B 254 -11.48 37.25 12.63
C THR B 254 -10.91 36.35 13.70
N ASN B 255 -11.63 36.25 14.81
CA ASN B 255 -11.23 35.42 15.94
C ASN B 255 -11.18 33.94 15.53
N ALA B 256 -12.18 33.52 14.76
CA ALA B 256 -12.26 32.13 14.30
C ALA B 256 -11.10 31.73 13.39
N LEU B 257 -10.77 32.61 12.45
CA LEU B 257 -9.70 32.35 11.50
C LEU B 257 -8.38 31.97 12.14
N HIS B 258 -8.21 32.27 13.42
CA HIS B 258 -6.97 31.95 14.12
C HIS B 258 -6.74 30.46 14.33
N HIS B 259 -7.77 29.64 14.06
CA HIS B 259 -7.65 28.20 14.25
C HIS B 259 -7.19 27.47 13.00
N ILE B 260 -7.32 28.12 11.85
CA ILE B 260 -6.93 27.53 10.58
C ILE B 260 -5.51 26.93 10.55
N PRO B 261 -4.52 27.63 11.11
CA PRO B 261 -3.18 27.03 11.05
C PRO B 261 -3.20 25.65 11.69
N ASP B 262 -3.87 25.51 12.83
CA ASP B 262 -3.98 24.22 13.50
C ASP B 262 -4.82 23.23 12.70
N VAL B 263 -5.81 23.72 11.98
CA VAL B 263 -6.65 22.83 11.19
C VAL B 263 -5.81 22.21 10.07
N ILE B 264 -5.01 23.05 9.43
CA ILE B 264 -4.16 22.58 8.36
C ILE B 264 -3.15 21.58 8.91
N THR B 265 -2.53 21.91 10.03
CA THR B 265 -1.57 20.99 10.64
C THR B 265 -2.20 19.65 10.97
N TYR B 266 -3.38 19.67 11.56
CA TYR B 266 -4.07 18.44 11.95
C TYR B 266 -4.37 17.59 10.71
N LEU B 267 -5.00 18.19 9.71
CA LEU B 267 -5.31 17.49 8.48
C LEU B 267 -4.08 16.95 7.76
N SER B 268 -2.95 17.65 7.88
CA SER B 268 -1.73 17.21 7.21
C SER B 268 -1.11 15.94 7.78
N ARG B 269 -1.50 15.56 9.00
CA ARG B 269 -0.97 14.34 9.62
C ARG B 269 -1.79 13.10 9.33
N LEU B 270 -2.96 13.29 8.74
CA LEU B 270 -3.84 12.16 8.45
C LEU B 270 -3.31 11.33 7.29
N ARG B 271 -3.53 10.02 7.35
CA ARG B 271 -3.05 9.13 6.30
C ARG B 271 -4.10 8.16 5.79
N ASN B 272 -5.17 7.98 6.55
CA ASN B 272 -6.24 7.07 6.14
C ASN B 272 -7.25 7.89 5.34
N GLN B 273 -7.52 7.48 4.10
CA GLN B 273 -8.43 8.21 3.25
C GLN B 273 -9.82 8.45 3.83
N SER B 274 -10.43 7.43 4.42
CA SER B 274 -11.79 7.58 4.97
C SER B 274 -11.82 8.58 6.12
N VAL B 275 -10.79 8.57 6.95
CA VAL B 275 -10.68 9.47 8.08
C VAL B 275 -10.44 10.89 7.57
N PHE B 276 -9.63 10.99 6.53
CA PHE B 276 -9.31 12.30 5.94
C PHE B 276 -10.57 12.99 5.40
N ASN B 277 -11.42 12.23 4.71
CA ASN B 277 -12.65 12.79 4.17
C ASN B 277 -13.54 13.24 5.30
N PHE B 278 -13.63 12.41 6.32
CA PHE B 278 -14.46 12.70 7.49
C PHE B 278 -14.03 14.00 8.19
N CYS B 279 -12.72 14.19 8.35
CA CYS B 279 -12.21 15.38 9.03
C CYS B 279 -12.16 16.65 8.18
N ALA B 280 -11.75 16.51 6.93
CA ALA B 280 -11.61 17.62 6.01
C ALA B 280 -12.90 18.32 5.58
N ILE B 281 -13.86 17.53 5.13
CA ILE B 281 -15.11 18.10 4.65
C ILE B 281 -15.79 19.10 5.58
N PRO B 282 -15.94 18.74 6.86
CA PRO B 282 -16.60 19.69 7.77
C PRO B 282 -15.83 21.00 7.88
N GLN B 283 -14.50 20.90 7.92
CA GLN B 283 -13.65 22.07 8.03
C GLN B 283 -13.77 22.98 6.80
N VAL B 284 -13.84 22.37 5.62
CA VAL B 284 -13.98 23.15 4.39
C VAL B 284 -15.34 23.83 4.37
N MET B 285 -16.38 23.10 4.78
CA MET B 285 -17.71 23.68 4.82
C MET B 285 -17.70 24.86 5.79
N ALA B 286 -17.04 24.69 6.92
CA ALA B 286 -16.96 25.74 7.92
C ALA B 286 -16.29 27.00 7.36
N ILE B 287 -15.17 26.82 6.67
CA ILE B 287 -14.46 27.96 6.09
C ILE B 287 -15.30 28.62 5.00
N ALA B 288 -16.03 27.81 4.24
CA ALA B 288 -16.88 28.34 3.18
C ALA B 288 -17.99 29.20 3.81
N THR B 289 -18.42 28.80 5.01
CA THR B 289 -19.47 29.51 5.73
C THR B 289 -18.98 30.86 6.26
N LEU B 290 -17.77 30.87 6.80
CA LEU B 290 -17.21 32.12 7.31
C LEU B 290 -17.04 33.10 6.16
N ALA B 291 -16.63 32.57 5.01
CA ALA B 291 -16.43 33.39 3.83
C ALA B 291 -17.74 34.08 3.46
N ALA B 292 -18.79 33.27 3.30
CA ALA B 292 -20.09 33.80 2.94
C ALA B 292 -20.66 34.78 3.96
N CYS B 293 -20.32 34.57 5.24
CA CYS B 293 -20.80 35.45 6.29
C CYS B 293 -20.00 36.72 6.46
N TYR B 294 -18.73 36.69 6.08
CA TYR B 294 -17.89 37.87 6.23
C TYR B 294 -18.50 39.11 5.59
N ASN B 295 -18.57 40.18 6.39
CA ASN B 295 -19.12 41.46 5.96
C ASN B 295 -20.45 41.26 5.23
N ASN B 296 -21.29 40.40 5.80
CA ASN B 296 -22.59 40.12 5.22
C ASN B 296 -23.71 40.49 6.18
N GLN B 297 -24.51 41.48 5.80
CA GLN B 297 -25.62 41.95 6.62
C GLN B 297 -26.74 40.92 6.71
N GLN B 298 -26.74 39.99 5.77
CA GLN B 298 -27.76 38.95 5.72
C GLN B 298 -27.72 38.04 6.95
N VAL B 299 -26.58 37.98 7.62
CA VAL B 299 -26.45 37.13 8.81
C VAL B 299 -27.47 37.56 9.85
N PHE B 300 -27.87 38.82 9.81
CA PHE B 300 -28.82 39.38 10.76
C PHE B 300 -30.25 39.55 10.22
N LYS B 301 -30.55 38.88 9.11
CA LYS B 301 -31.89 38.94 8.51
C LYS B 301 -32.47 37.55 8.29
N GLY B 302 -31.75 36.72 7.55
CA GLY B 302 -32.21 35.36 7.29
C GLY B 302 -31.06 34.40 7.06
N ALA B 303 -31.34 33.30 6.37
CA ALA B 303 -30.31 32.31 6.10
C ALA B 303 -29.28 32.87 5.11
N VAL B 304 -28.03 32.48 5.31
CA VAL B 304 -26.95 32.94 4.44
C VAL B 304 -26.57 31.77 3.54
N LEU B 305 -27.05 31.79 2.30
CA LEU B 305 -26.75 30.70 1.37
C LEU B 305 -25.30 30.76 0.87
N ILE B 306 -24.58 29.69 1.11
CA ILE B 306 -23.17 29.60 0.72
C ILE B 306 -22.87 30.00 -0.72
N ARG B 307 -22.09 31.05 -0.91
CA ARG B 307 -21.72 31.46 -2.26
C ARG B 307 -21.07 30.20 -2.83
N LEU B 308 -21.28 29.90 -4.11
CA LEU B 308 -20.71 28.65 -4.63
C LEU B 308 -19.77 28.66 -5.84
N GLY B 309 -18.53 28.19 -5.60
CA GLY B 309 -17.57 28.04 -6.67
C GLY B 309 -16.74 29.12 -7.35
N GLN B 310 -15.43 28.90 -7.29
CA GLN B 310 -14.42 29.74 -7.93
C GLN B 310 -13.91 28.70 -8.92
N ALA B 311 -13.69 29.11 -10.17
CA ALA B 311 -13.22 28.19 -11.20
C ALA B 311 -12.29 27.06 -10.70
N VAL B 312 -11.25 27.43 -9.97
CA VAL B 312 -10.27 26.46 -9.48
C VAL B 312 -10.71 25.57 -8.30
N THR B 313 -11.48 26.13 -7.37
CA THR B 313 -11.96 25.35 -6.23
C THR B 313 -12.86 24.23 -6.72
N LEU B 314 -13.72 24.56 -7.68
CA LEU B 314 -14.66 23.61 -8.24
C LEU B 314 -13.96 22.52 -9.07
N MET B 315 -12.68 22.72 -9.36
CA MET B 315 -11.91 21.77 -10.13
C MET B 315 -11.38 20.63 -9.28
N MET B 316 -11.41 20.83 -7.97
CA MET B 316 -10.93 19.81 -7.05
C MET B 316 -11.92 19.58 -5.91
N ASP B 317 -11.68 18.54 -5.13
CA ASP B 317 -12.54 18.23 -4.01
C ASP B 317 -11.70 18.24 -2.73
N ALA B 318 -12.28 17.86 -1.62
CA ALA B 318 -11.56 17.86 -0.35
C ALA B 318 -11.06 16.48 0.06
N THR B 319 -10.42 15.76 -0.85
CA THR B 319 -9.95 14.42 -0.53
C THR B 319 -8.43 14.20 -0.53
N ASN B 320 -7.66 15.24 -0.78
CA ASN B 320 -6.19 15.14 -0.72
C ASN B 320 -5.74 16.46 -0.10
N MET B 321 -4.71 16.40 0.73
CA MET B 321 -4.23 17.59 1.43
C MET B 321 -3.89 18.84 0.60
N PRO B 322 -3.16 18.67 -0.51
CA PRO B 322 -2.85 19.89 -1.30
C PRO B 322 -4.12 20.55 -1.84
N ALA B 323 -5.13 19.76 -2.18
CA ALA B 323 -6.37 20.32 -2.68
C ALA B 323 -7.12 21.06 -1.57
N VAL B 324 -7.14 20.48 -0.37
CA VAL B 324 -7.82 21.10 0.76
C VAL B 324 -7.15 22.44 1.06
N LYS B 325 -5.82 22.47 1.01
CA LYS B 325 -5.10 23.71 1.26
C LYS B 325 -5.52 24.76 0.23
N ALA B 326 -5.52 24.38 -1.04
CA ALA B 326 -5.89 25.29 -2.11
C ALA B 326 -7.29 25.85 -1.83
N ILE B 327 -8.24 24.96 -1.56
CA ILE B 327 -9.60 25.41 -1.27
C ILE B 327 -9.64 26.38 -0.10
N ILE B 328 -8.90 26.07 0.97
CA ILE B 328 -8.87 26.94 2.14
C ILE B 328 -8.28 28.30 1.76
N TYR B 329 -7.17 28.30 1.04
CA TYR B 329 -6.55 29.56 0.62
C TYR B 329 -7.49 30.35 -0.29
N GLN B 330 -8.23 29.66 -1.14
CA GLN B 330 -9.16 30.31 -2.03
C GLN B 330 -10.14 31.14 -1.20
N TYR B 331 -10.80 30.48 -0.24
CA TYR B 331 -11.75 31.16 0.63
C TYR B 331 -11.10 32.27 1.45
N MET B 332 -9.82 32.12 1.75
CA MET B 332 -9.10 33.14 2.50
C MET B 332 -9.15 34.42 1.69
N GLU B 333 -8.78 34.31 0.42
CA GLU B 333 -8.76 35.46 -0.48
C GLU B 333 -10.12 36.11 -0.61
N GLU B 334 -11.20 35.32 -0.64
CA GLU B 334 -12.54 35.89 -0.73
C GLU B 334 -12.81 36.85 0.41
N ILE B 335 -12.20 36.56 1.55
CA ILE B 335 -12.37 37.39 2.74
C ILE B 335 -11.43 38.59 2.68
N TYR B 336 -10.17 38.34 2.35
CA TYR B 336 -9.18 39.40 2.26
C TYR B 336 -9.59 40.50 1.29
N HIS B 337 -9.86 40.09 0.05
CA HIS B 337 -10.26 41.00 -1.00
C HIS B 337 -11.55 41.76 -0.67
N ARG B 338 -12.12 41.50 0.50
CA ARG B 338 -13.35 42.19 0.86
C ARG B 338 -13.28 42.93 2.20
N ILE B 339 -12.13 42.91 2.85
CA ILE B 339 -11.96 43.60 4.12
C ILE B 339 -12.11 45.12 3.93
N PRO B 340 -13.16 45.73 4.51
CA PRO B 340 -13.32 47.17 4.35
C PRO B 340 -12.30 47.93 5.19
N ASP B 341 -11.84 49.06 4.68
CA ASP B 341 -10.87 49.87 5.43
C ASP B 341 -11.52 50.34 6.74
N SER B 342 -12.74 50.86 6.63
CA SER B 342 -13.45 51.35 7.78
C SER B 342 -13.55 50.35 8.93
N ASN B 343 -13.76 49.08 8.61
CA ASN B 343 -13.92 48.04 9.63
C ASN B 343 -12.85 48.14 10.73
N PRO B 344 -13.29 48.24 12.00
CA PRO B 344 -12.41 48.34 13.17
C PRO B 344 -11.45 47.17 13.37
N SER B 345 -11.70 46.08 12.64
CA SER B 345 -10.87 44.90 12.75
C SER B 345 -10.09 44.64 11.48
N SER B 346 -10.37 45.42 10.45
CA SER B 346 -9.74 45.28 9.13
C SER B 346 -8.25 44.97 9.17
N SER B 347 -7.54 45.48 10.16
CA SER B 347 -6.11 45.27 10.26
C SER B 347 -5.75 43.91 10.86
N LYS B 348 -6.53 43.49 11.84
CA LYS B 348 -6.32 42.21 12.51
C LYS B 348 -6.71 41.06 11.58
N THR B 349 -7.68 41.34 10.71
CA THR B 349 -8.16 40.36 9.77
C THR B 349 -7.08 40.07 8.74
N ARG B 350 -6.54 41.13 8.14
CA ARG B 350 -5.48 40.98 7.15
C ARG B 350 -4.26 40.30 7.73
N GLN B 351 -3.95 40.63 8.99
CA GLN B 351 -2.79 40.04 9.67
C GLN B 351 -2.87 38.52 9.77
N ILE B 352 -3.98 38.02 10.32
CA ILE B 352 -4.14 36.59 10.49
C ILE B 352 -4.20 35.86 9.15
N ILE B 353 -4.83 36.46 8.15
CA ILE B 353 -4.92 35.83 6.84
C ILE B 353 -3.54 35.79 6.20
N SER B 354 -2.72 36.77 6.52
CA SER B 354 -1.36 36.85 6.00
C SER B 354 -0.50 35.79 6.68
N THR B 355 -0.66 35.63 7.98
CA THR B 355 0.09 34.65 8.75
C THR B 355 -0.22 33.23 8.28
N ILE B 356 -1.46 33.01 7.86
CA ILE B 356 -1.89 31.71 7.37
C ILE B 356 -1.29 31.42 5.99
N ARG B 357 -1.20 32.46 5.17
CA ARG B 357 -0.66 32.36 3.81
C ARG B 357 0.82 32.05 3.73
N THR B 358 1.58 32.54 4.70
CA THR B 358 3.02 32.32 4.70
C THR B 358 3.45 31.18 5.62
N GLN B 359 2.47 30.41 6.09
CA GLN B 359 2.72 29.28 6.99
C GLN B 359 3.86 28.40 6.44
N LEU C 26 7.82 34.49 9.18
CA LEU C 26 8.41 35.53 10.01
C LEU C 26 8.69 36.76 9.17
N SER C 27 9.54 36.59 8.16
CA SER C 27 9.93 37.67 7.26
C SER C 27 8.75 38.53 6.84
N SER C 28 8.89 39.84 7.01
CA SER C 28 7.84 40.78 6.64
C SER C 28 7.84 40.91 5.13
N SER C 29 8.98 40.64 4.52
CA SER C 29 9.09 40.72 3.07
C SER C 29 8.42 39.51 2.43
N LEU C 30 8.58 38.33 3.02
CA LEU C 30 7.96 37.13 2.47
C LEU C 30 6.44 37.20 2.59
N LYS C 31 5.94 37.84 3.64
CA LYS C 31 4.51 37.97 3.81
C LYS C 31 4.00 38.95 2.75
N THR C 32 4.84 39.93 2.43
CA THR C 32 4.49 40.92 1.42
C THR C 32 4.45 40.28 0.03
N CYS C 33 5.38 39.35 -0.23
CA CYS C 33 5.39 38.67 -1.52
C CYS C 33 4.08 37.88 -1.69
N TYR C 34 3.70 37.15 -0.64
CA TYR C 34 2.46 36.38 -0.69
C TYR C 34 1.24 37.27 -0.81
N LYS C 35 1.34 38.49 -0.31
CA LYS C 35 0.24 39.43 -0.42
C LYS C 35 0.09 39.77 -1.91
N TYR C 36 1.21 40.05 -2.58
CA TYR C 36 1.18 40.38 -4.00
C TYR C 36 0.72 39.19 -4.84
N LEU C 37 1.11 37.98 -4.42
CA LEU C 37 0.72 36.78 -5.14
C LEU C 37 -0.79 36.68 -5.23
N ASN C 38 -1.46 36.83 -4.09
CA ASN C 38 -2.92 36.75 -4.01
C ASN C 38 -3.57 37.93 -4.70
N GLN C 39 -2.87 39.04 -4.68
CA GLN C 39 -3.33 40.29 -5.27
C GLN C 39 -3.24 40.20 -6.80
N THR C 40 -2.11 39.71 -7.31
CA THR C 40 -1.88 39.63 -8.74
C THR C 40 -2.20 38.28 -9.39
N SER C 41 -2.46 37.25 -8.59
CA SER C 41 -2.77 35.94 -9.15
C SER C 41 -4.11 35.35 -8.71
N ARG C 42 -4.92 34.95 -9.68
CA ARG C 42 -6.23 34.38 -9.39
C ARG C 42 -6.25 32.89 -9.73
N SER C 43 -5.60 32.53 -10.82
CA SER C 43 -5.58 31.14 -11.27
C SER C 43 -4.49 30.28 -10.67
N PHE C 44 -3.50 30.89 -10.01
CA PHE C 44 -2.43 30.09 -9.43
C PHE C 44 -2.12 30.36 -7.97
N ALA C 45 -2.56 31.50 -7.43
CA ALA C 45 -2.28 31.84 -6.05
C ALA C 45 -2.52 30.69 -5.06
N ALA C 46 -3.74 30.15 -5.05
CA ALA C 46 -4.11 29.07 -4.17
C ALA C 46 -3.32 27.79 -4.44
N VAL C 47 -3.22 27.38 -5.69
CA VAL C 47 -2.46 26.16 -6.00
C VAL C 47 -0.96 26.31 -5.74
N ILE C 48 -0.47 27.55 -5.83
CA ILE C 48 0.95 27.80 -5.59
C ILE C 48 1.28 27.67 -4.11
N GLN C 49 0.39 28.19 -3.27
CA GLN C 49 0.55 28.13 -1.83
C GLN C 49 0.41 26.70 -1.30
N ALA C 50 -0.30 25.87 -2.05
CA ALA C 50 -0.52 24.48 -1.66
C ALA C 50 0.64 23.56 -2.06
N LEU C 51 1.66 24.12 -2.70
CA LEU C 51 2.81 23.33 -3.12
C LEU C 51 3.70 22.91 -1.94
N ASP C 52 4.26 21.71 -2.01
CA ASP C 52 5.13 21.21 -0.93
C ASP C 52 6.51 21.89 -0.81
N GLY C 53 6.99 21.93 0.43
CA GLY C 53 8.29 22.47 0.77
C GLY C 53 8.84 23.67 0.02
N GLU C 54 10.08 23.53 -0.43
CA GLU C 54 10.79 24.59 -1.14
C GLU C 54 10.14 25.10 -2.42
N MET C 55 9.31 24.29 -3.07
CA MET C 55 8.67 24.71 -4.30
C MET C 55 7.71 25.86 -4.05
N ARG C 56 7.13 25.90 -2.86
CA ARG C 56 6.17 26.93 -2.49
C ARG C 56 6.77 28.30 -2.72
N ASN C 57 7.78 28.65 -1.94
CA ASN C 57 8.43 29.95 -2.05
C ASN C 57 9.04 30.21 -3.44
N ALA C 58 9.69 29.20 -4.01
CA ALA C 58 10.34 29.34 -5.32
C ALA C 58 9.37 29.70 -6.44
N VAL C 59 8.21 29.05 -6.48
CA VAL C 59 7.22 29.32 -7.51
C VAL C 59 6.51 30.64 -7.21
N CYS C 60 6.25 30.92 -5.95
CA CYS C 60 5.61 32.18 -5.57
C CYS C 60 6.43 33.35 -6.12
N ILE C 61 7.71 33.37 -5.79
CA ILE C 61 8.61 34.44 -6.24
C ILE C 61 8.78 34.41 -7.76
N PHE C 62 8.88 33.22 -8.32
CA PHE C 62 9.03 33.10 -9.75
C PHE C 62 7.83 33.76 -10.45
N TYR C 63 6.66 33.59 -9.86
CA TYR C 63 5.45 34.17 -10.42
C TYR C 63 5.48 35.70 -10.30
N LEU C 64 5.99 36.18 -9.18
CA LEU C 64 6.08 37.62 -8.95
C LEU C 64 7.08 38.28 -9.92
N VAL C 65 8.26 37.68 -10.09
CA VAL C 65 9.22 38.25 -11.03
C VAL C 65 8.66 38.22 -12.47
N LEU C 66 7.92 37.15 -12.83
CA LEU C 66 7.32 37.06 -14.15
C LEU C 66 6.19 38.06 -14.30
N ARG C 67 5.45 38.27 -13.22
CA ARG C 67 4.37 39.22 -13.22
C ARG C 67 4.96 40.63 -13.43
N ALA C 68 6.11 40.90 -12.80
CA ALA C 68 6.75 42.20 -12.95
C ALA C 68 7.17 42.42 -14.41
N LEU C 69 7.91 41.46 -14.96
CA LEU C 69 8.37 41.53 -16.33
C LEU C 69 7.18 41.75 -17.28
N ASP C 70 6.09 41.02 -17.03
CA ASP C 70 4.87 41.10 -17.82
C ASP C 70 4.26 42.49 -17.81
N THR C 71 4.25 43.09 -16.63
CA THR C 71 3.70 44.42 -16.43
C THR C 71 4.48 45.45 -17.26
N LEU C 72 5.79 45.25 -17.37
CA LEU C 72 6.63 46.14 -18.14
C LEU C 72 6.33 45.92 -19.62
N GLU C 73 6.37 44.66 -20.02
CA GLU C 73 6.12 44.25 -21.40
C GLU C 73 4.79 44.81 -21.91
N ASP C 74 3.78 44.82 -21.04
CA ASP C 74 2.45 45.27 -21.40
C ASP C 74 2.16 46.77 -21.29
N ASP C 75 2.96 47.49 -20.51
CA ASP C 75 2.71 48.91 -20.33
C ASP C 75 3.02 49.68 -21.61
N MET C 76 1.96 50.18 -22.26
CA MET C 76 2.11 50.93 -23.50
C MET C 76 2.55 52.38 -23.33
N THR C 77 2.72 52.82 -22.09
CA THR C 77 3.16 54.18 -21.82
C THR C 77 4.67 54.22 -21.73
N ILE C 78 5.29 53.05 -21.73
CA ILE C 78 6.74 52.95 -21.66
C ILE C 78 7.20 52.84 -23.11
N SER C 79 7.92 53.85 -23.59
CA SER C 79 8.40 53.85 -24.97
C SER C 79 9.27 52.63 -25.24
N VAL C 80 9.38 52.25 -26.51
CA VAL C 80 10.20 51.12 -26.90
C VAL C 80 11.64 51.37 -26.50
N GLU C 81 12.06 52.62 -26.58
CA GLU C 81 13.44 52.98 -26.21
C GLU C 81 13.73 52.62 -24.77
N LYS C 82 12.75 52.81 -23.90
CA LYS C 82 12.93 52.47 -22.49
C LYS C 82 12.65 50.98 -22.25
N LYS C 83 11.63 50.46 -22.91
CA LYS C 83 11.23 49.07 -22.74
C LYS C 83 12.23 47.98 -23.12
N VAL C 84 12.93 48.15 -24.24
CA VAL C 84 13.88 47.13 -24.67
C VAL C 84 14.98 46.88 -23.63
N PRO C 85 15.58 47.95 -23.10
CA PRO C 85 16.64 47.73 -22.10
C PRO C 85 16.08 47.11 -20.82
N LEU C 86 14.84 47.46 -20.47
CA LEU C 86 14.22 46.92 -19.26
C LEU C 86 14.01 45.40 -19.37
N LEU C 87 13.50 44.95 -20.52
CA LEU C 87 13.27 43.53 -20.74
C LEU C 87 14.59 42.77 -20.80
N HIS C 88 15.53 43.27 -21.60
CA HIS C 88 16.82 42.65 -21.75
C HIS C 88 17.59 42.52 -20.44
N ASN C 89 17.52 43.54 -19.61
CA ASN C 89 18.26 43.53 -18.35
C ASN C 89 17.46 43.10 -17.13
N PHE C 90 16.18 42.83 -17.32
CA PHE C 90 15.36 42.42 -16.18
C PHE C 90 16.07 41.40 -15.30
N HIS C 91 16.53 40.31 -15.91
CA HIS C 91 17.20 39.25 -15.16
C HIS C 91 18.28 39.74 -14.18
N SER C 92 19.04 40.78 -14.54
CA SER C 92 20.06 41.25 -13.62
C SER C 92 19.49 42.14 -12.52
N PHE C 93 18.29 42.70 -12.73
CA PHE C 93 17.66 43.55 -11.72
C PHE C 93 17.43 42.71 -10.47
N LEU C 94 17.28 41.41 -10.67
CA LEU C 94 17.06 40.46 -9.58
C LEU C 94 18.20 40.52 -8.57
N TYR C 95 19.36 40.97 -9.01
CA TYR C 95 20.53 41.03 -8.15
C TYR C 95 20.95 42.43 -7.71
N GLN C 96 20.18 43.43 -8.14
CA GLN C 96 20.43 44.81 -7.78
C GLN C 96 19.43 45.15 -6.68
N PRO C 97 19.84 44.98 -5.43
CA PRO C 97 19.06 45.23 -4.21
C PRO C 97 18.13 46.44 -4.23
N ASP C 98 18.56 47.53 -4.87
CA ASP C 98 17.74 48.74 -4.87
C ASP C 98 16.98 49.00 -6.15
N TRP C 99 17.12 48.15 -7.14
CA TRP C 99 16.41 48.38 -8.38
C TRP C 99 14.90 48.38 -8.17
N ARG C 100 14.22 49.22 -8.95
CA ARG C 100 12.77 49.33 -8.87
C ARG C 100 12.31 50.23 -10.02
N PHE C 101 11.02 50.18 -10.35
CA PHE C 101 10.48 50.98 -11.44
C PHE C 101 9.23 51.73 -10.97
N MET C 102 9.29 53.05 -11.00
CA MET C 102 8.18 53.86 -10.52
C MET C 102 7.32 54.55 -11.58
N GLU C 103 7.56 54.28 -12.85
CA GLU C 103 6.76 54.94 -13.90
C GLU C 103 5.70 54.08 -14.57
N SER C 104 5.42 52.90 -14.03
CA SER C 104 4.42 52.04 -14.62
C SER C 104 3.01 52.54 -14.34
N LYS C 105 2.16 52.47 -15.35
CA LYS C 105 0.77 52.91 -15.23
C LYS C 105 -0.15 51.70 -15.25
N GLU C 106 0.43 50.52 -15.03
CA GLU C 106 -0.32 49.27 -15.01
C GLU C 106 -0.94 48.98 -13.65
N LYS C 107 -2.02 48.20 -13.68
CA LYS C 107 -2.75 47.80 -12.49
C LYS C 107 -1.87 47.11 -11.44
N ASP C 108 -0.96 46.24 -11.88
CA ASP C 108 -0.09 45.52 -10.96
C ASP C 108 1.26 46.22 -10.72
N ARG C 109 1.34 47.50 -11.08
CA ARG C 109 2.56 48.28 -10.92
C ARG C 109 3.21 48.13 -9.56
N GLN C 110 2.43 47.74 -8.56
CA GLN C 110 2.96 47.61 -7.20
C GLN C 110 4.15 46.67 -7.10
N VAL C 111 4.17 45.60 -7.89
CA VAL C 111 5.29 44.67 -7.84
C VAL C 111 6.57 45.28 -8.45
N LEU C 112 6.42 46.31 -9.26
CA LEU C 112 7.58 46.98 -9.85
C LEU C 112 8.14 48.05 -8.90
N GLU C 113 7.25 48.75 -8.21
CA GLU C 113 7.68 49.80 -7.28
C GLU C 113 8.30 49.23 -6.01
N ASP C 114 7.84 48.06 -5.59
CA ASP C 114 8.39 47.43 -4.40
C ASP C 114 9.19 46.19 -4.77
N PHE C 115 9.77 46.22 -5.96
CA PHE C 115 10.57 45.09 -6.43
C PHE C 115 11.67 44.68 -5.47
N PRO C 116 12.30 45.65 -4.78
CA PRO C 116 13.37 45.28 -3.85
C PRO C 116 12.94 44.16 -2.89
N THR C 117 11.70 44.25 -2.41
CA THR C 117 11.18 43.24 -1.49
C THR C 117 11.15 41.87 -2.18
N ILE C 118 10.67 41.87 -3.42
CA ILE C 118 10.59 40.65 -4.21
C ILE C 118 11.99 40.10 -4.54
N SER C 119 12.89 40.96 -5.01
CA SER C 119 14.23 40.52 -5.35
C SER C 119 14.96 40.10 -4.09
N LEU C 120 14.60 40.74 -2.98
CA LEU C 120 15.23 40.39 -1.70
C LEU C 120 14.93 38.93 -1.41
N GLU C 121 13.67 38.55 -1.55
CA GLU C 121 13.27 37.17 -1.30
C GLU C 121 13.81 36.25 -2.37
N PHE C 122 14.00 36.78 -3.59
CA PHE C 122 14.55 35.98 -4.68
C PHE C 122 15.98 35.52 -4.38
N ARG C 123 16.82 36.47 -3.97
CA ARG C 123 18.22 36.16 -3.65
C ARG C 123 18.32 35.26 -2.44
N ASN C 124 17.21 35.13 -1.73
CA ASN C 124 17.12 34.30 -0.53
C ASN C 124 16.89 32.83 -0.86
N LEU C 125 16.50 32.54 -2.09
CA LEU C 125 16.25 31.16 -2.51
C LEU C 125 17.55 30.37 -2.69
N ALA C 126 17.46 29.04 -2.57
CA ALA C 126 18.63 28.20 -2.77
C ALA C 126 19.21 28.60 -4.13
N GLU C 127 20.52 28.59 -4.25
CA GLU C 127 21.14 28.99 -5.50
C GLU C 127 20.59 28.27 -6.74
N LYS C 128 20.29 26.99 -6.62
CA LYS C 128 19.79 26.23 -7.78
C LYS C 128 18.48 26.77 -8.37
N TYR C 129 17.62 27.35 -7.55
CA TYR C 129 16.36 27.91 -8.04
C TYR C 129 16.63 29.26 -8.70
N GLN C 130 17.54 30.04 -8.12
CA GLN C 130 17.89 31.34 -8.69
C GLN C 130 18.40 31.12 -10.12
N THR C 131 19.20 30.08 -10.31
CA THR C 131 19.75 29.76 -11.62
C THR C 131 18.63 29.62 -12.63
N VAL C 132 17.58 28.88 -12.26
CA VAL C 132 16.46 28.66 -13.15
C VAL C 132 15.65 29.92 -13.45
N ILE C 133 15.26 30.63 -12.39
CA ILE C 133 14.46 31.84 -12.51
C ILE C 133 15.18 32.94 -13.30
N ALA C 134 16.46 33.12 -13.02
CA ALA C 134 17.24 34.14 -13.72
C ALA C 134 17.37 33.80 -15.20
N ASP C 135 17.69 32.53 -15.50
CA ASP C 135 17.86 32.10 -16.88
C ASP C 135 16.58 32.30 -17.71
N ILE C 136 15.43 32.00 -17.11
CA ILE C 136 14.16 32.15 -17.79
C ILE C 136 13.81 33.62 -18.02
N CYS C 137 13.99 34.46 -16.99
CA CYS C 137 13.71 35.89 -17.16
C CYS C 137 14.61 36.47 -18.26
N ARG C 138 15.86 36.00 -18.32
CA ARG C 138 16.80 36.46 -19.34
C ARG C 138 16.31 36.15 -20.75
N ARG C 139 16.03 34.87 -21.02
CA ARG C 139 15.56 34.45 -22.33
C ARG C 139 14.19 35.02 -22.65
N MET C 140 13.35 35.17 -21.63
CA MET C 140 12.02 35.71 -21.82
C MET C 140 12.12 37.18 -22.22
N GLY C 141 13.00 37.93 -21.57
CA GLY C 141 13.18 39.34 -21.89
C GLY C 141 13.64 39.55 -23.33
N ILE C 142 14.57 38.72 -23.77
CA ILE C 142 15.11 38.79 -25.12
C ILE C 142 14.00 38.56 -26.15
N GLY C 143 13.21 37.51 -25.94
CA GLY C 143 12.14 37.17 -26.85
C GLY C 143 11.05 38.23 -26.93
N MET C 144 10.65 38.74 -25.77
CA MET C 144 9.63 39.78 -25.71
C MET C 144 10.10 41.04 -26.43
N ALA C 145 11.34 41.45 -26.16
CA ALA C 145 11.93 42.63 -26.78
C ALA C 145 11.85 42.50 -28.29
N GLU C 146 11.98 41.26 -28.76
CA GLU C 146 11.92 40.96 -30.18
C GLU C 146 10.55 41.15 -30.81
N PHE C 147 9.48 40.98 -30.04
CA PHE C 147 8.13 41.13 -30.59
C PHE C 147 7.47 42.48 -30.36
N LEU C 148 8.17 43.41 -29.73
CA LEU C 148 7.60 44.73 -29.47
C LEU C 148 7.27 45.48 -30.75
N ASP C 149 8.07 45.25 -31.79
CA ASP C 149 7.88 45.93 -33.07
C ASP C 149 7.14 45.11 -34.15
N LYS C 150 6.69 43.91 -33.82
CA LYS C 150 6.01 43.11 -34.83
C LYS C 150 4.85 42.27 -34.32
N HIS C 151 4.02 41.82 -35.25
CA HIS C 151 2.88 40.97 -34.99
C HIS C 151 3.26 39.56 -35.42
N VAL C 152 2.49 38.57 -34.99
CA VAL C 152 2.77 37.18 -35.35
C VAL C 152 2.33 36.94 -36.79
N THR C 153 3.24 36.46 -37.64
CA THR C 153 2.89 36.19 -39.02
C THR C 153 2.58 34.72 -39.26
N SER C 154 3.62 33.89 -39.33
CA SER C 154 3.42 32.47 -39.58
C SER C 154 3.06 31.69 -38.31
N GLU C 155 2.68 30.44 -38.49
CA GLU C 155 2.32 29.58 -37.35
C GLU C 155 3.60 29.24 -36.60
N GLN C 156 4.72 29.33 -37.31
CA GLN C 156 6.02 29.06 -36.72
C GLN C 156 6.34 30.21 -35.78
N GLU C 157 5.94 31.42 -36.17
CA GLU C 157 6.18 32.60 -35.32
C GLU C 157 5.23 32.59 -34.14
N TRP C 158 4.08 31.95 -34.31
CA TRP C 158 3.11 31.86 -33.22
C TRP C 158 3.69 30.98 -32.11
N ASP C 159 4.30 29.86 -32.50
CA ASP C 159 4.92 28.96 -31.52
C ASP C 159 6.06 29.68 -30.83
N LYS C 160 6.81 30.44 -31.62
CA LYS C 160 7.94 31.20 -31.12
C LYS C 160 7.48 32.22 -30.08
N TYR C 161 6.43 32.96 -30.41
CA TYR C 161 5.90 33.95 -29.51
C TYR C 161 5.37 33.31 -28.22
N CYS C 162 4.60 32.25 -28.38
CA CYS C 162 4.04 31.55 -27.22
C CYS C 162 5.13 30.96 -26.37
N HIS C 163 6.23 30.55 -27.00
CA HIS C 163 7.36 29.95 -26.29
C HIS C 163 8.00 30.98 -25.37
N TYR C 164 8.12 32.21 -25.85
CA TYR C 164 8.72 33.28 -25.05
C TYR C 164 7.89 33.75 -23.89
N VAL C 165 6.56 33.78 -24.06
CA VAL C 165 5.71 34.26 -22.99
C VAL C 165 5.09 33.15 -22.12
N ALA C 166 5.08 31.91 -22.61
CA ALA C 166 4.46 30.82 -21.85
C ALA C 166 5.28 29.52 -21.82
N GLY C 167 5.78 29.09 -22.97
CA GLY C 167 6.56 27.86 -23.00
C GLY C 167 7.72 27.90 -22.02
N LEU C 168 8.48 28.99 -22.03
CA LEU C 168 9.62 29.16 -21.12
C LEU C 168 9.20 29.05 -19.66
N VAL C 169 7.99 29.51 -19.36
CA VAL C 169 7.46 29.43 -18.00
C VAL C 169 7.25 27.96 -17.64
N GLY C 170 6.69 27.19 -18.57
CA GLY C 170 6.47 25.79 -18.32
C GLY C 170 7.79 25.08 -18.10
N ILE C 171 8.79 25.48 -18.87
CA ILE C 171 10.12 24.91 -18.78
C ILE C 171 10.79 25.31 -17.48
N GLY C 172 10.55 26.55 -17.04
CA GLY C 172 11.13 27.02 -15.79
C GLY C 172 10.52 26.28 -14.62
N LEU C 173 9.20 26.22 -14.56
CA LEU C 173 8.50 25.51 -13.47
C LEU C 173 8.99 24.07 -13.40
N SER C 174 9.07 23.41 -14.56
CA SER C 174 9.53 22.03 -14.65
C SER C 174 10.92 21.87 -14.05
N ARG C 175 11.82 22.76 -14.45
CA ARG C 175 13.19 22.70 -13.97
C ARG C 175 13.22 22.96 -12.45
N LEU C 176 12.25 23.73 -11.96
CA LEU C 176 12.17 24.00 -10.53
C LEU C 176 11.69 22.76 -9.78
N PHE C 177 10.72 22.04 -10.37
CA PHE C 177 10.21 20.83 -9.73
C PHE C 177 11.32 19.81 -9.56
N SER C 178 12.07 19.58 -10.63
CA SER C 178 13.18 18.63 -10.64
C SER C 178 14.30 19.06 -9.70
N ALA C 179 14.61 20.34 -9.69
CA ALA C 179 15.66 20.87 -8.84
C ALA C 179 15.30 20.60 -7.38
N SER C 180 14.02 20.74 -7.04
CA SER C 180 13.57 20.52 -5.66
C SER C 180 13.59 19.03 -5.32
N GLU C 181 13.66 18.20 -6.35
CA GLU C 181 13.69 16.76 -6.21
C GLU C 181 12.32 16.14 -5.90
N PHE C 182 11.28 16.97 -5.91
CA PHE C 182 9.94 16.47 -5.66
C PHE C 182 9.43 15.74 -6.90
N GLU C 183 10.11 15.95 -8.03
CA GLU C 183 9.77 15.28 -9.30
C GLU C 183 11.08 14.75 -9.87
N ASP C 184 11.00 13.79 -10.79
CA ASP C 184 12.21 13.23 -11.39
C ASP C 184 12.90 14.22 -12.33
N PRO C 185 14.22 14.07 -12.51
CA PRO C 185 14.99 14.96 -13.38
C PRO C 185 14.41 15.07 -14.79
N LEU C 186 13.80 13.98 -15.26
CA LEU C 186 13.20 13.95 -16.59
C LEU C 186 12.24 15.12 -16.82
N VAL C 187 11.52 15.51 -15.78
CA VAL C 187 10.57 16.60 -15.89
C VAL C 187 11.23 17.88 -16.34
N GLY C 188 12.32 18.26 -15.69
CA GLY C 188 13.05 19.46 -16.05
C GLY C 188 13.83 19.28 -17.34
N GLU C 189 14.31 18.07 -17.61
CA GLU C 189 15.09 17.79 -18.81
C GLU C 189 14.30 17.85 -20.12
N ASP C 190 13.09 17.30 -20.13
CA ASP C 190 12.28 17.28 -21.36
C ASP C 190 11.61 18.63 -21.60
N THR C 191 12.40 19.59 -22.08
CA THR C 191 11.90 20.93 -22.32
C THR C 191 10.81 21.01 -23.38
N GLU C 192 10.82 20.10 -24.34
CA GLU C 192 9.79 20.11 -25.38
C GLU C 192 8.38 19.88 -24.81
N ARG C 193 8.27 18.94 -23.88
CA ARG C 193 6.98 18.66 -23.27
C ARG C 193 6.55 19.81 -22.39
N ALA C 194 7.48 20.37 -21.63
CA ALA C 194 7.18 21.50 -20.76
C ALA C 194 6.73 22.68 -21.61
N ASN C 195 7.38 22.86 -22.75
CA ASN C 195 7.06 23.95 -23.66
C ASN C 195 5.64 23.82 -24.16
N SER C 196 5.23 22.59 -24.51
CA SER C 196 3.87 22.31 -25.00
C SER C 196 2.80 22.64 -23.95
N MET C 197 3.17 22.50 -22.67
CA MET C 197 2.24 22.81 -21.59
C MET C 197 1.92 24.31 -21.67
N GLY C 198 2.96 25.11 -21.83
CA GLY C 198 2.77 26.55 -21.94
C GLY C 198 2.08 26.94 -23.23
N LEU C 199 2.51 26.37 -24.35
CA LEU C 199 1.90 26.70 -25.64
C LEU C 199 0.40 26.39 -25.67
N PHE C 200 0.00 25.29 -25.02
CA PHE C 200 -1.40 24.94 -25.01
C PHE C 200 -2.24 25.96 -24.23
N LEU C 201 -1.76 26.40 -23.08
CA LEU C 201 -2.50 27.40 -22.32
C LEU C 201 -2.53 28.73 -23.07
N GLN C 202 -1.36 29.16 -23.55
CA GLN C 202 -1.26 30.43 -24.25
C GLN C 202 -2.12 30.50 -25.51
N LYS C 203 -1.99 29.50 -26.38
CA LYS C 203 -2.80 29.48 -27.60
C LYS C 203 -4.29 29.49 -27.28
N THR C 204 -4.69 28.81 -26.21
CA THR C 204 -6.09 28.76 -25.83
C THR C 204 -6.58 30.14 -25.40
N ASN C 205 -5.79 30.84 -24.58
CA ASN C 205 -6.19 32.17 -24.15
C ASN C 205 -6.26 33.11 -25.36
N ILE C 206 -5.23 33.09 -26.21
CA ILE C 206 -5.20 33.95 -27.39
C ILE C 206 -6.45 33.75 -28.24
N ILE C 207 -6.81 32.50 -28.48
CA ILE C 207 -8.00 32.20 -29.26
C ILE C 207 -9.26 32.73 -28.59
N ARG C 208 -9.39 32.47 -27.30
CA ARG C 208 -10.56 32.88 -26.55
C ARG C 208 -10.72 34.39 -26.43
N ASP C 209 -9.62 35.11 -26.31
CA ASP C 209 -9.70 36.55 -26.16
C ASP C 209 -9.67 37.39 -27.43
N TYR C 210 -9.97 36.78 -28.56
CA TYR C 210 -9.94 37.53 -29.81
C TYR C 210 -10.52 38.94 -29.68
N LEU C 211 -11.80 39.01 -29.31
CA LEU C 211 -12.52 40.26 -29.17
C LEU C 211 -12.02 41.21 -28.07
N GLU C 212 -11.71 40.66 -26.90
CA GLU C 212 -11.21 41.49 -25.81
C GLU C 212 -9.89 42.14 -26.20
N ASP C 213 -9.11 41.47 -27.04
CA ASP C 213 -7.83 42.00 -27.47
C ASP C 213 -7.99 42.98 -28.63
N GLN C 214 -8.97 42.75 -29.47
CA GLN C 214 -9.19 43.63 -30.60
C GLN C 214 -9.60 45.02 -30.11
N GLN C 215 -10.39 45.04 -29.04
CA GLN C 215 -10.84 46.29 -28.45
C GLN C 215 -9.68 46.97 -27.72
N GLY C 216 -8.60 46.22 -27.51
CA GLY C 216 -7.46 46.78 -26.83
C GLY C 216 -6.30 47.13 -27.73
N GLY C 217 -6.50 47.00 -29.04
CA GLY C 217 -5.44 47.33 -29.98
C GLY C 217 -4.36 46.26 -30.04
N ARG C 218 -4.69 45.07 -29.53
CA ARG C 218 -3.76 43.95 -29.52
C ARG C 218 -4.13 42.87 -30.55
N GLU C 219 -3.12 42.35 -31.23
CA GLU C 219 -3.35 41.30 -32.22
C GLU C 219 -2.35 40.19 -31.99
N PHE C 220 -2.85 38.96 -31.81
CA PHE C 220 -2.00 37.82 -31.57
C PHE C 220 -2.26 36.62 -32.49
N TRP C 221 -3.39 36.63 -33.19
CA TRP C 221 -3.71 35.56 -34.12
C TRP C 221 -2.69 35.59 -35.26
N PRO C 222 -2.16 34.43 -35.67
CA PRO C 222 -1.18 34.40 -36.76
C PRO C 222 -1.72 35.00 -38.05
N GLN C 223 -1.06 36.04 -38.54
CA GLN C 223 -1.48 36.72 -39.74
C GLN C 223 -1.49 35.80 -40.95
N GLU C 224 -0.53 34.89 -41.00
CA GLU C 224 -0.46 33.95 -42.12
C GLU C 224 -1.70 33.08 -42.18
N VAL C 225 -2.42 32.99 -41.07
CA VAL C 225 -3.63 32.19 -41.01
C VAL C 225 -4.89 33.03 -41.23
N TRP C 226 -5.06 34.11 -40.46
CA TRP C 226 -6.25 34.92 -40.61
C TRP C 226 -6.33 35.71 -41.92
N SER C 227 -5.20 35.90 -42.59
CA SER C 227 -5.20 36.64 -43.84
C SER C 227 -5.92 35.86 -44.94
N ARG C 228 -5.99 34.54 -44.77
CA ARG C 228 -6.65 33.69 -45.76
C ARG C 228 -8.17 33.76 -45.64
N TYR C 229 -8.65 34.60 -44.74
CA TYR C 229 -10.09 34.76 -44.52
C TYR C 229 -10.52 36.21 -44.71
N VAL C 230 -9.75 37.15 -44.17
CA VAL C 230 -10.07 38.57 -44.30
C VAL C 230 -8.82 39.41 -44.54
N LYS C 231 -9.03 40.67 -44.90
CA LYS C 231 -7.92 41.58 -45.17
C LYS C 231 -7.33 42.15 -43.88
N LYS C 232 -8.14 42.14 -42.82
CA LYS C 232 -7.72 42.63 -41.52
C LYS C 232 -8.26 41.76 -40.40
N LEU C 233 -7.45 41.52 -39.38
CA LEU C 233 -7.87 40.70 -38.26
C LEU C 233 -9.13 41.28 -37.64
N GLY C 234 -9.22 42.61 -37.61
CA GLY C 234 -10.37 43.27 -37.02
C GLY C 234 -11.71 42.90 -37.63
N ASP C 235 -11.71 42.50 -38.89
CA ASP C 235 -12.94 42.13 -39.60
C ASP C 235 -13.76 41.02 -38.96
N PHE C 236 -13.14 40.15 -38.18
CA PHE C 236 -13.87 39.07 -37.54
C PHE C 236 -14.85 39.60 -36.49
N ALA C 237 -14.80 40.90 -36.25
CA ALA C 237 -15.70 41.54 -35.29
C ALA C 237 -16.92 42.06 -36.04
N LEU C 238 -16.84 42.02 -37.38
CA LEU C 238 -17.94 42.47 -38.24
C LEU C 238 -18.89 41.33 -38.59
N PRO C 239 -20.16 41.44 -38.16
CA PRO C 239 -21.22 40.47 -38.39
C PRO C 239 -21.29 39.81 -39.76
N GLU C 240 -20.76 40.47 -40.79
CA GLU C 240 -20.82 39.89 -42.12
C GLU C 240 -19.73 38.86 -42.39
N ASN C 241 -18.68 38.89 -41.57
CA ASN C 241 -17.56 37.96 -41.72
C ASN C 241 -17.60 36.84 -40.69
N ILE C 242 -18.70 36.73 -39.95
CA ILE C 242 -18.83 35.71 -38.91
C ILE C 242 -18.52 34.28 -39.36
N ASP C 243 -18.98 33.92 -40.55
CA ASP C 243 -18.74 32.58 -41.06
C ASP C 243 -17.26 32.33 -41.29
N LEU C 244 -16.57 33.34 -41.79
CA LEU C 244 -15.14 33.23 -42.06
C LEU C 244 -14.37 33.26 -40.76
N ALA C 245 -14.90 34.01 -39.79
CA ALA C 245 -14.27 34.12 -38.48
C ALA C 245 -14.25 32.75 -37.83
N VAL C 246 -15.38 32.04 -37.90
CA VAL C 246 -15.52 30.72 -37.31
C VAL C 246 -14.65 29.69 -38.01
N GLN C 247 -14.40 29.85 -39.31
CA GLN C 247 -13.55 28.90 -40.00
C GLN C 247 -12.11 29.09 -39.51
N CYS C 248 -11.74 30.36 -39.32
CA CYS C 248 -10.41 30.68 -38.84
C CYS C 248 -10.30 30.19 -37.40
N LEU C 249 -11.33 30.45 -36.62
CA LEU C 249 -11.39 30.02 -35.22
C LEU C 249 -11.15 28.52 -35.11
N ASN C 250 -11.89 27.74 -35.89
CA ASN C 250 -11.75 26.29 -35.87
C ASN C 250 -10.36 25.82 -36.30
N GLU C 251 -9.74 26.52 -37.25
CA GLU C 251 -8.42 26.13 -37.72
C GLU C 251 -7.37 26.34 -36.62
N LEU C 252 -7.48 27.46 -35.91
CA LEU C 252 -6.53 27.75 -34.84
C LEU C 252 -6.68 26.75 -33.70
N ILE C 253 -7.92 26.35 -33.42
CA ILE C 253 -8.20 25.40 -32.36
C ILE C 253 -7.59 24.03 -32.71
N THR C 254 -7.65 23.67 -33.99
CA THR C 254 -7.08 22.41 -34.44
C THR C 254 -5.59 22.47 -34.19
N ASN C 255 -5.01 23.64 -34.45
CA ASN C 255 -3.59 23.87 -34.25
C ASN C 255 -3.24 23.60 -32.78
N ALA C 256 -4.00 24.20 -31.87
CA ALA C 256 -3.76 24.02 -30.45
C ALA C 256 -3.91 22.57 -29.99
N LEU C 257 -4.86 21.85 -30.58
CA LEU C 257 -5.09 20.47 -30.20
C LEU C 257 -3.86 19.58 -30.33
N HIS C 258 -2.94 19.96 -31.21
CA HIS C 258 -1.73 19.19 -31.45
C HIS C 258 -0.79 19.04 -30.25
N HIS C 259 -0.96 19.90 -29.24
CA HIS C 259 -0.11 19.86 -28.06
C HIS C 259 -0.61 18.88 -27.00
N ILE C 260 -1.85 18.41 -27.16
CA ILE C 260 -2.43 17.49 -26.18
C ILE C 260 -1.65 16.22 -25.88
N PRO C 261 -1.08 15.57 -26.91
CA PRO C 261 -0.32 14.36 -26.59
C PRO C 261 0.81 14.70 -25.60
N ASP C 262 1.53 15.80 -25.87
CA ASP C 262 2.61 16.23 -24.99
C ASP C 262 2.08 16.59 -23.58
N VAL C 263 0.92 17.22 -23.52
CA VAL C 263 0.31 17.58 -22.25
C VAL C 263 0.00 16.33 -21.43
N ILE C 264 -0.45 15.28 -22.10
CA ILE C 264 -0.77 14.03 -21.44
C ILE C 264 0.51 13.33 -21.00
N THR C 265 1.52 13.35 -21.86
CA THR C 265 2.81 12.73 -21.54
C THR C 265 3.41 13.45 -20.32
N TYR C 266 3.33 14.78 -20.33
CA TYR C 266 3.86 15.59 -19.25
C TYR C 266 3.19 15.30 -17.91
N LEU C 267 1.86 15.42 -17.88
CA LEU C 267 1.14 15.18 -16.64
C LEU C 267 1.34 13.74 -16.15
N SER C 268 1.43 12.78 -17.07
CA SER C 268 1.56 11.37 -16.70
C SER C 268 2.87 11.05 -15.96
N ARG C 269 3.85 11.94 -16.04
CA ARG C 269 5.14 11.73 -15.38
C ARG C 269 5.25 12.30 -13.97
N LEU C 270 4.28 13.12 -13.55
CA LEU C 270 4.33 13.72 -12.22
C LEU C 270 4.00 12.74 -11.11
N ARG C 271 4.79 12.76 -10.04
CA ARG C 271 4.61 11.86 -8.90
C ARG C 271 4.09 12.59 -7.67
N ASN C 272 4.34 13.89 -7.61
CA ASN C 272 3.93 14.69 -6.46
C ASN C 272 2.53 15.29 -6.63
N GLN C 273 1.66 15.02 -5.66
CA GLN C 273 0.29 15.49 -5.71
C GLN C 273 0.13 17.02 -5.78
N SER C 274 0.88 17.77 -4.97
CA SER C 274 0.73 19.21 -5.02
C SER C 274 1.16 19.73 -6.39
N VAL C 275 2.18 19.11 -6.98
CA VAL C 275 2.62 19.55 -8.29
C VAL C 275 1.58 19.14 -9.34
N PHE C 276 1.05 17.94 -9.19
CA PHE C 276 0.05 17.43 -10.12
C PHE C 276 -1.15 18.36 -10.15
N ASN C 277 -1.63 18.75 -8.98
CA ASN C 277 -2.77 19.66 -8.92
C ASN C 277 -2.44 20.97 -9.61
N PHE C 278 -1.25 21.47 -9.36
CA PHE C 278 -0.80 22.74 -9.94
C PHE C 278 -0.77 22.69 -11.48
N CYS C 279 -0.20 21.62 -12.04
CA CYS C 279 -0.08 21.48 -13.49
C CYS C 279 -1.33 21.03 -14.23
N ALA C 280 -2.10 20.11 -13.65
CA ALA C 280 -3.27 19.59 -14.31
C ALA C 280 -4.49 20.51 -14.45
N ILE C 281 -4.85 21.19 -13.38
CA ILE C 281 -6.00 22.08 -13.39
C ILE C 281 -6.01 23.09 -14.55
N PRO C 282 -4.91 23.85 -14.73
CA PRO C 282 -4.89 24.82 -15.84
C PRO C 282 -5.09 24.15 -17.19
N GLN C 283 -4.47 22.98 -17.38
CA GLN C 283 -4.61 22.28 -18.65
C GLN C 283 -6.04 21.85 -18.94
N VAL C 284 -6.72 21.33 -17.91
CA VAL C 284 -8.10 20.88 -18.07
C VAL C 284 -9.02 22.07 -18.35
N MET C 285 -8.75 23.19 -17.69
CA MET C 285 -9.56 24.38 -17.89
C MET C 285 -9.37 24.91 -19.31
N ALA C 286 -8.16 24.77 -19.85
CA ALA C 286 -7.87 25.24 -21.19
C ALA C 286 -8.59 24.37 -22.21
N ILE C 287 -8.62 23.07 -21.93
CA ILE C 287 -9.26 22.11 -22.81
C ILE C 287 -10.76 22.35 -22.84
N ALA C 288 -11.35 22.66 -21.68
CA ALA C 288 -12.78 22.91 -21.62
C ALA C 288 -13.11 24.20 -22.37
N THR C 289 -12.17 25.14 -22.37
CA THR C 289 -12.37 26.41 -23.05
C THR C 289 -12.35 26.21 -24.56
N LEU C 290 -11.40 25.42 -25.04
CA LEU C 290 -11.29 25.13 -26.46
C LEU C 290 -12.53 24.42 -26.94
N ALA C 291 -13.07 23.55 -26.08
CA ALA C 291 -14.27 22.79 -26.40
C ALA C 291 -15.48 23.73 -26.46
N ALA C 292 -15.55 24.66 -25.52
CA ALA C 292 -16.66 25.60 -25.48
C ALA C 292 -16.61 26.62 -26.63
N CYS C 293 -15.40 26.86 -27.14
CA CYS C 293 -15.20 27.81 -28.23
C CYS C 293 -15.37 27.19 -29.61
N TYR C 294 -15.06 25.91 -29.76
CA TYR C 294 -15.15 25.28 -31.07
C TYR C 294 -16.44 25.56 -31.83
N ASN C 295 -16.29 25.98 -33.08
CA ASN C 295 -17.43 26.28 -33.95
C ASN C 295 -18.51 27.12 -33.25
N ASN C 296 -18.07 28.07 -32.44
CA ASN C 296 -18.98 28.90 -31.70
C ASN C 296 -18.85 30.38 -32.11
N GLN C 297 -19.93 30.93 -32.64
CA GLN C 297 -19.98 32.32 -33.07
C GLN C 297 -19.84 33.29 -31.91
N GLN C 298 -20.15 32.82 -30.71
CA GLN C 298 -20.07 33.66 -29.51
C GLN C 298 -18.66 34.18 -29.22
N VAL C 299 -17.65 33.50 -29.76
CA VAL C 299 -16.27 33.92 -29.54
C VAL C 299 -16.05 35.34 -30.06
N PHE C 300 -16.75 35.68 -31.13
CA PHE C 300 -16.63 36.98 -31.77
C PHE C 300 -17.68 38.00 -31.31
N LYS C 301 -18.56 37.60 -30.41
CA LYS C 301 -19.58 38.51 -29.91
C LYS C 301 -19.26 38.96 -28.49
N GLY C 302 -18.39 38.20 -27.83
CA GLY C 302 -17.99 38.53 -26.46
C GLY C 302 -17.16 37.44 -25.82
N ALA C 303 -17.45 37.12 -24.57
CA ALA C 303 -16.73 36.08 -23.84
C ALA C 303 -17.59 34.81 -23.85
N VAL C 304 -17.03 33.73 -24.37
CA VAL C 304 -17.74 32.45 -24.46
C VAL C 304 -17.86 31.72 -23.12
N LEU C 305 -19.08 31.30 -22.82
CA LEU C 305 -19.37 30.55 -21.60
C LEU C 305 -19.03 29.07 -21.79
N ILE C 306 -18.33 28.50 -20.82
CA ILE C 306 -17.96 27.09 -20.90
C ILE C 306 -19.09 26.21 -20.37
N ARG C 307 -19.90 25.69 -21.29
CA ARG C 307 -21.01 24.83 -20.89
C ARG C 307 -20.42 23.70 -20.03
N LEU C 308 -21.17 23.26 -19.03
CA LEU C 308 -20.72 22.19 -18.15
C LEU C 308 -20.27 20.95 -18.91
N GLY C 309 -19.85 19.94 -18.16
CA GLY C 309 -19.39 18.70 -18.79
C GLY C 309 -20.46 17.63 -18.82
N GLN C 310 -20.08 16.45 -19.29
CA GLN C 310 -21.00 15.31 -19.37
C GLN C 310 -21.12 14.69 -17.97
N ALA C 311 -22.00 13.70 -17.83
CA ALA C 311 -22.20 13.06 -16.54
C ALA C 311 -20.92 12.45 -15.99
N VAL C 312 -20.08 11.92 -16.87
CA VAL C 312 -18.82 11.30 -16.47
C VAL C 312 -17.79 12.31 -15.95
N THR C 313 -17.77 13.51 -16.53
CA THR C 313 -16.82 14.54 -16.08
C THR C 313 -17.27 15.08 -14.73
N LEU C 314 -18.58 15.14 -14.52
CA LEU C 314 -19.14 15.62 -13.28
C LEU C 314 -18.83 14.66 -12.15
N MET C 315 -18.51 13.41 -12.52
CA MET C 315 -18.19 12.37 -11.55
C MET C 315 -16.75 12.35 -11.07
N MET C 316 -15.87 13.10 -11.74
CA MET C 316 -14.49 13.11 -11.30
C MET C 316 -13.80 14.46 -11.47
N ASP C 317 -12.79 14.68 -10.62
CA ASP C 317 -12.03 15.92 -10.64
C ASP C 317 -10.62 15.68 -11.18
N ALA C 318 -9.89 16.76 -11.45
CA ALA C 318 -8.54 16.67 -12.00
C ALA C 318 -7.46 16.44 -10.97
N THR C 319 -7.59 15.41 -10.15
CA THR C 319 -6.57 15.17 -9.13
C THR C 319 -5.78 13.87 -9.24
N ASN C 320 -6.14 13.02 -10.20
CA ASN C 320 -5.38 11.80 -10.45
C ASN C 320 -5.31 11.68 -11.97
N MET C 321 -4.19 11.18 -12.49
CA MET C 321 -3.98 11.09 -13.93
C MET C 321 -5.08 10.40 -14.73
N PRO C 322 -5.52 9.20 -14.31
CA PRO C 322 -6.59 8.56 -15.09
C PRO C 322 -7.83 9.45 -15.22
N ALA C 323 -8.16 10.15 -14.15
CA ALA C 323 -9.33 11.02 -14.17
C ALA C 323 -9.10 12.18 -15.15
N VAL C 324 -7.88 12.71 -15.19
CA VAL C 324 -7.58 13.82 -16.08
C VAL C 324 -7.61 13.37 -17.54
N LYS C 325 -7.12 12.16 -17.81
CA LYS C 325 -7.13 11.63 -19.16
C LYS C 325 -8.57 11.57 -19.65
N ALA C 326 -9.44 11.00 -18.82
CA ALA C 326 -10.86 10.83 -19.13
C ALA C 326 -11.51 12.19 -19.36
N ILE C 327 -11.21 13.15 -18.49
CA ILE C 327 -11.76 14.49 -18.62
C ILE C 327 -11.29 15.07 -19.96
N ILE C 328 -9.99 14.96 -20.25
CA ILE C 328 -9.44 15.47 -21.50
C ILE C 328 -10.05 14.75 -22.72
N TYR C 329 -10.08 13.43 -22.70
CA TYR C 329 -10.66 12.66 -23.82
C TYR C 329 -12.12 13.03 -24.05
N GLN C 330 -12.83 13.33 -22.96
CA GLN C 330 -14.24 13.69 -23.00
C GLN C 330 -14.44 15.03 -23.73
N TYR C 331 -13.65 16.04 -23.36
CA TYR C 331 -13.74 17.34 -24.00
C TYR C 331 -13.32 17.24 -25.47
N MET C 332 -12.47 16.26 -25.79
CA MET C 332 -12.04 16.06 -27.17
C MET C 332 -13.23 15.60 -28.00
N GLU C 333 -14.07 14.76 -27.40
CA GLU C 333 -15.24 14.26 -28.10
C GLU C 333 -16.30 15.35 -28.23
N GLU C 334 -16.34 16.28 -27.28
CA GLU C 334 -17.30 17.38 -27.35
C GLU C 334 -17.00 18.14 -28.63
N ILE C 335 -15.72 18.24 -28.97
CA ILE C 335 -15.33 18.94 -30.18
C ILE C 335 -15.65 18.05 -31.38
N TYR C 336 -15.20 16.81 -31.34
CA TYR C 336 -15.44 15.89 -32.44
C TYR C 336 -16.91 15.84 -32.85
N HIS C 337 -17.81 15.77 -31.85
CA HIS C 337 -19.25 15.73 -32.10
C HIS C 337 -19.80 16.94 -32.86
N ARG C 338 -19.11 18.07 -32.74
CA ARG C 338 -19.57 19.30 -33.39
C ARG C 338 -18.88 19.67 -34.71
N ILE C 339 -17.98 18.83 -35.19
CA ILE C 339 -17.28 19.12 -36.44
C ILE C 339 -18.17 18.97 -37.65
N PRO C 340 -18.51 20.10 -38.30
CA PRO C 340 -19.36 20.12 -39.49
C PRO C 340 -18.54 19.83 -40.74
N ASP C 341 -19.04 18.92 -41.56
CA ASP C 341 -18.34 18.53 -42.77
C ASP C 341 -17.97 19.70 -43.68
N SER C 342 -18.72 20.79 -43.61
CA SER C 342 -18.45 21.93 -44.48
C SER C 342 -17.27 22.77 -44.04
N ASN C 343 -16.86 22.64 -42.78
CA ASN C 343 -15.73 23.40 -42.26
C ASN C 343 -14.49 22.98 -43.02
N PRO C 344 -13.72 23.96 -43.53
CA PRO C 344 -12.50 23.64 -44.28
C PRO C 344 -11.39 22.93 -43.49
N SER C 345 -11.52 22.89 -42.17
CA SER C 345 -10.51 22.21 -41.36
C SER C 345 -11.06 20.92 -40.77
N SER C 346 -12.35 20.66 -41.02
CA SER C 346 -13.01 19.48 -40.48
C SER C 346 -12.16 18.23 -40.53
N SER C 347 -11.54 17.98 -41.67
CA SER C 347 -10.71 16.79 -41.86
C SER C 347 -9.46 16.74 -40.98
N LYS C 348 -8.79 17.88 -40.79
CA LYS C 348 -7.60 17.92 -39.97
C LYS C 348 -7.97 17.82 -38.50
N THR C 349 -9.14 18.36 -38.15
CA THR C 349 -9.59 18.35 -36.76
C THR C 349 -9.88 16.93 -36.31
N ARG C 350 -10.46 16.13 -37.20
CA ARG C 350 -10.78 14.74 -36.88
C ARG C 350 -9.50 13.93 -36.75
N GLN C 351 -8.55 14.18 -37.65
CA GLN C 351 -7.30 13.44 -37.65
C GLN C 351 -6.51 13.58 -36.35
N ILE C 352 -6.28 14.82 -35.92
CA ILE C 352 -5.54 15.00 -34.69
C ILE C 352 -6.28 14.38 -33.51
N ILE C 353 -7.61 14.47 -33.51
CA ILE C 353 -8.38 13.87 -32.42
C ILE C 353 -8.30 12.36 -32.53
N SER C 354 -8.31 11.86 -33.76
CA SER C 354 -8.21 10.43 -33.96
C SER C 354 -6.89 9.96 -33.38
N THR C 355 -5.81 10.65 -33.72
CA THR C 355 -4.47 10.30 -33.23
C THR C 355 -4.41 10.34 -31.70
N ILE C 356 -5.00 11.35 -31.09
CA ILE C 356 -5.00 11.47 -29.64
C ILE C 356 -5.74 10.32 -28.97
N ARG C 357 -6.79 9.82 -29.60
CA ARG C 357 -7.55 8.70 -29.02
C ARG C 357 -6.77 7.38 -29.03
N THR C 358 -6.03 7.14 -30.11
CA THR C 358 -5.30 5.90 -30.29
C THR C 358 -3.99 5.77 -29.50
N GLN C 359 -3.36 6.90 -29.19
CA GLN C 359 -2.11 6.85 -28.41
C GLN C 359 -2.53 6.51 -26.98
N LEU D 26 -6.96 -1.35 29.30
CA LEU D 26 -6.79 -2.79 29.44
C LEU D 26 -7.62 -3.35 30.60
N SER D 27 -8.37 -4.41 30.32
CA SER D 27 -9.19 -5.03 31.38
C SER D 27 -8.37 -6.14 32.02
N SER D 28 -8.51 -6.27 33.33
CA SER D 28 -7.78 -7.30 34.06
C SER D 28 -8.13 -8.66 33.49
N SER D 29 -9.39 -8.82 33.07
CA SER D 29 -9.84 -10.08 32.52
C SER D 29 -9.13 -10.40 31.20
N LEU D 30 -8.90 -9.37 30.39
CA LEU D 30 -8.21 -9.56 29.12
C LEU D 30 -6.76 -9.97 29.36
N LYS D 31 -6.10 -9.31 30.32
CA LYS D 31 -4.72 -9.64 30.64
C LYS D 31 -4.66 -11.09 31.07
N THR D 32 -5.64 -11.50 31.88
CA THR D 32 -5.69 -12.88 32.35
C THR D 32 -5.89 -13.83 31.18
N CYS D 33 -6.70 -13.42 30.21
CA CYS D 33 -6.95 -14.25 29.04
C CYS D 33 -5.64 -14.52 28.31
N TYR D 34 -4.83 -13.48 28.15
CA TYR D 34 -3.55 -13.62 27.48
C TYR D 34 -2.55 -14.39 28.33
N LYS D 35 -2.72 -14.32 29.64
CA LYS D 35 -1.87 -15.06 30.56
C LYS D 35 -2.16 -16.54 30.33
N TYR D 36 -3.44 -16.87 30.22
CA TYR D 36 -3.82 -18.25 29.98
C TYR D 36 -3.34 -18.71 28.61
N LEU D 37 -3.47 -17.82 27.61
CA LEU D 37 -3.05 -18.14 26.25
C LEU D 37 -1.60 -18.61 26.27
N ASN D 38 -0.74 -17.87 26.94
CA ASN D 38 0.67 -18.23 27.03
C ASN D 38 0.91 -19.49 27.87
N GLN D 39 0.04 -19.75 28.84
CA GLN D 39 0.19 -20.95 29.67
C GLN D 39 -0.15 -22.18 28.85
N THR D 40 -1.31 -22.13 28.19
CA THR D 40 -1.79 -23.26 27.39
C THR D 40 -1.26 -23.35 25.96
N SER D 41 -0.58 -22.31 25.48
CA SER D 41 -0.04 -22.34 24.13
C SER D 41 1.43 -21.96 24.09
N ARG D 42 2.28 -22.94 24.35
CA ARG D 42 3.72 -22.70 24.34
C ARG D 42 4.23 -22.30 22.96
N SER D 43 3.77 -23.00 21.94
CA SER D 43 4.22 -22.73 20.57
C SER D 43 3.20 -22.02 19.68
N PHE D 44 2.77 -20.83 20.06
CA PHE D 44 1.84 -20.10 19.21
C PHE D 44 1.27 -18.81 19.78
N ALA D 45 1.27 -18.69 21.10
CA ALA D 45 0.75 -17.47 21.71
C ALA D 45 1.43 -16.27 21.04
N ALA D 46 2.68 -16.47 20.64
CA ALA D 46 3.46 -15.43 20.01
C ALA D 46 2.92 -14.97 18.64
N VAL D 47 2.63 -15.91 17.74
CA VAL D 47 2.13 -15.49 16.44
C VAL D 47 0.68 -15.02 16.51
N ILE D 48 -0.04 -15.44 17.55
CA ILE D 48 -1.42 -15.00 17.73
C ILE D 48 -1.37 -13.56 18.23
N GLN D 49 -0.44 -13.29 19.15
CA GLN D 49 -0.29 -11.94 19.71
C GLN D 49 0.24 -10.98 18.65
N ALA D 50 0.71 -11.51 17.53
CA ALA D 50 1.24 -10.67 16.45
C ALA D 50 0.17 -10.34 15.36
N LEU D 51 -1.02 -10.90 15.50
CA LEU D 51 -2.10 -10.63 14.53
C LEU D 51 -2.52 -9.15 14.59
N ASP D 52 -2.78 -8.55 13.44
CA ASP D 52 -3.18 -7.13 13.43
C ASP D 52 -4.58 -6.89 14.00
N GLY D 53 -4.74 -5.73 14.63
CA GLY D 53 -6.01 -5.30 15.19
C GLY D 53 -6.94 -6.30 15.85
N GLU D 54 -8.21 -6.26 15.44
CA GLU D 54 -9.26 -7.10 15.99
C GLU D 54 -8.99 -8.60 16.03
N MET D 55 -8.28 -9.10 15.02
CA MET D 55 -7.99 -10.53 14.96
C MET D 55 -7.23 -11.02 16.19
N ARG D 56 -6.52 -10.11 16.84
CA ARG D 56 -5.72 -10.44 18.01
C ARG D 56 -6.52 -11.07 19.15
N ASN D 57 -7.48 -10.33 19.69
CA ASN D 57 -8.31 -10.83 20.78
C ASN D 57 -9.26 -11.92 20.29
N ALA D 58 -9.77 -11.76 19.08
CA ALA D 58 -10.69 -12.73 18.50
C ALA D 58 -10.08 -14.13 18.44
N VAL D 59 -8.84 -14.23 17.99
CA VAL D 59 -8.19 -15.53 17.91
C VAL D 59 -7.71 -15.98 19.29
N CYS D 60 -7.33 -15.03 20.14
CA CYS D 60 -6.90 -15.35 21.49
C CYS D 60 -8.04 -16.08 22.21
N ILE D 61 -9.21 -15.47 22.20
CA ILE D 61 -10.39 -16.04 22.85
C ILE D 61 -10.85 -17.32 22.15
N PHE D 62 -10.84 -17.34 20.83
CA PHE D 62 -11.25 -18.52 20.10
C PHE D 62 -10.38 -19.69 20.57
N TYR D 63 -9.08 -19.45 20.62
CA TYR D 63 -8.14 -20.48 21.05
C TYR D 63 -8.43 -20.93 22.48
N LEU D 64 -8.69 -19.97 23.37
CA LEU D 64 -8.97 -20.30 24.75
C LEU D 64 -10.22 -21.16 24.93
N VAL D 65 -11.33 -20.76 24.30
CA VAL D 65 -12.56 -21.55 24.40
C VAL D 65 -12.34 -22.95 23.83
N LEU D 66 -11.66 -23.03 22.69
CA LEU D 66 -11.40 -24.34 22.09
C LEU D 66 -10.52 -25.14 23.03
N ARG D 67 -9.64 -24.44 23.76
CA ARG D 67 -8.78 -25.11 24.71
C ARG D 67 -9.66 -25.74 25.80
N ALA D 68 -10.59 -24.96 26.33
CA ALA D 68 -11.49 -25.43 27.36
C ALA D 68 -12.33 -26.61 26.88
N LEU D 69 -12.77 -26.57 25.63
CA LEU D 69 -13.58 -27.67 25.10
C LEU D 69 -12.73 -28.93 24.98
N ASP D 70 -11.47 -28.77 24.58
CA ASP D 70 -10.57 -29.92 24.43
C ASP D 70 -10.26 -30.54 25.77
N THR D 71 -10.13 -29.70 26.78
CA THR D 71 -9.83 -30.16 28.13
C THR D 71 -10.96 -31.04 28.65
N LEU D 72 -12.19 -30.71 28.27
CA LEU D 72 -13.35 -31.49 28.69
C LEU D 72 -13.38 -32.81 27.90
N GLU D 73 -13.14 -32.71 26.61
CA GLU D 73 -13.16 -33.89 25.75
C GLU D 73 -12.03 -34.88 26.09
N ASP D 74 -10.95 -34.37 26.67
CA ASP D 74 -9.81 -35.21 27.01
C ASP D 74 -9.80 -35.71 28.46
N ASP D 75 -10.64 -35.12 29.30
CA ASP D 75 -10.68 -35.49 30.71
C ASP D 75 -11.47 -36.79 30.92
N MET D 76 -10.75 -37.88 31.15
CA MET D 76 -11.37 -39.18 31.35
C MET D 76 -12.00 -39.37 32.73
N THR D 77 -11.84 -38.37 33.61
CA THR D 77 -12.43 -38.45 34.94
C THR D 77 -13.81 -37.81 34.93
N ILE D 78 -14.48 -37.89 33.78
CA ILE D 78 -15.82 -37.33 33.61
C ILE D 78 -16.75 -38.39 33.03
N SER D 79 -17.71 -38.84 33.83
CA SER D 79 -18.66 -39.85 33.38
C SER D 79 -19.23 -39.44 32.03
N VAL D 80 -19.24 -40.38 31.09
CA VAL D 80 -19.73 -40.14 29.74
C VAL D 80 -21.08 -39.42 29.66
N GLU D 81 -21.92 -39.56 30.69
CA GLU D 81 -23.23 -38.93 30.70
C GLU D 81 -23.18 -37.49 31.19
N LYS D 82 -22.11 -37.13 31.89
CA LYS D 82 -21.97 -35.77 32.38
C LYS D 82 -21.24 -35.02 31.28
N LYS D 83 -20.37 -35.74 30.57
CA LYS D 83 -19.58 -35.16 29.49
C LYS D 83 -20.35 -34.84 28.21
N VAL D 84 -21.03 -35.83 27.65
CA VAL D 84 -21.78 -35.60 26.42
C VAL D 84 -22.60 -34.30 26.45
N PRO D 85 -23.36 -34.06 27.53
CA PRO D 85 -24.15 -32.82 27.59
C PRO D 85 -23.27 -31.56 27.66
N LEU D 86 -22.12 -31.70 28.31
CA LEU D 86 -21.18 -30.58 28.46
C LEU D 86 -20.58 -30.19 27.10
N LEU D 87 -20.24 -31.19 26.30
CA LEU D 87 -19.66 -30.95 24.97
C LEU D 87 -20.72 -30.39 24.03
N HIS D 88 -21.96 -30.83 24.24
CA HIS D 88 -23.08 -30.41 23.42
C HIS D 88 -23.55 -28.99 23.71
N ASN D 89 -23.50 -28.60 24.98
CA ASN D 89 -23.96 -27.27 25.38
C ASN D 89 -22.84 -26.31 25.69
N PHE D 90 -21.61 -26.71 25.40
CA PHE D 90 -20.46 -25.87 25.67
C PHE D 90 -20.65 -24.51 25.01
N HIS D 91 -21.05 -24.54 23.74
CA HIS D 91 -21.25 -23.32 22.97
C HIS D 91 -22.20 -22.30 23.61
N SER D 92 -23.15 -22.78 24.40
CA SER D 92 -24.09 -21.85 25.03
C SER D 92 -23.60 -21.30 26.37
N PHE D 93 -22.62 -21.97 26.98
CA PHE D 93 -22.06 -21.49 28.24
C PHE D 93 -21.37 -20.14 27.97
N LEU D 94 -20.98 -19.92 26.71
CA LEU D 94 -20.32 -18.68 26.32
C LEU D 94 -21.18 -17.46 26.63
N TYR D 95 -22.49 -17.66 26.74
CA TYR D 95 -23.41 -16.57 27.03
C TYR D 95 -23.88 -16.55 28.48
N GLN D 96 -23.43 -17.55 29.23
CA GLN D 96 -23.77 -17.70 30.65
C GLN D 96 -22.62 -17.18 31.50
N PRO D 97 -22.71 -15.93 31.96
CA PRO D 97 -21.67 -15.30 32.77
C PRO D 97 -21.06 -16.12 33.92
N ASP D 98 -21.90 -16.87 34.65
CA ASP D 98 -21.40 -17.64 35.78
C ASP D 98 -20.90 -19.06 35.53
N TRP D 99 -21.24 -19.64 34.38
CA TRP D 99 -20.81 -21.01 34.11
C TRP D 99 -19.34 -21.26 34.37
N ARG D 100 -19.02 -22.48 34.79
CA ARG D 100 -17.66 -22.93 35.05
C ARG D 100 -17.67 -24.43 35.35
N PHE D 101 -16.49 -25.03 35.43
CA PHE D 101 -16.35 -26.46 35.70
C PHE D 101 -15.22 -26.64 36.69
N MET D 102 -15.51 -27.19 37.87
CA MET D 102 -14.50 -27.37 38.91
C MET D 102 -13.98 -28.80 39.10
N GLU D 103 -14.57 -29.76 38.41
CA GLU D 103 -14.15 -31.15 38.58
C GLU D 103 -13.10 -31.67 37.60
N SER D 104 -12.45 -30.77 36.87
CA SER D 104 -11.44 -31.21 35.91
C SER D 104 -10.09 -31.40 36.60
N LYS D 105 -9.37 -32.44 36.19
CA LYS D 105 -8.06 -32.72 36.77
C LYS D 105 -6.96 -32.67 35.71
N GLU D 106 -7.32 -32.27 34.49
CA GLU D 106 -6.36 -32.15 33.41
C GLU D 106 -5.42 -31.00 33.77
N LYS D 107 -4.29 -30.91 33.08
CA LYS D 107 -3.33 -29.85 33.36
C LYS D 107 -3.86 -28.43 33.12
N ASP D 108 -4.69 -28.26 32.08
CA ASP D 108 -5.24 -26.94 31.78
C ASP D 108 -6.58 -26.70 32.47
N ARG D 109 -6.75 -27.30 33.64
CA ARG D 109 -7.99 -27.15 34.40
C ARG D 109 -8.35 -25.69 34.70
N GLN D 110 -7.37 -24.80 34.60
CA GLN D 110 -7.58 -23.39 34.91
C GLN D 110 -8.55 -22.64 33.97
N VAL D 111 -8.61 -23.02 32.69
CA VAL D 111 -9.53 -22.33 31.76
C VAL D 111 -10.98 -22.64 32.08
N LEU D 112 -11.26 -23.88 32.50
CA LEU D 112 -12.62 -24.29 32.86
C LEU D 112 -12.97 -23.65 34.20
N GLU D 113 -12.03 -23.70 35.14
CA GLU D 113 -12.23 -23.14 36.46
C GLU D 113 -12.49 -21.63 36.46
N ASP D 114 -11.85 -20.92 35.53
CA ASP D 114 -12.04 -19.47 35.45
C ASP D 114 -12.65 -19.09 34.10
N PHE D 115 -13.44 -20.00 33.54
CA PHE D 115 -14.10 -19.76 32.27
C PHE D 115 -14.85 -18.41 32.23
N PRO D 116 -15.51 -18.03 33.34
CA PRO D 116 -16.25 -16.75 33.36
C PRO D 116 -15.43 -15.59 32.80
N THR D 117 -14.14 -15.59 33.12
CA THR D 117 -13.23 -14.55 32.65
C THR D 117 -13.10 -14.64 31.12
N ILE D 118 -12.96 -15.86 30.63
CA ILE D 118 -12.85 -16.10 29.20
C ILE D 118 -14.15 -15.77 28.47
N SER D 119 -15.27 -16.25 29.01
CA SER D 119 -16.57 -15.99 28.36
C SER D 119 -16.87 -14.50 28.41
N LEU D 120 -16.42 -13.82 29.44
CA LEU D 120 -16.65 -12.38 29.55
C LEU D 120 -16.03 -11.64 28.37
N GLU D 121 -14.77 -11.97 28.06
CA GLU D 121 -14.07 -11.31 26.95
C GLU D 121 -14.61 -11.75 25.59
N PHE D 122 -15.18 -12.95 25.54
CA PHE D 122 -15.77 -13.44 24.31
C PHE D 122 -16.97 -12.55 23.99
N ARG D 123 -17.74 -12.21 25.02
CA ARG D 123 -18.91 -11.38 24.84
C ARG D 123 -18.59 -9.90 24.58
N ASN D 124 -17.31 -9.54 24.67
CA ASN D 124 -16.89 -8.16 24.39
C ASN D 124 -16.39 -8.05 22.96
N LEU D 125 -16.27 -9.19 22.28
CA LEU D 125 -15.83 -9.20 20.89
C LEU D 125 -16.97 -8.70 20.02
N ALA D 126 -16.66 -8.21 18.82
CA ALA D 126 -17.70 -7.76 17.92
C ALA D 126 -18.66 -8.94 17.70
N GLU D 127 -19.95 -8.65 17.59
CA GLU D 127 -20.94 -9.69 17.39
C GLU D 127 -20.61 -10.66 16.24
N LYS D 128 -20.06 -10.14 15.15
CA LYS D 128 -19.73 -10.99 14.01
C LYS D 128 -18.67 -12.06 14.34
N TYR D 129 -17.85 -11.83 15.35
CA TYR D 129 -16.84 -12.82 15.73
C TYR D 129 -17.48 -13.80 16.70
N GLN D 130 -18.41 -13.30 17.53
CA GLN D 130 -19.12 -14.14 18.50
C GLN D 130 -19.89 -15.25 17.78
N THR D 131 -20.71 -14.86 16.79
CA THR D 131 -21.50 -15.83 16.05
C THR D 131 -20.63 -16.88 15.38
N VAL D 132 -19.48 -16.47 14.86
CA VAL D 132 -18.59 -17.44 14.23
C VAL D 132 -18.05 -18.44 15.25
N ILE D 133 -17.53 -17.92 16.36
CA ILE D 133 -16.96 -18.77 17.41
C ILE D 133 -17.99 -19.70 18.05
N ALA D 134 -19.16 -19.16 18.36
CA ALA D 134 -20.23 -19.93 18.98
C ALA D 134 -20.69 -21.07 18.07
N ASP D 135 -20.87 -20.77 16.79
CA ASP D 135 -21.30 -21.77 15.82
C ASP D 135 -20.30 -22.91 15.69
N ILE D 136 -19.01 -22.57 15.67
CA ILE D 136 -17.98 -23.58 15.54
C ILE D 136 -17.92 -24.49 16.75
N CYS D 137 -18.04 -23.94 17.96
CA CYS D 137 -18.03 -24.75 19.17
C CYS D 137 -19.25 -25.66 19.23
N ARG D 138 -20.39 -25.20 18.73
CA ARG D 138 -21.60 -26.00 18.76
C ARG D 138 -21.40 -27.24 17.90
N ARG D 139 -20.94 -27.03 16.68
CA ARG D 139 -20.72 -28.13 15.76
C ARG D 139 -19.55 -29.02 16.21
N MET D 140 -18.54 -28.40 16.81
CA MET D 140 -17.38 -29.15 17.26
C MET D 140 -17.78 -30.04 18.44
N GLY D 141 -18.67 -29.53 19.28
CA GLY D 141 -19.13 -30.29 20.42
C GLY D 141 -19.87 -31.53 20.01
N ILE D 142 -20.55 -31.45 18.87
CA ILE D 142 -21.31 -32.58 18.36
C ILE D 142 -20.37 -33.71 17.95
N GLY D 143 -19.48 -33.42 17.02
CA GLY D 143 -18.54 -34.40 16.53
C GLY D 143 -17.68 -35.04 17.60
N MET D 144 -17.31 -34.26 18.62
CA MET D 144 -16.48 -34.80 19.68
C MET D 144 -17.26 -35.82 20.48
N ALA D 145 -18.49 -35.49 20.84
CA ALA D 145 -19.34 -36.40 21.61
C ALA D 145 -19.59 -37.67 20.79
N GLU D 146 -19.69 -37.48 19.48
CA GLU D 146 -19.94 -38.57 18.55
C GLU D 146 -18.75 -39.54 18.45
N PHE D 147 -17.55 -39.05 18.70
CA PHE D 147 -16.36 -39.90 18.65
C PHE D 147 -15.80 -40.17 20.02
N LEU D 148 -16.64 -40.08 21.04
CA LEU D 148 -16.18 -40.32 22.40
C LEU D 148 -16.02 -41.80 22.70
N ASP D 149 -16.82 -42.63 22.04
CA ASP D 149 -16.76 -44.06 22.25
C ASP D 149 -16.12 -44.84 21.12
N LYS D 150 -16.28 -44.36 19.89
CA LYS D 150 -15.72 -45.06 18.74
C LYS D 150 -14.41 -44.52 18.17
N HIS D 151 -13.51 -45.42 17.85
CA HIS D 151 -12.22 -45.06 17.26
C HIS D 151 -12.56 -44.85 15.78
N VAL D 152 -11.59 -44.40 14.99
CA VAL D 152 -11.85 -44.18 13.58
C VAL D 152 -11.78 -45.48 12.79
N THR D 153 -12.84 -45.78 12.04
CA THR D 153 -12.88 -46.98 11.22
C THR D 153 -12.34 -46.70 9.83
N SER D 154 -13.21 -46.26 8.92
CA SER D 154 -12.82 -45.96 7.55
C SER D 154 -12.04 -44.66 7.41
N GLU D 155 -11.35 -44.52 6.29
CA GLU D 155 -10.57 -43.32 6.01
C GLU D 155 -11.56 -42.16 5.90
N GLN D 156 -12.75 -42.48 5.42
CA GLN D 156 -13.82 -41.50 5.27
C GLN D 156 -14.13 -40.96 6.66
N GLU D 157 -14.13 -41.87 7.65
CA GLU D 157 -14.39 -41.50 9.03
C GLU D 157 -13.22 -40.70 9.61
N TRP D 158 -12.02 -40.97 9.10
CA TRP D 158 -10.85 -40.26 9.59
C TRP D 158 -10.94 -38.78 9.22
N ASP D 159 -11.48 -38.49 8.04
CA ASP D 159 -11.64 -37.12 7.58
C ASP D 159 -12.72 -36.46 8.40
N LYS D 160 -13.80 -37.22 8.68
CA LYS D 160 -14.89 -36.69 9.47
C LYS D 160 -14.38 -36.32 10.85
N TYR D 161 -13.59 -37.21 11.45
CA TYR D 161 -13.06 -36.94 12.78
C TYR D 161 -12.18 -35.69 12.80
N CYS D 162 -11.22 -35.63 11.88
CA CYS D 162 -10.32 -34.48 11.80
C CYS D 162 -11.11 -33.19 11.50
N HIS D 163 -12.18 -33.30 10.71
CA HIS D 163 -13.00 -32.15 10.39
C HIS D 163 -13.56 -31.54 11.68
N TYR D 164 -14.02 -32.40 12.57
CA TYR D 164 -14.61 -31.98 13.84
C TYR D 164 -13.65 -31.40 14.86
N VAL D 165 -12.38 -31.78 14.81
CA VAL D 165 -11.45 -31.25 15.80
C VAL D 165 -10.41 -30.31 15.24
N ALA D 166 -10.28 -30.28 13.92
CA ALA D 166 -9.28 -29.43 13.28
C ALA D 166 -9.84 -28.63 12.09
N GLY D 167 -10.54 -29.33 11.20
CA GLY D 167 -11.12 -28.68 10.03
C GLY D 167 -11.94 -27.46 10.39
N LEU D 168 -12.91 -27.64 11.28
CA LEU D 168 -13.78 -26.54 11.73
C LEU D 168 -13.00 -25.38 12.32
N VAL D 169 -11.86 -25.66 12.96
CA VAL D 169 -11.04 -24.59 13.51
C VAL D 169 -10.48 -23.80 12.33
N GLY D 170 -10.10 -24.52 11.28
CA GLY D 170 -9.55 -23.87 10.10
C GLY D 170 -10.61 -23.03 9.43
N ILE D 171 -11.83 -23.56 9.39
CA ILE D 171 -12.97 -22.89 8.79
C ILE D 171 -13.37 -21.68 9.64
N GLY D 172 -13.34 -21.88 10.96
CA GLY D 172 -13.69 -20.81 11.89
C GLY D 172 -12.75 -19.63 11.76
N LEU D 173 -11.45 -19.92 11.78
CA LEU D 173 -10.43 -18.87 11.65
C LEU D 173 -10.60 -18.12 10.33
N SER D 174 -10.91 -18.84 9.27
CA SER D 174 -11.07 -18.23 7.97
C SER D 174 -12.26 -17.28 7.96
N ARG D 175 -13.32 -17.64 8.65
CA ARG D 175 -14.48 -16.75 8.70
C ARG D 175 -14.15 -15.52 9.54
N LEU D 176 -13.30 -15.68 10.56
CA LEU D 176 -12.90 -14.55 11.39
C LEU D 176 -11.99 -13.63 10.57
N PHE D 177 -11.08 -14.23 9.81
CA PHE D 177 -10.16 -13.47 8.98
C PHE D 177 -10.91 -12.59 7.99
N SER D 178 -11.92 -13.15 7.33
CA SER D 178 -12.73 -12.40 6.35
C SER D 178 -13.66 -11.38 6.98
N ALA D 179 -14.23 -11.71 8.14
CA ALA D 179 -15.15 -10.79 8.80
C ALA D 179 -14.39 -9.57 9.31
N SER D 180 -13.10 -9.74 9.54
CA SER D 180 -12.27 -8.64 10.02
C SER D 180 -11.85 -7.74 8.85
N GLU D 181 -12.05 -8.23 7.63
CA GLU D 181 -11.71 -7.49 6.42
C GLU D 181 -10.20 -7.47 6.15
N PHE D 182 -9.42 -8.09 7.01
CA PHE D 182 -7.97 -8.15 6.81
C PHE D 182 -7.69 -9.11 5.65
N GLU D 183 -8.63 -10.01 5.40
CA GLU D 183 -8.49 -10.96 4.31
C GLU D 183 -9.72 -10.90 3.43
N ASP D 184 -9.55 -11.35 2.19
CA ASP D 184 -10.62 -11.35 1.20
C ASP D 184 -11.83 -12.17 1.61
N PRO D 185 -13.01 -11.84 1.08
CA PRO D 185 -14.24 -12.56 1.40
C PRO D 185 -14.15 -14.03 1.02
N LEU D 186 -13.36 -14.33 0.00
CA LEU D 186 -13.19 -15.71 -0.50
C LEU D 186 -12.57 -16.66 0.54
N VAL D 187 -11.71 -16.13 1.39
CA VAL D 187 -11.05 -16.95 2.39
C VAL D 187 -12.07 -17.60 3.33
N GLY D 188 -13.09 -16.83 3.70
CA GLY D 188 -14.12 -17.35 4.58
C GLY D 188 -15.14 -18.22 3.86
N GLU D 189 -15.46 -17.89 2.61
CA GLU D 189 -16.44 -18.66 1.83
C GLU D 189 -15.97 -20.05 1.40
N ASP D 190 -14.71 -20.17 0.99
CA ASP D 190 -14.20 -21.48 0.54
C ASP D 190 -13.89 -22.40 1.73
N THR D 191 -14.94 -23.02 2.27
CA THR D 191 -14.79 -23.91 3.41
C THR D 191 -13.94 -25.16 3.16
N GLU D 192 -14.01 -25.71 1.96
CA GLU D 192 -13.22 -26.90 1.64
C GLU D 192 -11.74 -26.66 1.86
N ARG D 193 -11.25 -25.52 1.38
CA ARG D 193 -9.84 -25.19 1.53
C ARG D 193 -9.47 -24.94 2.99
N ALA D 194 -10.34 -24.26 3.73
CA ALA D 194 -10.09 -23.98 5.13
C ALA D 194 -10.04 -25.33 5.85
N ASN D 195 -11.00 -26.19 5.52
CA ASN D 195 -11.09 -27.52 6.10
C ASN D 195 -9.79 -28.30 5.91
N SER D 196 -9.27 -28.31 4.69
CA SER D 196 -8.03 -29.02 4.40
C SER D 196 -6.85 -28.57 5.25
N MET D 197 -6.71 -27.27 5.48
CA MET D 197 -5.61 -26.77 6.31
C MET D 197 -5.65 -27.51 7.64
N GLY D 198 -6.86 -27.71 8.17
CA GLY D 198 -7.03 -28.41 9.43
C GLY D 198 -6.73 -29.89 9.32
N LEU D 199 -7.34 -30.55 8.34
CA LEU D 199 -7.12 -31.97 8.15
C LEU D 199 -5.64 -32.30 8.03
N PHE D 200 -4.91 -31.46 7.31
CA PHE D 200 -3.49 -31.71 7.12
C PHE D 200 -2.70 -31.63 8.43
N LEU D 201 -2.94 -30.60 9.23
CA LEU D 201 -2.22 -30.49 10.49
C LEU D 201 -2.59 -31.66 11.39
N GLN D 202 -3.89 -31.92 11.51
CA GLN D 202 -4.37 -32.98 12.38
C GLN D 202 -3.85 -34.38 12.02
N LYS D 203 -3.97 -34.77 10.75
CA LYS D 203 -3.48 -36.08 10.34
C LYS D 203 -1.99 -36.22 10.62
N THR D 204 -1.24 -35.15 10.37
CA THR D 204 0.19 -35.13 10.58
C THR D 204 0.50 -35.43 12.05
N ASN D 205 -0.08 -34.66 12.96
CA ASN D 205 0.15 -34.88 14.38
C ASN D 205 -0.28 -36.27 14.81
N ILE D 206 -1.40 -36.74 14.26
CA ILE D 206 -1.92 -38.07 14.58
C ILE D 206 -0.92 -39.14 14.16
N ILE D 207 -0.36 -38.98 12.96
CA ILE D 207 0.62 -39.92 12.45
C ILE D 207 1.86 -39.92 13.35
N ARG D 208 2.49 -38.75 13.49
CA ARG D 208 3.68 -38.60 14.31
C ARG D 208 3.50 -39.08 15.76
N ASP D 209 2.30 -38.91 16.28
CA ASP D 209 2.00 -39.28 17.66
C ASP D 209 1.47 -40.71 17.85
N TYR D 210 1.88 -41.61 16.97
CA TYR D 210 1.42 -42.99 17.07
C TYR D 210 1.70 -43.61 18.43
N LEU D 211 2.98 -43.73 18.78
CA LEU D 211 3.38 -44.33 20.04
C LEU D 211 2.73 -43.67 21.25
N GLU D 212 2.97 -42.37 21.42
CA GLU D 212 2.40 -41.64 22.55
C GLU D 212 0.92 -41.93 22.73
N ASP D 213 0.20 -42.04 21.61
CA ASP D 213 -1.23 -42.33 21.67
C ASP D 213 -1.46 -43.73 22.22
N GLN D 214 -0.62 -44.68 21.82
CA GLN D 214 -0.73 -46.06 22.29
C GLN D 214 -0.35 -46.18 23.75
N GLN D 215 0.68 -45.43 24.16
CA GLN D 215 1.10 -45.44 25.56
C GLN D 215 0.19 -44.50 26.34
N GLY D 216 -1.05 -44.39 25.87
CA GLY D 216 -2.03 -43.52 26.51
C GLY D 216 -3.45 -44.02 26.31
N GLY D 217 -3.60 -45.17 25.66
CA GLY D 217 -4.92 -45.74 25.44
C GLY D 217 -5.72 -45.10 24.32
N ARG D 218 -5.09 -44.20 23.57
CA ARG D 218 -5.77 -43.53 22.46
C ARG D 218 -5.41 -44.16 21.12
N GLU D 219 -6.42 -44.37 20.29
CA GLU D 219 -6.24 -44.97 18.97
C GLU D 219 -6.89 -44.08 17.91
N PHE D 220 -6.06 -43.39 17.13
CA PHE D 220 -6.56 -42.48 16.11
C PHE D 220 -6.34 -42.92 14.67
N TRP D 221 -5.36 -43.79 14.47
CA TRP D 221 -5.07 -44.29 13.12
C TRP D 221 -6.29 -45.05 12.59
N PRO D 222 -6.68 -44.78 11.32
CA PRO D 222 -7.84 -45.45 10.71
C PRO D 222 -7.74 -46.97 10.69
N GLN D 223 -8.72 -47.62 11.31
CA GLN D 223 -8.76 -49.08 11.40
C GLN D 223 -8.76 -49.75 10.03
N GLU D 224 -9.67 -49.35 9.16
CA GLU D 224 -9.76 -49.94 7.83
C GLU D 224 -8.44 -49.96 7.08
N VAL D 225 -7.45 -49.25 7.59
CA VAL D 225 -6.14 -49.20 6.95
C VAL D 225 -5.12 -50.07 7.67
N TRP D 226 -4.97 -49.90 8.98
CA TRP D 226 -4.00 -50.69 9.73
C TRP D 226 -4.47 -52.13 9.94
N SER D 227 -5.79 -52.35 9.85
CA SER D 227 -6.34 -53.69 10.03
C SER D 227 -5.84 -54.62 8.92
N ARG D 228 -5.30 -54.03 7.85
CA ARG D 228 -4.78 -54.80 6.74
C ARG D 228 -3.31 -55.14 6.95
N TYR D 229 -2.76 -54.66 8.06
CA TYR D 229 -1.36 -54.91 8.38
C TYR D 229 -1.21 -55.75 9.64
N VAL D 230 -2.13 -55.59 10.60
CA VAL D 230 -2.09 -56.35 11.84
C VAL D 230 -3.51 -56.64 12.32
N LYS D 231 -3.62 -57.14 13.54
CA LYS D 231 -4.92 -57.46 14.13
C LYS D 231 -5.28 -56.39 15.16
N LYS D 232 -4.26 -55.90 15.85
CA LYS D 232 -4.42 -54.87 16.86
C LYS D 232 -3.47 -53.71 16.56
N LEU D 233 -4.00 -52.50 16.45
CA LEU D 233 -3.18 -51.34 16.16
C LEU D 233 -1.97 -51.26 17.09
N GLY D 234 -2.05 -51.92 18.24
CA GLY D 234 -0.96 -51.91 19.18
C GLY D 234 0.24 -52.72 18.71
N ASP D 235 0.00 -53.61 17.76
CA ASP D 235 1.06 -54.47 17.24
C ASP D 235 2.15 -53.72 16.48
N PHE D 236 1.96 -52.44 16.21
CA PHE D 236 2.96 -51.65 15.50
C PHE D 236 4.16 -51.32 16.38
N ALA D 237 3.98 -51.40 17.68
CA ALA D 237 5.06 -51.12 18.59
C ALA D 237 5.90 -52.39 18.71
N LEU D 238 5.27 -53.53 18.47
CA LEU D 238 5.92 -54.83 18.53
C LEU D 238 6.93 -54.99 17.38
N PRO D 239 8.23 -55.03 17.73
CA PRO D 239 9.40 -55.17 16.85
C PRO D 239 9.33 -56.07 15.61
N GLU D 240 8.61 -57.18 15.70
CA GLU D 240 8.52 -58.09 14.56
C GLU D 240 7.61 -57.58 13.45
N ASN D 241 6.63 -56.77 13.81
CA ASN D 241 5.68 -56.23 12.85
C ASN D 241 6.14 -54.92 12.21
N ILE D 242 7.34 -54.47 12.55
CA ILE D 242 7.88 -53.23 12.01
C ILE D 242 7.69 -53.01 10.51
N ASP D 243 8.10 -53.97 9.69
CA ASP D 243 7.95 -53.82 8.25
C ASP D 243 6.53 -53.44 7.85
N LEU D 244 5.56 -54.11 8.44
CA LEU D 244 4.16 -53.82 8.13
C LEU D 244 3.79 -52.46 8.72
N ALA D 245 4.49 -52.08 9.78
CA ALA D 245 4.24 -50.81 10.45
C ALA D 245 4.63 -49.66 9.51
N VAL D 246 5.89 -49.65 9.12
CA VAL D 246 6.39 -48.61 8.22
C VAL D 246 5.56 -48.58 6.94
N GLN D 247 5.02 -49.73 6.56
CA GLN D 247 4.20 -49.80 5.36
C GLN D 247 2.87 -49.08 5.55
N CYS D 248 2.33 -49.20 6.76
CA CYS D 248 1.07 -48.57 7.14
C CYS D 248 1.31 -47.07 7.31
N LEU D 249 2.41 -46.74 7.98
CA LEU D 249 2.79 -45.36 8.21
C LEU D 249 2.88 -44.58 6.91
N ASN D 250 3.55 -45.16 5.92
CA ASN D 250 3.71 -44.50 4.63
C ASN D 250 2.37 -44.31 3.92
N GLU D 251 1.47 -45.27 4.09
CA GLU D 251 0.16 -45.19 3.44
C GLU D 251 -0.62 -43.99 3.98
N LEU D 252 -0.54 -43.78 5.28
CA LEU D 252 -1.23 -42.66 5.91
C LEU D 252 -0.60 -41.36 5.44
N ILE D 253 0.73 -41.31 5.47
CA ILE D 253 1.45 -40.13 5.05
C ILE D 253 1.06 -39.77 3.62
N THR D 254 0.89 -40.80 2.78
CA THR D 254 0.50 -40.56 1.40
C THR D 254 -0.91 -40.01 1.37
N ASN D 255 -1.73 -40.44 2.33
CA ASN D 255 -3.10 -39.97 2.42
C ASN D 255 -3.11 -38.49 2.79
N ALA D 256 -2.29 -38.12 3.75
CA ALA D 256 -2.22 -36.74 4.20
C ALA D 256 -1.72 -35.81 3.10
N LEU D 257 -0.76 -36.28 2.32
CA LEU D 257 -0.19 -35.47 1.25
C LEU D 257 -1.26 -34.94 0.29
N HIS D 258 -2.40 -35.60 0.23
CA HIS D 258 -3.47 -35.18 -0.67
C HIS D 258 -4.03 -33.79 -0.37
N HIS D 259 -3.87 -33.34 0.88
CA HIS D 259 -4.40 -32.05 1.28
C HIS D 259 -3.48 -30.89 0.87
N ILE D 260 -2.26 -31.20 0.47
CA ILE D 260 -1.30 -30.16 0.09
C ILE D 260 -1.78 -29.18 -0.98
N PRO D 261 -2.36 -29.68 -2.07
CA PRO D 261 -2.83 -28.76 -3.12
C PRO D 261 -3.74 -27.69 -2.52
N ASP D 262 -4.70 -28.10 -1.69
CA ASP D 262 -5.63 -27.17 -1.05
C ASP D 262 -4.89 -26.21 -0.12
N VAL D 263 -3.89 -26.73 0.59
CA VAL D 263 -3.12 -25.91 1.51
C VAL D 263 -2.39 -24.78 0.76
N ILE D 264 -1.85 -25.11 -0.42
CA ILE D 264 -1.15 -24.11 -1.22
C ILE D 264 -2.15 -23.08 -1.76
N THR D 265 -3.32 -23.57 -2.19
CA THR D 265 -4.37 -22.70 -2.71
C THR D 265 -4.78 -21.72 -1.60
N TYR D 266 -5.04 -22.27 -0.41
CA TYR D 266 -5.45 -21.45 0.73
C TYR D 266 -4.44 -20.37 1.04
N LEU D 267 -3.19 -20.79 1.27
CA LEU D 267 -2.14 -19.85 1.59
C LEU D 267 -1.93 -18.79 0.50
N SER D 268 -2.18 -19.16 -0.75
CA SER D 268 -2.03 -18.26 -1.90
C SER D 268 -3.00 -17.08 -1.92
N ARG D 269 -4.14 -17.22 -1.26
CA ARG D 269 -5.13 -16.15 -1.21
C ARG D 269 -4.85 -15.12 -0.12
N LEU D 270 -3.96 -15.46 0.82
CA LEU D 270 -3.66 -14.55 1.93
C LEU D 270 -2.90 -13.30 1.51
N ARG D 271 -3.29 -12.17 2.09
CA ARG D 271 -2.64 -10.90 1.75
C ARG D 271 -2.13 -10.16 2.99
N ASN D 272 -2.67 -10.48 4.16
CA ASN D 272 -2.22 -9.81 5.38
C ASN D 272 -1.02 -10.58 5.92
N GLN D 273 0.08 -9.89 6.13
CA GLN D 273 1.30 -10.53 6.61
C GLN D 273 1.17 -11.23 7.96
N SER D 274 0.50 -10.62 8.94
CA SER D 274 0.37 -11.27 10.24
C SER D 274 -0.44 -12.56 10.13
N VAL D 275 -1.49 -12.52 9.32
CA VAL D 275 -2.33 -13.70 9.10
C VAL D 275 -1.51 -14.74 8.35
N PHE D 276 -0.76 -14.31 7.34
CA PHE D 276 0.07 -15.22 6.56
C PHE D 276 1.06 -16.00 7.43
N ASN D 277 1.71 -15.30 8.36
CA ASN D 277 2.67 -15.94 9.27
C ASN D 277 1.97 -16.95 10.14
N PHE D 278 0.79 -16.57 10.63
CA PHE D 278 0.00 -17.41 11.50
C PHE D 278 -0.43 -18.69 10.80
N CYS D 279 -0.81 -18.58 9.53
CA CYS D 279 -1.28 -19.73 8.77
C CYS D 279 -0.19 -20.60 8.19
N ALA D 280 0.86 -19.96 7.69
CA ALA D 280 1.96 -20.65 7.04
C ALA D 280 2.88 -21.49 7.90
N ILE D 281 3.34 -20.94 9.01
CA ILE D 281 4.27 -21.66 9.88
C ILE D 281 3.79 -23.07 10.18
N PRO D 282 2.56 -23.21 10.71
CA PRO D 282 2.03 -24.54 11.03
C PRO D 282 2.06 -25.52 9.87
N GLN D 283 1.66 -25.06 8.69
CA GLN D 283 1.63 -25.94 7.52
C GLN D 283 3.03 -26.36 7.11
N VAL D 284 3.98 -25.44 7.18
CA VAL D 284 5.34 -25.80 6.79
C VAL D 284 5.91 -26.77 7.82
N MET D 285 5.73 -26.47 9.11
CA MET D 285 6.21 -27.36 10.15
C MET D 285 5.58 -28.74 9.99
N ALA D 286 4.32 -28.77 9.60
CA ALA D 286 3.61 -30.04 9.43
C ALA D 286 4.19 -30.83 8.25
N ILE D 287 4.42 -30.13 7.15
CA ILE D 287 4.98 -30.77 5.97
C ILE D 287 6.38 -31.27 6.28
N ALA D 288 7.13 -30.50 7.07
CA ALA D 288 8.48 -30.88 7.45
C ALA D 288 8.43 -32.13 8.33
N THR D 289 7.36 -32.26 9.10
CA THR D 289 7.19 -33.41 9.97
C THR D 289 6.93 -34.67 9.16
N LEU D 290 6.01 -34.58 8.20
CA LEU D 290 5.68 -35.73 7.37
C LEU D 290 6.88 -36.20 6.56
N ALA D 291 7.84 -35.31 6.35
CA ALA D 291 9.03 -35.67 5.59
C ALA D 291 10.03 -36.39 6.48
N ALA D 292 10.03 -36.05 7.77
CA ALA D 292 10.95 -36.67 8.70
C ALA D 292 10.45 -38.04 9.17
N CYS D 293 9.13 -38.22 9.13
CA CYS D 293 8.53 -39.47 9.56
C CYS D 293 8.40 -40.49 8.43
N TYR D 294 8.47 -40.02 7.19
CA TYR D 294 8.31 -40.93 6.06
C TYR D 294 9.36 -42.05 6.03
N ASN D 295 8.87 -43.28 5.89
CA ASN D 295 9.74 -44.45 5.83
C ASN D 295 10.76 -44.39 6.95
N ASN D 296 10.34 -43.89 8.11
CA ASN D 296 11.23 -43.80 9.26
C ASN D 296 10.71 -44.75 10.33
N GLN D 297 11.59 -45.61 10.82
CA GLN D 297 11.22 -46.59 11.83
C GLN D 297 11.05 -45.96 13.20
N GLN D 298 11.81 -44.90 13.46
CA GLN D 298 11.76 -44.20 14.74
C GLN D 298 10.36 -43.77 15.19
N VAL D 299 9.42 -43.77 14.25
CA VAL D 299 8.04 -43.40 14.58
C VAL D 299 7.44 -44.41 15.55
N PHE D 300 7.94 -45.64 15.50
CA PHE D 300 7.45 -46.71 16.35
C PHE D 300 8.41 -47.01 17.51
N LYS D 301 9.37 -46.11 17.72
CA LYS D 301 10.35 -46.26 18.80
C LYS D 301 10.30 -45.05 19.71
N GLY D 302 9.83 -43.93 19.17
CA GLY D 302 9.73 -42.71 19.95
C GLY D 302 9.37 -41.52 19.10
N ALA D 303 9.51 -40.32 19.66
CA ALA D 303 9.20 -39.10 18.92
C ALA D 303 10.29 -38.79 17.90
N VAL D 304 9.91 -38.22 16.77
CA VAL D 304 10.87 -37.89 15.72
C VAL D 304 11.28 -36.43 15.76
N LEU D 305 12.55 -36.19 15.46
CA LEU D 305 13.12 -34.85 15.44
C LEU D 305 12.66 -34.09 14.20
N ILE D 306 12.57 -32.77 14.31
CA ILE D 306 12.16 -31.93 13.18
C ILE D 306 13.41 -31.61 12.37
N ARG D 307 13.77 -32.53 11.49
CA ARG D 307 14.95 -32.40 10.64
C ARG D 307 14.97 -31.09 9.85
N LEU D 308 16.15 -30.47 9.76
CA LEU D 308 16.32 -29.20 9.03
C LEU D 308 15.86 -29.30 7.57
N GLY D 309 16.83 -29.34 6.67
CA GLY D 309 16.54 -29.43 5.25
C GLY D 309 17.80 -29.15 4.44
N GLN D 310 17.64 -28.47 3.31
CA GLN D 310 18.78 -28.14 2.46
C GLN D 310 19.24 -26.73 2.82
N ALA D 311 20.33 -26.27 2.20
CA ALA D 311 20.85 -24.93 2.46
C ALA D 311 19.70 -23.93 2.31
N VAL D 312 18.83 -24.17 1.34
CA VAL D 312 17.66 -23.33 1.11
C VAL D 312 16.82 -23.45 2.38
N THR D 313 15.61 -22.91 2.38
CA THR D 313 14.75 -22.97 3.57
C THR D 313 15.46 -22.16 4.65
N LEU D 314 16.68 -22.60 4.96
CA LEU D 314 17.54 -21.94 5.94
C LEU D 314 17.82 -20.56 5.36
N MET D 315 17.71 -20.46 4.04
CA MET D 315 17.96 -19.21 3.33
C MET D 315 16.66 -18.59 2.80
N MET D 316 15.53 -19.17 3.18
CA MET D 316 14.21 -18.69 2.78
C MET D 316 13.27 -18.85 3.97
N ASP D 317 12.52 -17.82 4.32
CA ASP D 317 11.61 -17.97 5.43
C ASP D 317 10.21 -18.26 4.90
N ALA D 318 9.30 -18.62 5.80
CA ALA D 318 7.92 -18.88 5.41
C ALA D 318 7.14 -17.58 5.60
N THR D 319 7.62 -16.53 4.95
CA THR D 319 7.01 -15.21 5.04
C THR D 319 6.49 -14.61 3.73
N ASN D 320 6.62 -15.37 2.64
CA ASN D 320 6.11 -14.92 1.35
C ASN D 320 5.73 -16.21 0.62
N MET D 321 4.59 -16.18 -0.06
CA MET D 321 4.08 -17.36 -0.74
C MET D 321 5.03 -18.11 -1.68
N PRO D 322 5.81 -17.38 -2.49
CA PRO D 322 6.72 -18.13 -3.37
C PRO D 322 7.73 -18.93 -2.57
N ALA D 323 8.20 -18.37 -1.47
CA ALA D 323 9.18 -19.04 -0.61
C ALA D 323 8.56 -20.28 0.00
N VAL D 324 7.35 -20.13 0.53
CA VAL D 324 6.65 -21.24 1.15
C VAL D 324 6.42 -22.33 0.11
N LYS D 325 6.13 -21.94 -1.12
CA LYS D 325 5.91 -22.92 -2.19
C LYS D 325 7.18 -23.75 -2.39
N ALA D 326 8.30 -23.05 -2.56
CA ALA D 326 9.60 -23.67 -2.77
C ALA D 326 9.94 -24.62 -1.62
N ILE D 327 9.71 -24.16 -0.40
CA ILE D 327 9.98 -24.99 0.76
C ILE D 327 9.16 -26.28 0.68
N ILE D 328 7.88 -26.15 0.39
CA ILE D 328 7.01 -27.32 0.29
C ILE D 328 7.53 -28.30 -0.76
N TYR D 329 7.90 -27.80 -1.93
CA TYR D 329 8.41 -28.67 -2.98
C TYR D 329 9.68 -29.40 -2.51
N GLN D 330 10.56 -28.68 -1.82
CA GLN D 330 11.80 -29.25 -1.29
C GLN D 330 11.49 -30.49 -0.46
N TYR D 331 10.55 -30.35 0.47
CA TYR D 331 10.16 -31.45 1.32
C TYR D 331 9.47 -32.55 0.53
N MET D 332 8.77 -32.18 -0.53
CA MET D 332 8.08 -33.16 -1.38
C MET D 332 9.14 -34.06 -2.00
N GLU D 333 10.16 -33.43 -2.56
CA GLU D 333 11.24 -34.15 -3.22
C GLU D 333 11.99 -35.00 -2.21
N GLU D 334 12.26 -34.45 -1.04
CA GLU D 334 12.96 -35.16 0.02
C GLU D 334 12.26 -36.49 0.27
N ILE D 335 10.93 -36.48 0.23
CA ILE D 335 10.13 -37.68 0.45
C ILE D 335 10.18 -38.57 -0.80
N TYR D 336 9.87 -37.97 -1.94
CA TYR D 336 9.87 -38.69 -3.21
C TYR D 336 11.11 -39.57 -3.35
N HIS D 337 12.27 -39.00 -3.03
CA HIS D 337 13.54 -39.70 -3.14
C HIS D 337 13.60 -40.96 -2.29
N ARG D 338 13.23 -40.85 -1.02
CA ARG D 338 13.26 -42.01 -0.13
C ARG D 338 12.08 -42.98 -0.31
N ILE D 339 11.54 -43.04 -1.52
CA ILE D 339 10.41 -43.93 -1.81
C ILE D 339 10.89 -45.28 -2.35
N PRO D 340 10.84 -46.33 -1.51
CA PRO D 340 11.26 -47.68 -1.90
C PRO D 340 10.26 -48.41 -2.78
N ASP D 341 10.75 -49.00 -3.86
CA ASP D 341 9.89 -49.74 -4.78
C ASP D 341 9.15 -50.81 -4.00
N SER D 342 9.74 -51.23 -2.89
CA SER D 342 9.18 -52.27 -2.02
C SER D 342 7.79 -51.93 -1.52
N ASN D 343 7.70 -50.79 -0.83
CA ASN D 343 6.46 -50.29 -0.25
C ASN D 343 5.27 -50.41 -1.20
N PRO D 344 4.14 -50.94 -0.72
CA PRO D 344 2.92 -51.12 -1.53
C PRO D 344 2.26 -49.82 -1.99
N SER D 345 2.51 -48.75 -1.25
CA SER D 345 1.93 -47.45 -1.57
C SER D 345 2.81 -46.62 -2.49
N SER D 346 4.03 -47.10 -2.75
CA SER D 346 4.98 -46.39 -3.59
C SER D 346 4.37 -45.78 -4.85
N SER D 347 3.44 -46.50 -5.47
CA SER D 347 2.79 -46.03 -6.68
C SER D 347 1.93 -44.80 -6.41
N LYS D 348 1.09 -44.90 -5.38
CA LYS D 348 0.19 -43.80 -5.02
C LYS D 348 0.96 -42.60 -4.48
N THR D 349 2.05 -42.85 -3.76
CA THR D 349 2.86 -41.78 -3.20
C THR D 349 3.53 -40.96 -4.30
N ARG D 350 4.10 -41.63 -5.29
CA ARG D 350 4.74 -40.94 -6.39
C ARG D 350 3.71 -40.17 -7.18
N GLN D 351 2.50 -40.74 -7.27
CA GLN D 351 1.42 -40.13 -8.03
C GLN D 351 0.95 -38.80 -7.42
N ILE D 352 0.66 -38.81 -6.12
CA ILE D 352 0.19 -37.59 -5.45
C ILE D 352 1.26 -36.50 -5.49
N ILE D 353 2.52 -36.86 -5.26
CA ILE D 353 3.59 -35.87 -5.29
C ILE D 353 3.75 -35.30 -6.69
N SER D 354 3.48 -36.12 -7.70
CA SER D 354 3.61 -35.67 -9.08
C SER D 354 2.53 -34.62 -9.33
N THR D 355 1.31 -34.92 -8.87
CA THR D 355 0.18 -34.01 -9.02
C THR D 355 0.49 -32.67 -8.37
N ILE D 356 1.01 -32.73 -7.15
CA ILE D 356 1.34 -31.54 -6.39
C ILE D 356 2.40 -30.67 -7.08
N ARG D 357 3.41 -31.31 -7.67
CA ARG D 357 4.48 -30.57 -8.32
C ARG D 357 4.15 -30.05 -9.73
N THR D 358 3.21 -30.69 -10.40
CA THR D 358 2.84 -30.24 -11.74
C THR D 358 1.70 -29.24 -11.67
N GLN D 359 1.01 -29.22 -10.53
CA GLN D 359 -0.09 -28.30 -10.31
C GLN D 359 0.43 -26.91 -9.96
N LEU E 26 -1.96 -31.52 -15.62
CA LEU E 26 -2.98 -32.26 -16.36
C LEU E 26 -2.38 -33.16 -17.43
N SER E 27 -1.34 -32.69 -18.10
CA SER E 27 -0.67 -33.46 -19.15
C SER E 27 0.20 -34.56 -18.55
N SER E 28 0.08 -35.77 -19.08
CA SER E 28 0.89 -36.89 -18.60
C SER E 28 2.34 -36.63 -18.99
N SER E 29 2.54 -35.91 -20.08
CA SER E 29 3.89 -35.60 -20.52
C SER E 29 4.46 -34.45 -19.69
N LEU E 30 3.66 -33.42 -19.44
CA LEU E 30 4.13 -32.29 -18.63
C LEU E 30 4.43 -32.81 -17.23
N LYS E 31 3.71 -33.86 -16.84
CA LYS E 31 3.86 -34.50 -15.54
C LYS E 31 5.27 -35.09 -15.51
N THR E 32 5.62 -35.76 -16.61
CA THR E 32 6.92 -36.39 -16.76
C THR E 32 8.04 -35.34 -16.78
N CYS E 33 7.76 -34.19 -17.39
CA CYS E 33 8.76 -33.13 -17.45
C CYS E 33 9.18 -32.65 -16.05
N TYR E 34 8.20 -32.31 -15.22
CA TYR E 34 8.50 -31.84 -13.88
C TYR E 34 9.15 -32.95 -13.09
N LYS E 35 8.88 -34.19 -13.51
CA LYS E 35 9.46 -35.36 -12.87
C LYS E 35 10.97 -35.30 -13.15
N TYR E 36 11.33 -35.06 -14.41
CA TYR E 36 12.74 -34.97 -14.78
C TYR E 36 13.40 -33.76 -14.15
N LEU E 37 12.65 -32.66 -14.08
CA LEU E 37 13.18 -31.43 -13.50
C LEU E 37 13.65 -31.67 -12.08
N ASN E 38 12.94 -32.53 -11.35
CA ASN E 38 13.30 -32.82 -9.97
C ASN E 38 14.37 -33.89 -9.81
N GLN E 39 14.71 -34.57 -10.90
CA GLN E 39 15.75 -35.60 -10.86
C GLN E 39 17.05 -34.98 -11.35
N THR E 40 16.93 -33.98 -12.22
CA THR E 40 18.08 -33.32 -12.82
C THR E 40 18.34 -31.91 -12.32
N SER E 41 17.73 -31.51 -11.21
CA SER E 41 17.95 -30.17 -10.69
C SER E 41 17.67 -30.02 -9.21
N ARG E 42 18.61 -30.47 -8.39
CA ARG E 42 18.45 -30.38 -6.95
C ARG E 42 18.64 -28.95 -6.46
N SER E 43 19.02 -28.04 -7.36
CA SER E 43 19.25 -26.66 -6.99
C SER E 43 18.33 -25.61 -7.60
N PHE E 44 17.44 -26.01 -8.48
CA PHE E 44 16.53 -25.06 -9.11
C PHE E 44 15.09 -25.53 -9.18
N ALA E 45 14.87 -26.82 -9.00
CA ALA E 45 13.52 -27.38 -9.08
C ALA E 45 12.53 -26.65 -8.19
N ALA E 46 12.83 -26.56 -6.90
CA ALA E 46 11.94 -25.91 -5.95
C ALA E 46 11.57 -24.49 -6.35
N VAL E 47 12.56 -23.65 -6.61
CA VAL E 47 12.29 -22.27 -6.97
C VAL E 47 11.69 -22.09 -8.36
N ILE E 48 11.90 -23.07 -9.24
CA ILE E 48 11.33 -22.99 -10.58
C ILE E 48 9.83 -23.24 -10.47
N GLN E 49 9.50 -24.30 -9.75
CA GLN E 49 8.12 -24.67 -9.54
C GLN E 49 7.37 -23.61 -8.71
N ALA E 50 8.08 -22.62 -8.18
CA ALA E 50 7.44 -21.57 -7.40
C ALA E 50 7.28 -20.30 -8.24
N LEU E 51 7.63 -20.37 -9.52
CA LEU E 51 7.51 -19.21 -10.40
C LEU E 51 6.04 -18.93 -10.68
N ASP E 52 5.69 -17.66 -10.89
CA ASP E 52 4.31 -17.28 -11.18
C ASP E 52 3.89 -17.55 -12.63
N GLY E 53 2.63 -17.97 -12.79
CA GLY E 53 2.06 -18.23 -14.10
C GLY E 53 2.84 -18.94 -15.19
N GLU E 54 2.96 -18.27 -16.34
CA GLU E 54 3.63 -18.78 -17.54
C GLU E 54 5.13 -19.07 -17.41
N MET E 55 5.79 -18.39 -16.49
CA MET E 55 7.22 -18.59 -16.31
C MET E 55 7.53 -20.01 -15.83
N ARG E 56 6.62 -20.57 -15.06
CA ARG E 56 6.78 -21.90 -14.50
C ARG E 56 7.11 -22.97 -15.57
N ASN E 57 6.19 -23.18 -16.50
CA ASN E 57 6.44 -24.17 -17.55
C ASN E 57 7.56 -23.77 -18.48
N ALA E 58 7.57 -22.49 -18.89
CA ALA E 58 8.61 -22.00 -19.79
C ALA E 58 10.00 -22.28 -19.24
N VAL E 59 10.19 -22.01 -17.96
CA VAL E 59 11.48 -22.23 -17.30
C VAL E 59 11.76 -23.71 -17.12
N CYS E 60 10.79 -24.45 -16.60
CA CYS E 60 10.96 -25.90 -16.42
C CYS E 60 11.42 -26.54 -17.72
N ILE E 61 10.77 -26.16 -18.82
CA ILE E 61 11.12 -26.69 -20.14
C ILE E 61 12.51 -26.24 -20.52
N PHE E 62 12.82 -24.97 -20.30
CA PHE E 62 14.13 -24.44 -20.63
C PHE E 62 15.22 -25.22 -19.90
N TYR E 63 15.02 -25.45 -18.61
CA TYR E 63 16.02 -26.18 -17.84
C TYR E 63 16.18 -27.62 -18.29
N LEU E 64 15.15 -28.17 -18.94
CA LEU E 64 15.21 -29.54 -19.40
C LEU E 64 15.93 -29.67 -20.74
N VAL E 65 15.79 -28.67 -21.60
CA VAL E 65 16.48 -28.71 -22.89
C VAL E 65 17.96 -28.45 -22.66
N LEU E 66 18.28 -27.51 -21.77
CA LEU E 66 19.66 -27.19 -21.45
C LEU E 66 20.27 -28.46 -20.86
N ARG E 67 19.54 -29.07 -19.95
CA ARG E 67 19.98 -30.31 -19.32
C ARG E 67 20.38 -31.32 -20.40
N ALA E 68 19.51 -31.50 -21.39
CA ALA E 68 19.79 -32.43 -22.49
C ALA E 68 21.02 -32.01 -23.28
N LEU E 69 21.11 -30.72 -23.60
CA LEU E 69 22.24 -30.19 -24.35
C LEU E 69 23.55 -30.43 -23.59
N ASP E 70 23.49 -30.24 -22.27
CA ASP E 70 24.66 -30.44 -21.42
C ASP E 70 25.04 -31.92 -21.39
N THR E 71 24.03 -32.78 -21.44
CA THR E 71 24.27 -34.22 -21.40
C THR E 71 25.00 -34.71 -22.65
N LEU E 72 24.86 -33.97 -23.74
CA LEU E 72 25.53 -34.32 -24.98
C LEU E 72 26.99 -33.87 -24.88
N GLU E 73 27.18 -32.58 -24.62
CA GLU E 73 28.53 -31.99 -24.49
C GLU E 73 29.44 -32.74 -23.52
N ASP E 74 28.90 -33.13 -22.38
CA ASP E 74 29.70 -33.83 -21.37
C ASP E 74 30.01 -35.27 -21.69
N ASP E 75 29.13 -35.92 -22.44
CA ASP E 75 29.33 -37.32 -22.77
C ASP E 75 30.57 -37.52 -23.63
N MET E 76 31.56 -38.22 -23.08
CA MET E 76 32.81 -38.46 -23.79
C MET E 76 32.80 -39.72 -24.64
N THR E 77 31.77 -40.54 -24.47
CA THR E 77 31.66 -41.77 -25.25
C THR E 77 31.17 -41.38 -26.64
N ILE E 78 30.95 -40.09 -26.84
CA ILE E 78 30.49 -39.56 -28.11
C ILE E 78 31.70 -38.92 -28.81
N SER E 79 32.04 -39.44 -29.99
CA SER E 79 33.17 -38.92 -30.75
C SER E 79 32.96 -37.44 -31.06
N VAL E 80 34.05 -36.68 -31.05
CA VAL E 80 33.98 -35.26 -31.34
C VAL E 80 33.39 -35.09 -32.74
N GLU E 81 33.81 -35.95 -33.66
CA GLU E 81 33.34 -35.94 -35.04
C GLU E 81 31.81 -35.93 -35.08
N LYS E 82 31.21 -36.71 -34.19
CA LYS E 82 29.76 -36.84 -34.15
C LYS E 82 29.09 -35.86 -33.18
N LYS E 83 29.81 -35.47 -32.13
CA LYS E 83 29.27 -34.55 -31.13
C LYS E 83 29.02 -33.14 -31.68
N VAL E 84 29.91 -32.67 -32.54
CA VAL E 84 29.76 -31.34 -33.11
C VAL E 84 28.40 -31.15 -33.80
N PRO E 85 28.02 -32.08 -34.70
CA PRO E 85 26.73 -31.96 -35.39
C PRO E 85 25.55 -31.94 -34.43
N LEU E 86 25.61 -32.79 -33.41
CA LEU E 86 24.54 -32.87 -32.42
C LEU E 86 24.36 -31.56 -31.66
N LEU E 87 25.47 -30.87 -31.36
CA LEU E 87 25.40 -29.60 -30.63
C LEU E 87 24.99 -28.44 -31.51
N HIS E 88 25.33 -28.50 -32.79
CA HIS E 88 24.98 -27.43 -33.72
C HIS E 88 23.51 -27.43 -34.09
N ASN E 89 22.94 -28.62 -34.23
CA ASN E 89 21.53 -28.75 -34.61
C ASN E 89 20.60 -29.12 -33.47
N PHE E 90 21.05 -28.92 -32.24
CA PHE E 90 20.20 -29.22 -31.09
C PHE E 90 18.99 -28.29 -31.11
N HIS E 91 19.25 -27.00 -31.33
CA HIS E 91 18.20 -25.99 -31.38
C HIS E 91 17.13 -26.36 -32.40
N SER E 92 17.53 -27.19 -33.36
CA SER E 92 16.60 -27.61 -34.41
C SER E 92 15.84 -28.86 -33.99
N PHE E 93 16.44 -29.68 -33.13
CA PHE E 93 15.79 -30.90 -32.68
C PHE E 93 14.51 -30.61 -31.89
N LEU E 94 14.38 -29.38 -31.40
CA LEU E 94 13.20 -28.99 -30.64
C LEU E 94 11.95 -29.09 -31.51
N TYR E 95 12.13 -28.90 -32.81
CA TYR E 95 11.02 -28.95 -33.74
C TYR E 95 10.92 -30.26 -34.51
N GLN E 96 11.55 -31.30 -33.99
CA GLN E 96 11.54 -32.64 -34.59
C GLN E 96 10.97 -33.61 -33.57
N PRO E 97 9.63 -33.67 -33.48
CA PRO E 97 8.87 -34.53 -32.57
C PRO E 97 9.41 -35.93 -32.32
N ASP E 98 10.14 -36.47 -33.29
CA ASP E 98 10.69 -37.81 -33.15
C ASP E 98 12.15 -37.89 -32.70
N TRP E 99 12.82 -36.74 -32.60
CA TRP E 99 14.22 -36.78 -32.21
C TRP E 99 14.46 -37.27 -30.79
N ARG E 100 15.55 -38.02 -30.64
CA ARG E 100 15.98 -38.57 -29.36
C ARG E 100 17.39 -39.13 -29.53
N PHE E 101 18.05 -39.46 -28.42
CA PHE E 101 19.41 -40.00 -28.46
C PHE E 101 19.49 -41.22 -27.55
N MET E 102 19.65 -42.39 -28.15
CA MET E 102 19.71 -43.63 -27.39
C MET E 102 21.11 -44.08 -26.99
N GLU E 103 22.13 -43.48 -27.59
CA GLU E 103 23.50 -43.88 -27.30
C GLU E 103 24.22 -43.10 -26.20
N SER E 104 23.46 -42.49 -25.30
CA SER E 104 24.08 -41.73 -24.22
C SER E 104 24.43 -42.67 -23.06
N LYS E 105 25.57 -42.43 -22.44
CA LYS E 105 26.02 -43.25 -21.32
C LYS E 105 25.89 -42.45 -20.02
N GLU E 106 25.62 -41.15 -20.17
CA GLU E 106 25.47 -40.24 -19.03
C GLU E 106 24.43 -40.67 -18.01
N LYS E 107 24.51 -40.08 -16.82
CA LYS E 107 23.58 -40.39 -15.74
C LYS E 107 22.19 -39.83 -16.04
N ASP E 108 22.13 -38.65 -16.65
CA ASP E 108 20.85 -38.02 -16.98
C ASP E 108 20.41 -38.34 -18.40
N ARG E 109 21.01 -39.38 -19.00
CA ARG E 109 20.69 -39.77 -20.36
C ARG E 109 19.18 -39.83 -20.58
N GLN E 110 18.47 -40.17 -19.51
CA GLN E 110 17.01 -40.27 -19.54
C GLN E 110 16.29 -39.13 -20.27
N VAL E 111 16.85 -37.92 -20.21
CA VAL E 111 16.22 -36.77 -20.86
C VAL E 111 16.45 -36.74 -22.38
N LEU E 112 17.49 -37.42 -22.83
CA LEU E 112 17.79 -37.48 -24.26
C LEU E 112 16.98 -38.60 -24.91
N GLU E 113 16.90 -39.73 -24.22
CA GLU E 113 16.15 -40.87 -24.73
C GLU E 113 14.66 -40.59 -24.81
N ASP E 114 14.16 -39.77 -23.88
CA ASP E 114 12.75 -39.41 -23.87
C ASP E 114 12.58 -37.93 -24.17
N PHE E 115 13.43 -37.41 -25.07
CA PHE E 115 13.39 -36.00 -25.46
C PHE E 115 12.07 -35.60 -26.11
N PRO E 116 11.47 -36.48 -26.94
CA PRO E 116 10.21 -36.11 -27.57
C PRO E 116 9.17 -35.66 -26.56
N THR E 117 9.23 -36.22 -25.35
CA THR E 117 8.29 -35.86 -24.30
C THR E 117 8.50 -34.40 -23.92
N ILE E 118 9.75 -33.97 -23.91
CA ILE E 118 10.11 -32.61 -23.56
C ILE E 118 9.94 -31.65 -24.74
N SER E 119 10.26 -32.11 -25.95
CA SER E 119 10.11 -31.30 -27.15
C SER E 119 8.61 -31.07 -27.36
N LEU E 120 7.83 -32.07 -26.97
CA LEU E 120 6.39 -32.00 -27.08
C LEU E 120 5.88 -30.83 -26.24
N GLU E 121 6.32 -30.75 -24.98
CA GLU E 121 5.90 -29.67 -24.09
C GLU E 121 6.47 -28.33 -24.52
N PHE E 122 7.72 -28.33 -24.98
CA PHE E 122 8.34 -27.10 -25.45
C PHE E 122 7.45 -26.48 -26.51
N ARG E 123 7.00 -27.30 -27.45
CA ARG E 123 6.15 -26.82 -28.52
C ARG E 123 4.77 -26.31 -28.05
N ASN E 124 4.38 -26.66 -26.83
CA ASN E 124 3.09 -26.21 -26.27
C ASN E 124 3.19 -24.81 -25.70
N LEU E 125 4.40 -24.28 -25.58
CA LEU E 125 4.62 -22.95 -25.02
C LEU E 125 4.27 -21.82 -26.00
N ALA E 126 4.04 -20.64 -25.45
CA ALA E 126 3.76 -19.47 -26.28
C ALA E 126 4.94 -19.38 -27.22
N GLU E 127 4.77 -18.73 -28.36
CA GLU E 127 5.86 -18.62 -29.31
C GLU E 127 7.02 -17.77 -28.83
N LYS E 128 6.74 -16.63 -28.20
CA LYS E 128 7.82 -15.78 -27.74
C LYS E 128 8.75 -16.54 -26.78
N TYR E 129 8.20 -17.49 -26.04
CA TYR E 129 9.00 -18.27 -25.12
C TYR E 129 9.85 -19.26 -25.91
N GLN E 130 9.28 -19.79 -26.99
CA GLN E 130 9.98 -20.75 -27.84
C GLN E 130 11.13 -20.07 -28.58
N THR E 131 10.91 -18.83 -29.01
CA THR E 131 11.92 -18.07 -29.74
C THR E 131 13.18 -17.94 -28.88
N VAL E 132 12.98 -17.58 -27.62
CA VAL E 132 14.09 -17.41 -26.68
C VAL E 132 14.85 -18.71 -26.41
N ILE E 133 14.14 -19.78 -26.06
CA ILE E 133 14.79 -21.05 -25.79
C ILE E 133 15.52 -21.62 -27.01
N ALA E 134 15.00 -21.37 -28.20
CA ALA E 134 15.62 -21.86 -29.42
C ALA E 134 16.90 -21.11 -29.70
N ASP E 135 16.82 -19.78 -29.64
CA ASP E 135 17.97 -18.91 -29.88
C ASP E 135 19.13 -19.25 -28.95
N ILE E 136 18.89 -19.20 -27.64
CA ILE E 136 19.93 -19.52 -26.67
C ILE E 136 20.48 -20.92 -26.93
N CYS E 137 19.61 -21.87 -27.26
CA CYS E 137 20.05 -23.23 -27.55
C CYS E 137 20.92 -23.27 -28.81
N ARG E 138 20.69 -22.34 -29.72
CA ARG E 138 21.48 -22.28 -30.95
C ARG E 138 22.86 -21.68 -30.71
N ARG E 139 22.90 -20.54 -30.02
CA ARG E 139 24.16 -19.88 -29.72
C ARG E 139 24.98 -20.70 -28.71
N MET E 140 24.30 -21.48 -27.89
CA MET E 140 24.94 -22.32 -26.88
C MET E 140 25.58 -23.56 -27.48
N GLY E 141 25.04 -24.04 -28.60
CA GLY E 141 25.59 -25.21 -29.25
C GLY E 141 26.88 -24.84 -29.96
N ILE E 142 26.92 -23.62 -30.48
CA ILE E 142 28.09 -23.11 -31.18
C ILE E 142 29.30 -23.03 -30.25
N GLY E 143 29.14 -22.31 -29.14
CA GLY E 143 30.23 -22.15 -28.18
C GLY E 143 30.74 -23.46 -27.60
N MET E 144 29.82 -24.34 -27.21
CA MET E 144 30.22 -25.62 -26.65
C MET E 144 31.06 -26.40 -27.65
N ALA E 145 30.58 -26.47 -28.89
CA ALA E 145 31.31 -27.20 -29.92
C ALA E 145 32.73 -26.67 -30.00
N GLU E 146 32.85 -25.35 -30.08
CA GLU E 146 34.14 -24.66 -30.15
C GLU E 146 35.13 -25.01 -29.04
N PHE E 147 34.62 -25.35 -27.86
CA PHE E 147 35.50 -25.70 -26.75
C PHE E 147 35.73 -27.19 -26.57
N LEU E 148 35.19 -28.00 -27.48
CA LEU E 148 35.36 -29.44 -27.40
C LEU E 148 36.81 -29.85 -27.63
N ASP E 149 37.56 -29.01 -28.33
CA ASP E 149 38.94 -29.30 -28.65
C ASP E 149 40.00 -28.58 -27.82
N LYS E 150 39.61 -27.51 -27.13
CA LYS E 150 40.56 -26.75 -26.33
C LYS E 150 40.18 -26.62 -24.87
N HIS E 151 41.13 -26.12 -24.08
CA HIS E 151 40.93 -25.89 -22.66
C HIS E 151 40.95 -24.37 -22.50
N VAL E 152 40.56 -23.88 -21.34
CA VAL E 152 40.54 -22.44 -21.12
C VAL E 152 41.96 -21.93 -20.89
N THR E 153 42.37 -20.95 -21.69
CA THR E 153 43.70 -20.37 -21.55
C THR E 153 43.67 -19.11 -20.71
N SER E 154 43.41 -17.97 -21.34
CA SER E 154 43.36 -16.70 -20.64
C SER E 154 42.11 -16.56 -19.79
N GLU E 155 42.08 -15.53 -18.94
CA GLU E 155 40.92 -15.26 -18.10
C GLU E 155 39.78 -14.83 -19.01
N GLN E 156 40.13 -14.18 -20.11
CA GLN E 156 39.16 -13.72 -21.10
C GLN E 156 38.45 -14.93 -21.70
N GLU E 157 39.20 -15.99 -21.96
CA GLU E 157 38.64 -17.21 -22.51
C GLU E 157 37.81 -17.94 -21.44
N TRP E 158 38.01 -17.58 -20.18
CA TRP E 158 37.28 -18.20 -19.11
C TRP E 158 35.89 -17.58 -19.08
N ASP E 159 35.84 -16.28 -19.32
CA ASP E 159 34.56 -15.57 -19.36
C ASP E 159 33.76 -16.07 -20.55
N LYS E 160 34.45 -16.28 -21.67
CA LYS E 160 33.83 -16.75 -22.90
C LYS E 160 33.20 -18.13 -22.72
N TYR E 161 33.97 -19.05 -22.14
CA TYR E 161 33.45 -20.40 -21.91
C TYR E 161 32.23 -20.36 -21.00
N CYS E 162 32.31 -19.55 -19.95
CA CYS E 162 31.20 -19.44 -19.01
C CYS E 162 30.02 -18.74 -19.67
N HIS E 163 30.31 -17.81 -20.57
CA HIS E 163 29.26 -17.11 -21.28
C HIS E 163 28.38 -18.08 -22.05
N TYR E 164 29.02 -19.02 -22.74
CA TYR E 164 28.30 -20.00 -23.55
C TYR E 164 27.52 -21.03 -22.74
N VAL E 165 28.08 -21.47 -21.63
CA VAL E 165 27.42 -22.50 -20.83
C VAL E 165 26.60 -21.97 -19.67
N ALA E 166 26.79 -20.71 -19.31
CA ALA E 166 26.07 -20.13 -18.18
C ALA E 166 25.52 -18.73 -18.44
N GLY E 167 26.37 -17.83 -18.95
CA GLY E 167 25.93 -16.48 -19.22
C GLY E 167 24.68 -16.44 -20.09
N LEU E 168 24.65 -17.25 -21.14
CA LEU E 168 23.52 -17.30 -22.05
C LEU E 168 22.26 -17.82 -21.35
N VAL E 169 22.44 -18.67 -20.35
CA VAL E 169 21.30 -19.21 -19.61
C VAL E 169 20.68 -18.08 -18.79
N GLY E 170 21.52 -17.17 -18.33
CA GLY E 170 21.03 -16.05 -17.55
C GLY E 170 20.34 -15.07 -18.49
N ILE E 171 20.93 -14.88 -19.65
CA ILE E 171 20.36 -13.98 -20.65
C ILE E 171 19.02 -14.56 -21.11
N GLY E 172 18.99 -15.87 -21.36
CA GLY E 172 17.76 -16.50 -21.79
C GLY E 172 16.64 -16.31 -20.78
N LEU E 173 16.92 -16.69 -19.54
CA LEU E 173 15.95 -16.57 -18.45
C LEU E 173 15.45 -15.13 -18.32
N SER E 174 16.37 -14.18 -18.39
CA SER E 174 16.02 -12.77 -18.26
C SER E 174 15.04 -12.36 -19.35
N ARG E 175 15.26 -12.86 -20.56
CA ARG E 175 14.39 -12.52 -21.68
C ARG E 175 13.02 -13.16 -21.48
N LEU E 176 13.01 -14.36 -20.88
CA LEU E 176 11.76 -15.05 -20.62
C LEU E 176 10.94 -14.27 -19.58
N PHE E 177 11.63 -13.67 -18.61
CA PHE E 177 10.94 -12.91 -17.58
C PHE E 177 10.27 -11.69 -18.22
N SER E 178 10.99 -11.02 -19.11
CA SER E 178 10.46 -9.84 -19.77
C SER E 178 9.37 -10.14 -20.81
N ALA E 179 9.37 -11.36 -21.34
CA ALA E 179 8.35 -11.74 -22.32
C ALA E 179 7.05 -12.11 -21.60
N SER E 180 7.18 -12.66 -20.39
CA SER E 180 6.03 -13.05 -19.59
C SER E 180 5.42 -11.78 -19.00
N GLU E 181 6.18 -10.70 -19.06
CA GLU E 181 5.76 -9.40 -18.55
C GLU E 181 5.69 -9.28 -17.02
N PHE E 182 6.15 -10.30 -16.31
CA PHE E 182 6.15 -10.24 -14.85
C PHE E 182 7.29 -9.33 -14.40
N GLU E 183 8.20 -9.04 -15.33
CA GLU E 183 9.35 -8.15 -15.09
C GLU E 183 9.35 -7.14 -16.24
N ASP E 184 9.98 -5.99 -16.04
CA ASP E 184 10.03 -4.97 -17.09
C ASP E 184 10.90 -5.44 -18.26
N PRO E 185 10.85 -4.73 -19.41
CA PRO E 185 11.65 -5.11 -20.57
C PRO E 185 13.15 -5.00 -20.30
N LEU E 186 13.50 -4.11 -19.37
CA LEU E 186 14.87 -3.85 -18.98
C LEU E 186 15.65 -5.11 -18.55
N VAL E 187 14.99 -6.00 -17.83
CA VAL E 187 15.64 -7.22 -17.37
C VAL E 187 16.16 -8.04 -18.55
N GLY E 188 15.38 -8.14 -19.61
CA GLY E 188 15.79 -8.90 -20.76
C GLY E 188 16.72 -8.13 -21.68
N GLU E 189 16.66 -6.81 -21.61
CA GLU E 189 17.49 -5.96 -22.47
C GLU E 189 18.95 -5.86 -22.03
N ASP E 190 19.16 -5.71 -20.73
CA ASP E 190 20.52 -5.59 -20.20
C ASP E 190 21.21 -6.96 -20.14
N THR E 191 21.71 -7.39 -21.29
CA THR E 191 22.38 -8.68 -21.42
C THR E 191 23.65 -8.77 -20.59
N GLU E 192 24.29 -7.64 -20.36
CA GLU E 192 25.52 -7.57 -19.58
C GLU E 192 25.28 -8.08 -18.15
N ARG E 193 24.33 -7.47 -17.46
CA ARG E 193 24.00 -7.85 -16.10
C ARG E 193 23.55 -9.31 -16.04
N ALA E 194 22.77 -9.73 -17.01
CA ALA E 194 22.29 -11.10 -17.04
C ALA E 194 23.47 -12.06 -17.24
N ASN E 195 24.45 -11.64 -18.02
CA ASN E 195 25.62 -12.49 -18.27
C ASN E 195 26.44 -12.64 -16.99
N SER E 196 26.58 -11.54 -16.24
CA SER E 196 27.33 -11.56 -15.00
C SER E 196 26.68 -12.52 -13.98
N MET E 197 25.36 -12.67 -14.05
CA MET E 197 24.68 -13.58 -13.14
C MET E 197 25.14 -15.01 -13.42
N GLY E 198 25.13 -15.41 -14.68
CA GLY E 198 25.56 -16.74 -15.05
C GLY E 198 27.04 -17.00 -14.78
N LEU E 199 27.86 -16.00 -15.06
CA LEU E 199 29.29 -16.12 -14.84
C LEU E 199 29.62 -16.34 -13.36
N PHE E 200 28.93 -15.62 -12.47
CA PHE E 200 29.20 -15.78 -11.05
C PHE E 200 28.90 -17.19 -10.57
N LEU E 201 27.80 -17.76 -11.05
CA LEU E 201 27.42 -19.11 -10.65
C LEU E 201 28.35 -20.15 -11.23
N GLN E 202 28.69 -19.99 -12.51
CA GLN E 202 29.55 -20.93 -13.18
C GLN E 202 30.96 -20.93 -12.61
N LYS E 203 31.54 -19.74 -12.48
CA LYS E 203 32.88 -19.62 -11.93
C LYS E 203 32.91 -20.20 -10.53
N THR E 204 31.88 -19.93 -9.75
CA THR E 204 31.81 -20.44 -8.39
C THR E 204 31.81 -21.97 -8.44
N ASN E 205 30.95 -22.54 -9.27
CA ASN E 205 30.88 -23.99 -9.41
C ASN E 205 32.20 -24.60 -9.90
N ILE E 206 32.80 -23.99 -10.92
CA ILE E 206 34.05 -24.49 -11.46
C ILE E 206 35.15 -24.50 -10.40
N ILE E 207 35.17 -23.45 -9.57
CA ILE E 207 36.15 -23.32 -8.51
C ILE E 207 35.94 -24.42 -7.46
N ARG E 208 34.69 -24.63 -7.07
CA ARG E 208 34.36 -25.63 -6.07
C ARG E 208 34.56 -27.07 -6.53
N ASP E 209 34.26 -27.34 -7.81
CA ASP E 209 34.40 -28.70 -8.33
C ASP E 209 35.75 -29.02 -8.95
N TYR E 210 36.78 -28.28 -8.56
CA TYR E 210 38.11 -28.55 -9.11
C TYR E 210 38.47 -30.03 -9.07
N LEU E 211 38.53 -30.59 -7.87
CA LEU E 211 38.90 -31.99 -7.70
C LEU E 211 38.01 -32.97 -8.44
N GLU E 212 36.71 -32.90 -8.19
CA GLU E 212 35.75 -33.77 -8.85
C GLU E 212 35.99 -33.75 -10.36
N ASP E 213 36.14 -32.55 -10.93
CA ASP E 213 36.40 -32.42 -12.35
C ASP E 213 37.73 -33.06 -12.73
N GLN E 214 38.77 -32.81 -11.94
CA GLN E 214 40.09 -33.34 -12.22
C GLN E 214 40.08 -34.87 -12.27
N GLN E 215 39.35 -35.48 -11.33
CA GLN E 215 39.25 -36.92 -11.27
C GLN E 215 38.38 -37.44 -12.41
N GLY E 216 37.72 -36.52 -13.11
CA GLY E 216 36.88 -36.92 -14.22
C GLY E 216 37.56 -36.58 -15.53
N GLY E 217 38.81 -36.13 -15.43
CA GLY E 217 39.56 -35.77 -16.62
C GLY E 217 39.14 -34.44 -17.22
N ARG E 218 38.41 -33.64 -16.45
CA ARG E 218 37.95 -32.33 -16.93
C ARG E 218 38.78 -31.21 -16.32
N GLU E 219 39.05 -30.18 -17.12
CA GLU E 219 39.84 -29.04 -16.69
C GLU E 219 39.23 -27.73 -17.17
N PHE E 220 38.80 -26.90 -16.22
CA PHE E 220 38.16 -25.63 -16.56
C PHE E 220 38.87 -24.38 -16.07
N TRP E 221 39.79 -24.55 -15.10
CA TRP E 221 40.54 -23.42 -14.58
C TRP E 221 41.40 -22.84 -15.69
N PRO E 222 41.50 -21.50 -15.78
CA PRO E 222 42.30 -20.85 -16.82
C PRO E 222 43.81 -21.02 -16.67
N GLN E 223 44.42 -21.63 -17.68
CA GLN E 223 45.86 -21.89 -17.71
C GLN E 223 46.73 -20.66 -17.41
N GLU E 224 46.36 -19.50 -17.94
CA GLU E 224 47.16 -18.32 -17.71
C GLU E 224 47.22 -17.95 -16.24
N VAL E 225 46.33 -18.55 -15.46
CA VAL E 225 46.31 -18.30 -14.03
C VAL E 225 47.03 -19.42 -13.27
N TRP E 226 46.67 -20.67 -13.55
CA TRP E 226 47.30 -21.77 -12.82
C TRP E 226 48.73 -22.14 -13.23
N SER E 227 49.11 -21.81 -14.46
CA SER E 227 50.46 -22.13 -14.94
C SER E 227 51.50 -21.28 -14.22
N ARG E 228 51.05 -20.23 -13.56
CA ARG E 228 51.96 -19.35 -12.84
C ARG E 228 52.34 -19.97 -11.50
N TYR E 229 51.65 -21.03 -11.12
CA TYR E 229 51.91 -21.72 -9.86
C TYR E 229 52.51 -23.09 -10.09
N VAL E 230 51.92 -23.85 -11.00
CA VAL E 230 52.39 -25.20 -11.31
C VAL E 230 52.40 -25.50 -12.81
N LYS E 231 53.12 -26.57 -13.19
CA LYS E 231 53.26 -26.98 -14.58
C LYS E 231 52.02 -27.62 -15.22
N LYS E 232 51.21 -28.29 -14.40
CA LYS E 232 49.98 -28.94 -14.87
C LYS E 232 48.83 -28.70 -13.88
N LEU E 233 47.64 -28.41 -14.41
CA LEU E 233 46.49 -28.16 -13.55
C LEU E 233 46.29 -29.27 -12.53
N GLY E 234 46.57 -30.50 -12.96
CA GLY E 234 46.42 -31.64 -12.08
C GLY E 234 47.26 -31.61 -10.83
N ASP E 235 48.38 -30.88 -10.86
CA ASP E 235 49.26 -30.83 -9.70
C ASP E 235 48.60 -30.33 -8.42
N PHE E 236 47.53 -29.56 -8.52
CA PHE E 236 46.85 -29.07 -7.32
C PHE E 236 46.19 -30.25 -6.59
N ALA E 237 46.14 -31.39 -7.25
CA ALA E 237 45.55 -32.57 -6.62
C ALA E 237 46.58 -33.23 -5.72
N LEU E 238 47.85 -33.05 -6.06
CA LEU E 238 48.95 -33.63 -5.29
C LEU E 238 49.18 -32.82 -4.01
N PRO E 239 49.15 -33.49 -2.85
CA PRO E 239 49.33 -32.87 -1.53
C PRO E 239 50.56 -31.98 -1.31
N GLU E 240 51.63 -32.19 -2.09
CA GLU E 240 52.80 -31.35 -1.91
C GLU E 240 52.53 -29.94 -2.44
N ASN E 241 51.55 -29.82 -3.32
CA ASN E 241 51.21 -28.53 -3.92
C ASN E 241 50.05 -27.81 -3.24
N ILE E 242 49.64 -28.29 -2.07
CA ILE E 242 48.51 -27.70 -1.36
C ILE E 242 48.53 -26.18 -1.16
N ASP E 243 49.68 -25.63 -0.80
CA ASP E 243 49.77 -24.19 -0.57
C ASP E 243 49.69 -23.39 -1.86
N LEU E 244 50.28 -23.91 -2.92
CA LEU E 244 50.24 -23.26 -4.22
C LEU E 244 48.80 -23.30 -4.76
N ALA E 245 48.13 -24.42 -4.51
CA ALA E 245 46.75 -24.61 -4.95
C ALA E 245 45.81 -23.58 -4.34
N VAL E 246 45.93 -23.37 -3.03
CA VAL E 246 45.11 -22.41 -2.31
C VAL E 246 45.31 -20.99 -2.80
N GLN E 247 46.56 -20.62 -3.09
CA GLN E 247 46.83 -19.27 -3.58
C GLN E 247 46.12 -19.07 -4.91
N CYS E 248 46.18 -20.08 -5.78
CA CYS E 248 45.53 -20.00 -7.08
C CYS E 248 44.02 -19.91 -6.84
N LEU E 249 43.54 -20.73 -5.92
CA LEU E 249 42.15 -20.75 -5.53
C LEU E 249 41.70 -19.34 -5.14
N ASN E 250 42.50 -18.66 -4.33
CA ASN E 250 42.17 -17.30 -3.89
C ASN E 250 42.19 -16.32 -5.05
N GLU E 251 43.11 -16.49 -5.98
CA GLU E 251 43.19 -15.58 -7.12
C GLU E 251 41.92 -15.77 -7.97
N LEU E 252 41.46 -17.01 -8.12
CA LEU E 252 40.29 -17.27 -8.91
C LEU E 252 39.03 -16.74 -8.23
N ILE E 253 38.94 -16.91 -6.91
CA ILE E 253 37.79 -16.42 -6.15
C ILE E 253 37.71 -14.90 -6.28
N THR E 254 38.87 -14.25 -6.23
CA THR E 254 38.94 -12.80 -6.35
C THR E 254 38.41 -12.34 -7.71
N ASN E 255 38.66 -13.15 -8.73
CA ASN E 255 38.21 -12.89 -10.08
C ASN E 255 36.68 -12.92 -10.08
N ALA E 256 36.13 -14.03 -9.57
CA ALA E 256 34.69 -14.21 -9.53
C ALA E 256 33.97 -13.10 -8.74
N LEU E 257 34.55 -12.65 -7.63
CA LEU E 257 33.92 -11.60 -6.84
C LEU E 257 33.57 -10.36 -7.67
N HIS E 258 34.30 -10.14 -8.75
CA HIS E 258 34.06 -8.97 -9.59
C HIS E 258 32.68 -8.88 -10.19
N HIS E 259 31.99 -10.01 -10.29
CA HIS E 259 30.65 -10.00 -10.85
C HIS E 259 29.57 -9.61 -9.84
N ILE E 260 29.93 -9.54 -8.56
CA ILE E 260 28.93 -9.21 -7.54
C ILE E 260 28.25 -7.85 -7.71
N PRO E 261 28.99 -6.81 -8.15
CA PRO E 261 28.28 -5.53 -8.30
C PRO E 261 27.11 -5.69 -9.27
N ASP E 262 27.34 -6.41 -10.37
CA ASP E 262 26.29 -6.65 -11.36
C ASP E 262 25.21 -7.56 -10.80
N VAL E 263 25.60 -8.49 -9.93
CA VAL E 263 24.61 -9.38 -9.35
C VAL E 263 23.61 -8.56 -8.52
N ILE E 264 24.14 -7.64 -7.72
CA ILE E 264 23.29 -6.78 -6.90
C ILE E 264 22.41 -5.89 -7.79
N THR E 265 23.01 -5.27 -8.80
CA THR E 265 22.25 -4.41 -9.69
C THR E 265 21.09 -5.18 -10.31
N TYR E 266 21.39 -6.38 -10.79
CA TYR E 266 20.38 -7.22 -11.42
C TYR E 266 19.25 -7.57 -10.45
N LEU E 267 19.62 -8.06 -9.27
CA LEU E 267 18.64 -8.44 -8.27
C LEU E 267 17.74 -7.31 -7.80
N SER E 268 18.33 -6.12 -7.62
CA SER E 268 17.61 -4.95 -7.12
C SER E 268 16.58 -4.34 -8.07
N ARG E 269 16.66 -4.67 -9.36
CA ARG E 269 15.73 -4.09 -10.31
C ARG E 269 14.56 -5.02 -10.63
N LEU E 270 14.53 -6.20 -9.98
CA LEU E 270 13.45 -7.17 -10.19
C LEU E 270 12.26 -6.77 -9.29
N ARG E 271 11.03 -7.04 -9.75
CA ARG E 271 9.84 -6.68 -8.98
C ARG E 271 8.89 -7.83 -8.67
N ASN E 272 9.08 -8.98 -9.31
CA ASN E 272 8.21 -10.11 -9.03
C ASN E 272 8.90 -10.99 -7.99
N GLN E 273 8.21 -11.20 -6.87
CA GLN E 273 8.73 -11.98 -5.78
C GLN E 273 9.19 -13.38 -6.19
N SER E 274 8.37 -14.10 -6.96
CA SER E 274 8.72 -15.44 -7.38
C SER E 274 9.99 -15.43 -8.22
N VAL E 275 10.15 -14.42 -9.07
CA VAL E 275 11.35 -14.30 -9.89
C VAL E 275 12.51 -13.91 -9.00
N PHE E 276 12.25 -12.98 -8.08
CA PHE E 276 13.31 -12.55 -7.19
C PHE E 276 13.92 -13.73 -6.42
N ASN E 277 13.08 -14.59 -5.86
CA ASN E 277 13.54 -15.74 -5.08
C ASN E 277 14.36 -16.70 -5.95
N PHE E 278 13.87 -16.93 -7.18
CA PHE E 278 14.53 -17.81 -8.12
C PHE E 278 15.93 -17.30 -8.47
N CYS E 279 16.07 -15.97 -8.54
CA CYS E 279 17.35 -15.36 -8.89
C CYS E 279 18.28 -15.12 -7.71
N ALA E 280 17.74 -14.68 -6.58
CA ALA E 280 18.54 -14.38 -5.41
C ALA E 280 19.14 -15.58 -4.69
N ILE E 281 18.30 -16.58 -4.44
CA ILE E 281 18.73 -17.77 -3.73
C ILE E 281 19.97 -18.47 -4.31
N PRO E 282 20.00 -18.72 -5.63
CA PRO E 282 21.22 -19.39 -6.13
C PRO E 282 22.45 -18.49 -5.95
N GLN E 283 22.28 -17.18 -6.19
CA GLN E 283 23.39 -16.26 -6.05
C GLN E 283 23.93 -16.25 -4.62
N VAL E 284 23.03 -16.09 -3.64
CA VAL E 284 23.44 -16.08 -2.24
C VAL E 284 24.10 -17.41 -1.88
N MET E 285 23.65 -18.49 -2.52
CA MET E 285 24.22 -19.80 -2.30
C MET E 285 25.64 -19.82 -2.85
N ALA E 286 25.82 -19.21 -4.02
CA ALA E 286 27.13 -19.16 -4.64
C ALA E 286 28.09 -18.33 -3.80
N ILE E 287 27.61 -17.20 -3.31
CA ILE E 287 28.43 -16.33 -2.48
C ILE E 287 28.88 -17.04 -1.20
N ALA E 288 27.94 -17.73 -0.56
CA ALA E 288 28.24 -18.46 0.67
C ALA E 288 29.32 -19.49 0.40
N THR E 289 29.20 -20.16 -0.75
CA THR E 289 30.14 -21.18 -1.16
C THR E 289 31.53 -20.60 -1.38
N LEU E 290 31.62 -19.45 -2.05
CA LEU E 290 32.94 -18.85 -2.26
C LEU E 290 33.54 -18.47 -0.92
N ALA E 291 32.70 -17.93 -0.03
CA ALA E 291 33.16 -17.53 1.29
C ALA E 291 33.69 -18.74 2.05
N ALA E 292 33.06 -19.89 1.83
CA ALA E 292 33.49 -21.12 2.51
C ALA E 292 34.77 -21.67 1.89
N CYS E 293 34.91 -21.48 0.58
CA CYS E 293 36.06 -21.98 -0.15
C CYS E 293 37.30 -21.10 -0.05
N TYR E 294 37.11 -19.82 0.27
CA TYR E 294 38.23 -18.90 0.34
C TYR E 294 39.33 -19.33 1.31
N ASN E 295 40.54 -19.46 0.76
CA ASN E 295 41.70 -19.86 1.54
C ASN E 295 41.49 -21.20 2.25
N ASN E 296 40.62 -22.04 1.70
CA ASN E 296 40.30 -23.35 2.29
C ASN E 296 41.00 -24.52 1.58
N GLN E 297 41.85 -25.24 2.30
CA GLN E 297 42.57 -26.37 1.72
C GLN E 297 41.64 -27.52 1.35
N GLN E 298 40.52 -27.63 2.06
CA GLN E 298 39.56 -28.69 1.82
C GLN E 298 39.13 -28.76 0.35
N VAL E 299 39.13 -27.60 -0.33
CA VAL E 299 38.73 -27.58 -1.74
C VAL E 299 39.50 -28.64 -2.54
N PHE E 300 40.74 -28.90 -2.15
CA PHE E 300 41.58 -29.86 -2.87
C PHE E 300 41.67 -31.25 -2.25
N LYS E 301 40.81 -31.53 -1.28
CA LYS E 301 40.81 -32.83 -0.63
C LYS E 301 39.43 -33.46 -0.67
N GLY E 302 38.40 -32.62 -0.63
CA GLY E 302 37.03 -33.09 -0.68
C GLY E 302 36.08 -31.99 -1.13
N ALA E 303 34.84 -32.04 -0.64
CA ALA E 303 33.84 -31.03 -0.98
C ALA E 303 33.69 -30.13 0.25
N VAL E 304 33.47 -28.83 0.03
CA VAL E 304 33.35 -27.90 1.13
C VAL E 304 31.89 -27.66 1.56
N LEU E 305 31.66 -27.67 2.87
CA LEU E 305 30.32 -27.44 3.44
C LEU E 305 30.07 -25.97 3.74
N ILE E 306 28.88 -25.47 3.44
CA ILE E 306 28.52 -24.07 3.68
C ILE E 306 28.28 -23.73 5.17
N ARG E 307 29.12 -22.86 5.72
CA ARG E 307 29.01 -22.42 7.12
C ARG E 307 28.32 -21.06 7.20
N LEU E 308 27.14 -20.99 6.59
CA LEU E 308 26.34 -19.78 6.53
C LEU E 308 25.90 -19.20 7.88
N GLY E 309 24.86 -18.36 7.82
CA GLY E 309 24.31 -17.74 9.01
C GLY E 309 25.21 -16.86 9.86
N GLN E 310 24.57 -16.22 10.84
CA GLN E 310 25.21 -15.32 11.79
C GLN E 310 24.10 -14.62 12.57
N ALA E 311 24.31 -14.42 13.87
CA ALA E 311 23.33 -13.77 14.74
C ALA E 311 22.47 -12.73 14.03
N VAL E 312 23.11 -11.86 13.24
CA VAL E 312 22.40 -10.81 12.51
C VAL E 312 21.64 -11.32 11.27
N THR E 313 22.28 -12.17 10.49
CA THR E 313 21.65 -12.73 9.29
C THR E 313 20.70 -13.86 9.67
N LEU E 314 20.86 -14.39 10.88
CA LEU E 314 20.00 -15.45 11.38
C LEU E 314 18.67 -14.78 11.72
N MET E 315 18.57 -13.51 11.31
CA MET E 315 17.38 -12.70 11.52
C MET E 315 16.88 -12.29 10.15
N MET E 316 17.42 -12.93 9.12
CA MET E 316 17.03 -12.63 7.74
C MET E 316 17.13 -13.87 6.86
N ASP E 317 16.44 -13.81 5.71
CA ASP E 317 16.46 -14.87 4.71
C ASP E 317 16.81 -14.13 3.42
N ALA E 318 16.86 -14.83 2.28
CA ALA E 318 17.23 -14.18 1.04
C ALA E 318 16.06 -13.82 0.14
N THR E 319 15.00 -13.24 0.72
CA THR E 319 13.83 -12.92 -0.08
C THR E 319 13.45 -11.45 -0.26
N ASN E 320 14.30 -10.53 0.18
CA ASN E 320 14.07 -9.11 -0.01
C ASN E 320 15.46 -8.51 -0.26
N MET E 321 15.54 -7.55 -1.16
CA MET E 321 16.83 -6.96 -1.52
C MET E 321 17.72 -6.48 -0.37
N PRO E 322 17.18 -5.64 0.53
CA PRO E 322 18.00 -5.18 1.65
C PRO E 322 18.65 -6.34 2.38
N ALA E 323 17.87 -7.40 2.63
CA ALA E 323 18.40 -8.56 3.34
C ALA E 323 19.47 -9.26 2.53
N VAL E 324 19.23 -9.40 1.23
CA VAL E 324 20.19 -10.05 0.34
C VAL E 324 21.49 -9.25 0.34
N LYS E 325 21.38 -7.93 0.33
CA LYS E 325 22.57 -7.09 0.36
C LYS E 325 23.33 -7.36 1.65
N ALA E 326 22.64 -7.27 2.78
CA ALA E 326 23.26 -7.51 4.07
C ALA E 326 23.95 -8.87 4.07
N ILE E 327 23.23 -9.91 3.67
CA ILE E 327 23.81 -11.25 3.64
C ILE E 327 25.06 -11.31 2.77
N ILE E 328 25.01 -10.69 1.60
CA ILE E 328 26.16 -10.68 0.71
C ILE E 328 27.34 -9.99 1.39
N TYR E 329 27.10 -8.79 1.92
CA TYR E 329 28.14 -8.03 2.59
C TYR E 329 28.81 -8.77 3.75
N GLN E 330 28.03 -9.52 4.52
CA GLN E 330 28.59 -10.25 5.64
C GLN E 330 29.52 -11.34 5.11
N TYR E 331 29.14 -11.95 4.00
CA TYR E 331 30.00 -12.98 3.40
C TYR E 331 31.30 -12.36 2.88
N MET E 332 31.22 -11.14 2.35
CA MET E 332 32.41 -10.44 1.86
C MET E 332 33.36 -10.21 3.02
N GLU E 333 32.79 -9.84 4.17
CA GLU E 333 33.59 -9.60 5.36
C GLU E 333 34.22 -10.89 5.88
N GLU E 334 33.49 -12.00 5.80
CA GLU E 334 34.03 -13.27 6.25
C GLU E 334 35.28 -13.58 5.43
N ILE E 335 35.27 -13.19 4.15
CA ILE E 335 36.43 -13.41 3.29
C ILE E 335 37.53 -12.41 3.62
N TYR E 336 37.16 -11.13 3.70
CA TYR E 336 38.11 -10.05 3.99
C TYR E 336 38.90 -10.33 5.26
N HIS E 337 38.22 -10.92 6.24
CA HIS E 337 38.83 -11.22 7.53
C HIS E 337 39.88 -12.32 7.45
N ARG E 338 39.75 -13.21 6.48
CA ARG E 338 40.70 -14.32 6.37
C ARG E 338 41.82 -14.12 5.34
N ILE E 339 41.86 -12.96 4.71
CA ILE E 339 42.89 -12.69 3.70
C ILE E 339 44.30 -12.69 4.29
N PRO E 340 45.16 -13.62 3.85
CA PRO E 340 46.54 -13.68 4.36
C PRO E 340 47.35 -12.51 3.78
N ASP E 341 48.13 -11.84 4.62
CA ASP E 341 48.96 -10.72 4.19
C ASP E 341 49.85 -11.06 3.02
N SER E 342 50.49 -12.22 3.10
CA SER E 342 51.43 -12.65 2.07
C SER E 342 50.80 -13.24 0.82
N ASN E 343 49.48 -13.47 0.84
CA ASN E 343 48.78 -14.01 -0.33
C ASN E 343 49.06 -13.09 -1.51
N PRO E 344 49.55 -13.64 -2.63
CA PRO E 344 49.84 -12.83 -3.82
C PRO E 344 48.69 -12.00 -4.38
N SER E 345 47.46 -12.39 -4.07
CA SER E 345 46.28 -11.68 -4.55
C SER E 345 45.63 -10.81 -3.45
N SER E 346 46.20 -10.84 -2.25
CA SER E 346 45.65 -10.09 -1.12
C SER E 346 45.26 -8.65 -1.44
N SER E 347 46.04 -7.95 -2.26
CA SER E 347 45.73 -6.58 -2.61
C SER E 347 44.47 -6.50 -3.48
N LYS E 348 44.43 -7.33 -4.51
CA LYS E 348 43.30 -7.38 -5.41
C LYS E 348 42.02 -7.74 -4.64
N THR E 349 42.12 -8.74 -3.77
CA THR E 349 41.00 -9.22 -2.97
C THR E 349 40.43 -8.11 -2.09
N ARG E 350 41.32 -7.35 -1.44
CA ARG E 350 40.86 -6.25 -0.59
C ARG E 350 40.24 -5.14 -1.44
N GLN E 351 40.77 -4.93 -2.64
CA GLN E 351 40.28 -3.90 -3.54
C GLN E 351 38.85 -4.14 -4.01
N ILE E 352 38.59 -5.33 -4.55
CA ILE E 352 37.26 -5.65 -5.04
C ILE E 352 36.26 -5.61 -3.89
N ILE E 353 36.65 -6.13 -2.73
CA ILE E 353 35.77 -6.13 -1.58
C ILE E 353 35.48 -4.69 -1.15
N SER E 354 36.51 -3.86 -1.12
CA SER E 354 36.36 -2.46 -0.75
C SER E 354 35.37 -1.77 -1.68
N THR E 355 35.49 -2.05 -2.98
CA THR E 355 34.61 -1.47 -3.98
C THR E 355 33.17 -1.90 -3.75
N ILE E 356 32.96 -3.18 -3.46
CA ILE E 356 31.63 -3.71 -3.20
C ILE E 356 31.00 -3.04 -1.97
N ARG E 357 31.84 -2.71 -0.98
CA ARG E 357 31.35 -2.05 0.23
C ARG E 357 30.88 -0.62 -0.01
N THR E 358 31.62 0.11 -0.86
CA THR E 358 31.32 1.51 -1.15
C THR E 358 30.34 1.79 -2.30
N GLN E 359 30.08 0.80 -3.14
CA GLN E 359 29.12 1.01 -4.24
C GLN E 359 27.69 1.04 -3.71
N LEU F 26 34.12 6.43 -7.65
CA LEU F 26 34.13 6.23 -6.20
C LEU F 26 35.39 6.80 -5.55
N SER F 27 35.21 7.77 -4.66
CA SER F 27 36.33 8.41 -3.97
C SER F 27 37.04 7.44 -3.02
N SER F 28 38.32 7.68 -2.80
CA SER F 28 39.10 6.83 -1.92
C SER F 28 38.89 7.18 -0.45
N SER F 29 38.31 8.35 -0.18
CA SER F 29 38.06 8.72 1.20
C SER F 29 36.75 8.05 1.66
N LEU F 30 35.84 7.83 0.74
CA LEU F 30 34.58 7.16 1.07
C LEU F 30 34.89 5.67 1.29
N LYS F 31 35.76 5.13 0.44
CA LYS F 31 36.17 3.73 0.56
C LYS F 31 36.82 3.57 1.92
N THR F 32 37.61 4.55 2.31
CA THR F 32 38.29 4.50 3.59
C THR F 32 37.28 4.56 4.74
N CYS F 33 36.20 5.32 4.56
CA CYS F 33 35.18 5.42 5.60
C CYS F 33 34.47 4.08 5.77
N TYR F 34 34.23 3.38 4.67
CA TYR F 34 33.57 2.09 4.73
C TYR F 34 34.51 1.04 5.31
N LYS F 35 35.81 1.28 5.19
CA LYS F 35 36.80 0.37 5.76
C LYS F 35 36.70 0.55 7.28
N TYR F 36 36.67 1.80 7.72
CA TYR F 36 36.54 2.09 9.14
C TYR F 36 35.21 1.59 9.67
N LEU F 37 34.15 1.73 8.86
CA LEU F 37 32.84 1.26 9.27
C LEU F 37 32.90 -0.21 9.64
N ASN F 38 33.45 -1.02 8.74
CA ASN F 38 33.58 -2.46 8.98
C ASN F 38 34.50 -2.80 10.13
N GLN F 39 35.53 -1.97 10.35
CA GLN F 39 36.47 -2.18 11.45
C GLN F 39 35.81 -1.98 12.81
N THR F 40 35.15 -0.84 12.97
CA THR F 40 34.51 -0.47 14.22
C THR F 40 33.12 -1.03 14.49
N SER F 41 32.48 -1.59 13.48
CA SER F 41 31.14 -2.16 13.64
C SER F 41 31.12 -3.61 13.19
N ARG F 42 31.27 -4.51 14.17
CA ARG F 42 31.28 -5.93 13.91
C ARG F 42 30.01 -6.46 13.24
N SER F 43 28.86 -6.23 13.87
CA SER F 43 27.60 -6.76 13.34
C SER F 43 26.56 -5.81 12.73
N PHE F 44 26.92 -4.56 12.45
CA PHE F 44 25.93 -3.66 11.85
C PHE F 44 26.36 -3.01 10.55
N ALA F 45 27.60 -3.22 10.15
CA ALA F 45 28.10 -2.66 8.90
C ALA F 45 27.26 -3.15 7.73
N ALA F 46 26.92 -4.45 7.76
CA ALA F 46 26.14 -5.07 6.70
C ALA F 46 24.78 -4.40 6.50
N VAL F 47 24.04 -4.18 7.59
CA VAL F 47 22.72 -3.58 7.49
C VAL F 47 22.80 -2.10 7.11
N ILE F 48 23.85 -1.41 7.56
CA ILE F 48 24.02 0.00 7.21
C ILE F 48 24.29 0.12 5.70
N GLN F 49 25.10 -0.80 5.18
CA GLN F 49 25.45 -0.81 3.77
C GLN F 49 24.26 -1.20 2.90
N ALA F 50 23.23 -1.80 3.51
CA ALA F 50 22.06 -2.21 2.75
C ALA F 50 21.02 -1.09 2.65
N LEU F 51 21.18 -0.03 3.44
CA LEU F 51 20.25 1.09 3.41
C LEU F 51 20.11 1.68 2.00
N ASP F 52 18.89 2.01 1.59
CA ASP F 52 18.65 2.58 0.26
C ASP F 52 19.22 3.98 0.09
N GLY F 53 19.44 4.33 -1.18
CA GLY F 53 19.93 5.63 -1.59
C GLY F 53 20.89 6.41 -0.72
N GLU F 54 20.53 7.66 -0.44
CA GLU F 54 21.36 8.55 0.34
C GLU F 54 21.53 8.19 1.80
N MET F 55 20.66 7.33 2.33
CA MET F 55 20.78 6.94 3.74
C MET F 55 22.02 6.10 3.97
N ARG F 56 22.48 5.43 2.91
CA ARG F 56 23.66 4.58 2.97
C ARG F 56 24.87 5.35 3.52
N ASN F 57 25.32 6.36 2.77
CA ASN F 57 26.47 7.15 3.19
C ASN F 57 26.16 8.00 4.42
N ALA F 58 24.96 8.53 4.50
CA ALA F 58 24.59 9.38 5.63
C ALA F 58 24.72 8.66 6.96
N VAL F 59 24.26 7.41 7.02
CA VAL F 59 24.35 6.64 8.27
C VAL F 59 25.75 6.10 8.51
N CYS F 60 26.44 5.74 7.43
CA CYS F 60 27.81 5.25 7.57
C CYS F 60 28.64 6.36 8.21
N ILE F 61 28.51 7.56 7.64
CA ILE F 61 29.24 8.72 8.15
C ILE F 61 28.74 9.06 9.55
N PHE F 62 27.44 9.01 9.74
CA PHE F 62 26.88 9.32 11.06
C PHE F 62 27.41 8.35 12.10
N TYR F 63 27.63 7.10 11.69
CA TYR F 63 28.13 6.10 12.61
C TYR F 63 29.58 6.33 12.97
N LEU F 64 30.36 6.82 12.01
CA LEU F 64 31.78 7.06 12.26
C LEU F 64 32.01 8.29 13.15
N VAL F 65 31.27 9.37 12.93
CA VAL F 65 31.47 10.55 13.76
C VAL F 65 31.09 10.18 15.20
N LEU F 66 30.07 9.34 15.35
CA LEU F 66 29.63 8.90 16.67
C LEU F 66 30.68 7.99 17.31
N ARG F 67 31.41 7.25 16.49
CA ARG F 67 32.45 6.37 16.99
C ARG F 67 33.55 7.26 17.56
N ALA F 68 33.91 8.30 16.80
CA ALA F 68 34.94 9.23 17.21
C ALA F 68 34.56 9.87 18.54
N LEU F 69 33.44 10.59 18.56
CA LEU F 69 32.97 11.26 19.76
C LEU F 69 32.89 10.33 20.97
N ASP F 70 32.57 9.06 20.73
CA ASP F 70 32.49 8.10 21.82
C ASP F 70 33.87 7.68 22.29
N THR F 71 34.78 7.59 21.33
CA THR F 71 36.15 7.21 21.63
C THR F 71 36.77 8.21 22.59
N LEU F 72 36.35 9.47 22.45
CA LEU F 72 36.85 10.52 23.32
C LEU F 72 36.27 10.41 24.72
N GLU F 73 34.95 10.24 24.80
CA GLU F 73 34.29 10.13 26.09
C GLU F 73 34.77 8.93 26.90
N ASP F 74 35.16 7.87 26.21
CA ASP F 74 35.62 6.66 26.88
C ASP F 74 37.09 6.73 27.31
N ASP F 75 37.89 7.45 26.54
CA ASP F 75 39.31 7.58 26.82
C ASP F 75 39.53 8.20 28.21
N MET F 76 40.27 7.50 29.05
CA MET F 76 40.53 7.96 30.42
C MET F 76 41.87 8.69 30.55
N THR F 77 42.79 8.41 29.65
CA THR F 77 44.09 9.07 29.69
C THR F 77 43.92 10.52 29.25
N ILE F 78 42.67 10.98 29.26
CA ILE F 78 42.33 12.34 28.86
C ILE F 78 41.91 13.21 30.04
N SER F 79 42.46 14.41 30.09
CA SER F 79 42.15 15.37 31.13
C SER F 79 40.66 15.72 31.07
N VAL F 80 39.96 15.55 32.18
CA VAL F 80 38.53 15.87 32.23
C VAL F 80 38.30 17.30 31.77
N GLU F 81 39.20 18.19 32.17
CA GLU F 81 39.11 19.59 31.81
C GLU F 81 39.52 19.83 30.35
N LYS F 82 40.21 18.85 29.76
CA LYS F 82 40.63 18.93 28.37
C LYS F 82 39.60 18.18 27.53
N LYS F 83 38.92 17.22 28.17
CA LYS F 83 37.91 16.42 27.50
C LYS F 83 36.63 17.23 27.28
N VAL F 84 36.20 17.94 28.32
CA VAL F 84 35.00 18.76 28.24
C VAL F 84 34.97 19.60 26.97
N PRO F 85 36.00 20.44 26.76
CA PRO F 85 36.04 21.27 25.55
C PRO F 85 35.95 20.45 24.26
N LEU F 86 36.59 19.28 24.26
CA LEU F 86 36.57 18.43 23.07
C LEU F 86 35.15 17.95 22.78
N LEU F 87 34.43 17.57 23.83
CA LEU F 87 33.06 17.11 23.69
C LEU F 87 32.18 18.26 23.22
N HIS F 88 32.31 19.40 23.89
CA HIS F 88 31.52 20.59 23.57
C HIS F 88 31.68 21.09 22.14
N ASN F 89 32.88 20.95 21.58
CA ASN F 89 33.13 21.46 20.25
C ASN F 89 33.23 20.41 19.16
N PHE F 90 32.99 19.15 19.51
CA PHE F 90 33.06 18.09 18.52
C PHE F 90 32.23 18.44 17.29
N HIS F 91 31.02 18.92 17.53
CA HIS F 91 30.11 19.27 16.44
C HIS F 91 30.72 20.28 15.45
N SER F 92 31.65 21.09 15.91
CA SER F 92 32.28 22.07 15.02
C SER F 92 33.50 21.49 14.31
N PHE F 93 34.15 20.51 14.92
CA PHE F 93 35.32 19.88 14.30
C PHE F 93 34.93 19.30 12.93
N LEU F 94 33.68 18.90 12.79
CA LEU F 94 33.20 18.34 11.54
C LEU F 94 33.42 19.32 10.39
N TYR F 95 33.50 20.61 10.74
CA TYR F 95 33.70 21.64 9.73
C TYR F 95 35.13 22.18 9.65
N GLN F 96 36.03 21.60 10.43
CA GLN F 96 37.44 21.99 10.44
C GLN F 96 38.25 20.88 9.75
N PRO F 97 38.41 20.97 8.42
CA PRO F 97 39.13 20.05 7.54
C PRO F 97 40.39 19.39 8.07
N ASP F 98 41.21 20.15 8.80
CA ASP F 98 42.47 19.63 9.31
C ASP F 98 42.40 19.06 10.72
N TRP F 99 41.22 19.08 11.34
CA TRP F 99 41.09 18.58 12.70
C TRP F 99 41.29 17.08 12.87
N ARG F 100 41.95 16.70 13.96
CA ARG F 100 42.22 15.31 14.28
C ARG F 100 42.77 15.20 15.71
N PHE F 101 42.71 14.00 16.28
CA PHE F 101 43.19 13.78 17.65
C PHE F 101 44.15 12.60 17.69
N MET F 102 45.43 12.88 17.93
CA MET F 102 46.46 11.83 17.96
C MET F 102 46.81 11.30 19.35
N GLU F 103 46.37 11.98 20.41
CA GLU F 103 46.71 11.56 21.76
C GLU F 103 45.83 10.45 22.33
N SER F 104 44.77 10.08 21.63
CA SER F 104 43.87 9.02 22.12
C SER F 104 44.59 7.68 22.16
N LYS F 105 44.23 6.85 23.13
CA LYS F 105 44.84 5.53 23.30
C LYS F 105 43.81 4.41 23.32
N GLU F 106 42.78 4.52 22.48
CA GLU F 106 41.74 3.50 22.40
C GLU F 106 41.97 2.59 21.19
N LYS F 107 41.14 1.58 21.03
CA LYS F 107 41.28 0.66 19.91
C LYS F 107 40.79 1.25 18.60
N ASP F 108 39.80 2.13 18.69
CA ASP F 108 39.22 2.78 17.51
C ASP F 108 39.80 4.17 17.29
N ARG F 109 41.02 4.39 17.75
CA ARG F 109 41.69 5.68 17.62
C ARG F 109 41.92 6.11 16.19
N GLN F 110 41.86 5.17 15.26
CA GLN F 110 42.07 5.48 13.84
C GLN F 110 41.09 6.51 13.32
N VAL F 111 39.85 6.46 13.77
CA VAL F 111 38.84 7.40 13.31
C VAL F 111 39.11 8.81 13.81
N LEU F 112 39.97 8.93 14.82
CA LEU F 112 40.31 10.22 15.37
C LEU F 112 41.54 10.79 14.68
N GLU F 113 42.53 9.93 14.44
CA GLU F 113 43.76 10.35 13.80
C GLU F 113 43.58 10.65 12.32
N ASP F 114 42.49 10.15 11.75
CA ASP F 114 42.21 10.38 10.33
C ASP F 114 40.83 10.98 10.18
N PHE F 115 40.39 11.71 11.20
CA PHE F 115 39.08 12.34 11.17
C PHE F 115 38.84 13.18 9.91
N PRO F 116 39.89 13.86 9.41
CA PRO F 116 39.68 14.67 8.19
C PRO F 116 39.07 13.89 7.02
N THR F 117 39.41 12.60 6.91
CA THR F 117 38.84 11.78 5.84
C THR F 117 37.35 11.62 6.13
N ILE F 118 37.03 11.46 7.41
CA ILE F 118 35.64 11.30 7.83
C ILE F 118 34.84 12.59 7.68
N SER F 119 35.35 13.71 8.21
CA SER F 119 34.65 14.99 8.11
C SER F 119 34.52 15.42 6.66
N LEU F 120 35.52 15.08 5.84
CA LEU F 120 35.49 15.43 4.43
C LEU F 120 34.24 14.82 3.79
N GLU F 121 34.02 13.53 4.01
CA GLU F 121 32.85 12.88 3.45
C GLU F 121 31.58 13.43 4.10
N PHE F 122 31.69 13.81 5.37
CA PHE F 122 30.55 14.38 6.05
C PHE F 122 30.10 15.62 5.30
N ARG F 123 31.08 16.44 4.91
CA ARG F 123 30.79 17.67 4.19
C ARG F 123 30.33 17.42 2.74
N ASN F 124 30.31 16.15 2.33
CA ASN F 124 29.85 15.83 0.99
C ASN F 124 28.37 15.44 1.03
N LEU F 125 27.88 15.13 2.23
CA LEU F 125 26.48 14.76 2.40
C LEU F 125 25.60 15.97 2.09
N ALA F 126 24.37 15.72 1.69
CA ALA F 126 23.46 16.81 1.40
C ALA F 126 23.34 17.69 2.65
N GLU F 127 23.08 18.97 2.45
CA GLU F 127 22.96 19.91 3.54
C GLU F 127 21.97 19.46 4.61
N LYS F 128 20.81 18.95 4.18
CA LYS F 128 19.77 18.51 5.11
C LYS F 128 20.20 17.41 6.08
N TYR F 129 21.17 16.58 5.68
CA TYR F 129 21.65 15.50 6.55
C TYR F 129 22.72 16.03 7.50
N GLN F 130 23.52 16.95 7.00
CA GLN F 130 24.58 17.54 7.82
C GLN F 130 23.98 18.26 9.02
N THR F 131 22.91 19.02 8.75
CA THR F 131 22.24 19.77 9.79
C THR F 131 21.84 18.88 10.96
N VAL F 132 21.25 17.72 10.63
CA VAL F 132 20.83 16.77 11.65
C VAL F 132 22.00 16.16 12.43
N ILE F 133 22.94 15.56 11.70
CA ILE F 133 24.09 14.94 12.35
C ILE F 133 24.86 15.93 13.22
N ALA F 134 25.03 17.15 12.71
CA ALA F 134 25.74 18.18 13.45
C ALA F 134 24.97 18.52 14.72
N ASP F 135 23.67 18.79 14.56
CA ASP F 135 22.82 19.14 15.69
C ASP F 135 22.86 18.08 16.79
N ILE F 136 22.74 16.81 16.41
CA ILE F 136 22.77 15.72 17.38
C ILE F 136 24.11 15.63 18.10
N CYS F 137 25.21 15.79 17.37
CA CYS F 137 26.54 15.72 17.98
C CYS F 137 26.72 16.85 19.00
N ARG F 138 26.14 18.01 18.71
CA ARG F 138 26.25 19.16 19.61
C ARG F 138 25.56 18.90 20.94
N ARG F 139 24.27 18.56 20.88
CA ARG F 139 23.49 18.28 22.09
C ARG F 139 24.09 17.09 22.82
N MET F 140 24.59 16.13 22.05
CA MET F 140 25.18 14.93 22.62
C MET F 140 26.45 15.31 23.38
N GLY F 141 27.24 16.20 22.79
CA GLY F 141 28.48 16.63 23.42
C GLY F 141 28.27 17.20 24.81
N ILE F 142 27.23 18.03 24.95
CA ILE F 142 26.90 18.65 26.23
C ILE F 142 26.61 17.59 27.29
N GLY F 143 25.61 16.77 27.03
CA GLY F 143 25.23 15.72 27.96
C GLY F 143 26.37 14.84 28.40
N MET F 144 27.27 14.50 27.47
CA MET F 144 28.40 13.64 27.81
C MET F 144 29.32 14.32 28.82
N ALA F 145 29.56 15.61 28.60
CA ALA F 145 30.42 16.39 29.49
C ALA F 145 29.75 16.42 30.86
N GLU F 146 28.49 16.83 30.86
CA GLU F 146 27.68 16.93 32.06
C GLU F 146 27.78 15.71 32.99
N PHE F 147 28.12 14.54 32.44
CA PHE F 147 28.21 13.34 33.25
C PHE F 147 29.62 12.83 33.53
N LEU F 148 30.64 13.59 33.14
CA LEU F 148 32.01 13.15 33.37
C LEU F 148 32.35 13.01 34.86
N ASP F 149 32.06 14.05 35.63
CA ASP F 149 32.32 14.03 37.06
C ASP F 149 31.03 13.78 37.82
N LYS F 150 30.21 12.87 37.28
CA LYS F 150 28.94 12.54 37.89
C LYS F 150 28.52 11.12 37.50
N HIS F 151 28.05 10.36 38.48
CA HIS F 151 27.61 8.98 38.24
C HIS F 151 26.10 8.95 38.03
N VAL F 152 25.58 7.79 37.69
CA VAL F 152 24.14 7.65 37.49
C VAL F 152 23.52 7.42 38.86
N THR F 153 22.64 8.33 39.27
CA THR F 153 21.98 8.22 40.56
C THR F 153 20.57 7.67 40.45
N SER F 154 19.62 8.53 40.14
CA SER F 154 18.23 8.13 40.01
C SER F 154 17.96 7.49 38.65
N GLU F 155 16.86 6.74 38.56
CA GLU F 155 16.51 6.10 37.31
C GLU F 155 16.19 7.16 36.26
N GLN F 156 15.73 8.31 36.70
CA GLN F 156 15.40 9.39 35.78
C GLN F 156 16.70 9.95 35.20
N GLU F 157 17.76 9.86 35.98
CA GLU F 157 19.07 10.32 35.54
C GLU F 157 19.62 9.29 34.56
N TRP F 158 19.34 8.01 34.82
CA TRP F 158 19.81 6.93 33.97
C TRP F 158 19.22 7.15 32.58
N ASP F 159 17.99 7.66 32.54
CA ASP F 159 17.33 7.93 31.27
C ASP F 159 17.91 9.17 30.61
N LYS F 160 18.42 10.10 31.42
CA LYS F 160 18.99 11.32 30.88
C LYS F 160 20.31 10.97 30.20
N TYR F 161 21.16 10.22 30.91
CA TYR F 161 22.45 9.82 30.37
C TYR F 161 22.23 9.04 29.06
N CYS F 162 21.37 8.03 29.13
CA CYS F 162 21.05 7.21 27.97
C CYS F 162 20.53 8.06 26.83
N HIS F 163 19.70 9.04 27.15
CA HIS F 163 19.14 9.95 26.15
C HIS F 163 20.27 10.65 25.40
N TYR F 164 21.35 10.94 26.14
CA TYR F 164 22.50 11.63 25.58
C TYR F 164 23.46 10.77 24.75
N VAL F 165 23.72 9.54 25.18
CA VAL F 165 24.63 8.68 24.42
C VAL F 165 23.95 7.78 23.39
N ALA F 166 22.67 7.45 23.62
CA ALA F 166 21.96 6.57 22.70
C ALA F 166 20.66 7.17 22.16
N GLY F 167 19.83 7.69 23.05
CA GLY F 167 18.56 8.27 22.66
C GLY F 167 18.63 9.26 21.50
N LEU F 168 19.53 10.23 21.59
CA LEU F 168 19.68 11.23 20.54
C LEU F 168 20.07 10.59 19.23
N VAL F 169 20.79 9.46 19.31
CA VAL F 169 21.22 8.74 18.11
C VAL F 169 19.98 8.25 17.38
N GLY F 170 19.00 7.78 18.15
CA GLY F 170 17.76 7.28 17.58
C GLY F 170 16.99 8.41 16.93
N ILE F 171 16.95 9.55 17.61
CA ILE F 171 16.24 10.73 17.12
C ILE F 171 16.88 11.21 15.82
N GLY F 172 18.21 11.18 15.77
CA GLY F 172 18.93 11.61 14.59
C GLY F 172 18.65 10.73 13.40
N LEU F 173 18.64 9.42 13.62
CA LEU F 173 18.37 8.48 12.56
C LEU F 173 16.96 8.66 12.01
N SER F 174 15.99 8.83 12.91
CA SER F 174 14.61 9.03 12.49
C SER F 174 14.50 10.27 11.63
N ARG F 175 15.25 11.31 12.00
CA ARG F 175 15.23 12.55 11.24
C ARG F 175 15.89 12.34 9.88
N LEU F 176 16.92 11.52 9.85
CA LEU F 176 17.60 11.25 8.60
C LEU F 176 16.67 10.45 7.70
N PHE F 177 15.92 9.50 8.27
CA PHE F 177 15.00 8.70 7.47
C PHE F 177 13.97 9.60 6.78
N SER F 178 13.39 10.51 7.54
CA SER F 178 12.39 11.44 7.00
C SER F 178 13.03 12.43 6.05
N ALA F 179 14.19 12.95 6.40
CA ALA F 179 14.87 13.91 5.54
C ALA F 179 15.09 13.27 4.17
N SER F 180 15.50 12.00 4.18
CA SER F 180 15.75 11.26 2.94
C SER F 180 14.44 10.99 2.20
N GLU F 181 13.33 11.14 2.91
CA GLU F 181 12.00 10.91 2.32
C GLU F 181 11.68 9.45 2.03
N PHE F 182 12.46 8.54 2.58
CA PHE F 182 12.22 7.11 2.41
C PHE F 182 11.20 6.66 3.45
N GLU F 183 11.04 7.48 4.48
CA GLU F 183 10.08 7.25 5.57
C GLU F 183 9.20 8.49 5.68
N ASP F 184 7.97 8.30 6.14
CA ASP F 184 7.00 9.38 6.31
C ASP F 184 7.51 10.44 7.30
N PRO F 185 7.21 11.72 7.06
CA PRO F 185 7.65 12.79 7.96
C PRO F 185 7.28 12.50 9.42
N LEU F 186 6.23 11.70 9.62
CA LEU F 186 5.77 11.33 10.96
C LEU F 186 6.81 10.51 11.71
N VAL F 187 7.68 9.82 10.99
CA VAL F 187 8.73 9.02 11.61
C VAL F 187 9.67 9.96 12.35
N GLY F 188 10.10 11.03 11.68
CA GLY F 188 11.00 12.00 12.27
C GLY F 188 10.40 12.72 13.47
N GLU F 189 9.14 13.13 13.35
CA GLU F 189 8.45 13.85 14.42
C GLU F 189 8.41 13.11 15.74
N ASP F 190 8.05 11.82 15.71
CA ASP F 190 7.93 11.02 16.91
C ASP F 190 9.28 10.82 17.60
N THR F 191 9.77 11.89 18.20
CA THR F 191 11.05 11.87 18.88
C THR F 191 11.03 11.06 20.18
N GLU F 192 9.87 10.98 20.82
CA GLU F 192 9.81 10.24 22.06
C GLU F 192 10.06 8.76 21.82
N ARG F 193 9.35 8.16 20.87
CA ARG F 193 9.54 6.75 20.59
C ARG F 193 10.90 6.49 19.95
N ALA F 194 11.41 7.46 19.21
CA ALA F 194 12.73 7.33 18.60
C ALA F 194 13.77 7.28 19.71
N ASN F 195 13.50 8.02 20.78
CA ASN F 195 14.39 8.09 21.93
C ASN F 195 14.36 6.80 22.74
N SER F 196 13.17 6.24 22.89
CA SER F 196 13.01 4.99 23.64
C SER F 196 13.81 3.88 22.97
N MET F 197 13.85 3.91 21.63
CA MET F 197 14.59 2.91 20.86
C MET F 197 16.04 2.89 21.33
N GLY F 198 16.64 4.07 21.47
CA GLY F 198 18.02 4.17 21.92
C GLY F 198 18.18 3.76 23.38
N LEU F 199 17.26 4.22 24.22
CA LEU F 199 17.31 3.88 25.64
C LEU F 199 17.29 2.38 25.85
N PHE F 200 16.46 1.68 25.07
CA PHE F 200 16.35 0.24 25.20
C PHE F 200 17.70 -0.45 24.90
N LEU F 201 18.36 -0.04 23.82
CA LEU F 201 19.64 -0.64 23.47
C LEU F 201 20.72 -0.32 24.51
N GLN F 202 20.80 0.94 24.92
CA GLN F 202 21.81 1.37 25.89
C GLN F 202 21.65 0.68 27.25
N LYS F 203 20.45 0.70 27.81
CA LYS F 203 20.25 0.05 29.10
C LYS F 203 20.62 -1.43 28.99
N THR F 204 20.35 -2.03 27.84
CA THR F 204 20.65 -3.43 27.61
C THR F 204 22.14 -3.72 27.65
N ASN F 205 22.93 -2.91 26.98
CA ASN F 205 24.37 -3.10 26.96
C ASN F 205 24.94 -2.81 28.35
N ILE F 206 24.52 -1.69 28.93
CA ILE F 206 24.97 -1.31 30.26
C ILE F 206 24.75 -2.46 31.24
N ILE F 207 23.55 -3.04 31.19
CA ILE F 207 23.22 -4.16 32.07
C ILE F 207 24.10 -5.37 31.77
N ARG F 208 24.27 -5.68 30.48
CA ARG F 208 25.06 -6.83 30.05
C ARG F 208 26.56 -6.67 30.29
N ASP F 209 27.07 -5.45 30.04
CA ASP F 209 28.48 -5.15 30.20
C ASP F 209 28.91 -4.77 31.62
N TYR F 210 28.33 -5.39 32.63
CA TYR F 210 28.69 -5.07 34.01
C TYR F 210 30.18 -5.33 34.26
N LEU F 211 30.55 -6.61 34.32
CA LEU F 211 31.92 -7.00 34.58
C LEU F 211 32.94 -6.17 33.79
N GLU F 212 32.84 -6.20 32.47
CA GLU F 212 33.78 -5.43 31.64
C GLU F 212 33.92 -3.98 32.10
N ASP F 213 32.80 -3.27 32.22
CA ASP F 213 32.85 -1.88 32.66
C ASP F 213 33.43 -1.82 34.08
N GLN F 214 33.12 -2.84 34.88
CA GLN F 214 33.60 -2.93 36.25
C GLN F 214 35.13 -2.98 36.23
N GLN F 215 35.66 -3.96 35.52
CA GLN F 215 37.10 -4.14 35.40
C GLN F 215 37.67 -3.06 34.48
N GLY F 216 36.98 -1.93 34.44
CA GLY F 216 37.40 -0.81 33.62
C GLY F 216 37.37 0.47 34.44
N GLY F 217 36.75 0.38 35.62
CA GLY F 217 36.65 1.53 36.49
C GLY F 217 35.45 2.42 36.28
N ARG F 218 34.62 2.09 35.29
CA ARG F 218 33.43 2.89 34.99
C ARG F 218 32.15 2.30 35.59
N GLU F 219 31.28 3.17 36.07
CA GLU F 219 30.02 2.74 36.67
C GLU F 219 28.86 3.40 35.93
N PHE F 220 27.93 2.58 35.46
CA PHE F 220 26.77 3.10 34.74
C PHE F 220 25.43 2.72 35.37
N TRP F 221 25.40 1.62 36.10
CA TRP F 221 24.17 1.18 36.77
C TRP F 221 23.73 2.30 37.73
N PRO F 222 22.44 2.66 37.73
CA PRO F 222 21.93 3.71 38.61
C PRO F 222 22.19 3.45 40.10
N GLN F 223 22.80 4.43 40.75
CA GLN F 223 23.13 4.30 42.17
C GLN F 223 21.94 3.99 43.06
N GLU F 224 20.83 4.71 42.88
CA GLU F 224 19.64 4.48 43.69
C GLU F 224 19.15 3.04 43.63
N VAL F 225 19.58 2.31 42.62
CA VAL F 225 19.14 0.92 42.46
C VAL F 225 20.08 -0.09 43.12
N TRP F 226 21.35 -0.09 42.74
CA TRP F 226 22.30 -1.05 43.32
C TRP F 226 22.57 -0.77 44.80
N SER F 227 22.49 0.50 45.20
CA SER F 227 22.74 0.88 46.58
C SER F 227 21.84 0.11 47.54
N ARG F 228 20.57 -0.05 47.18
CA ARG F 228 19.62 -0.77 48.02
C ARG F 228 19.97 -2.25 48.14
N TYR F 229 21.08 -2.64 47.53
CA TYR F 229 21.52 -4.04 47.59
C TYR F 229 22.89 -4.15 48.25
N VAL F 230 23.82 -3.29 47.83
CA VAL F 230 25.17 -3.29 48.38
C VAL F 230 25.66 -1.86 48.56
N LYS F 231 26.76 -1.72 49.30
CA LYS F 231 27.33 -0.40 49.57
C LYS F 231 28.17 0.13 48.40
N LYS F 232 28.87 -0.77 47.73
CA LYS F 232 29.71 -0.39 46.59
C LYS F 232 29.31 -1.20 45.36
N LEU F 233 28.98 -0.50 44.28
CA LEU F 233 28.56 -1.14 43.04
C LEU F 233 29.49 -2.29 42.65
N GLY F 234 30.72 -2.24 43.15
CA GLY F 234 31.68 -3.30 42.85
C GLY F 234 31.37 -4.58 43.57
N ASP F 235 30.57 -4.49 44.64
CA ASP F 235 30.20 -5.66 45.44
C ASP F 235 29.65 -6.82 44.62
N PHE F 236 28.82 -6.51 43.63
CA PHE F 236 28.21 -7.54 42.80
C PHE F 236 29.26 -8.46 42.16
N ALA F 237 30.45 -7.94 41.94
CA ALA F 237 31.53 -8.73 41.37
C ALA F 237 31.96 -9.78 42.40
N LEU F 238 31.75 -9.45 43.67
CA LEU F 238 32.11 -10.34 44.76
C LEU F 238 31.13 -11.50 44.82
N PRO F 239 31.62 -12.73 44.64
CA PRO F 239 30.89 -14.01 44.67
C PRO F 239 29.84 -14.16 45.76
N GLU F 240 30.22 -13.82 46.99
CA GLU F 240 29.31 -13.94 48.13
C GLU F 240 28.04 -13.12 48.04
N ASN F 241 27.94 -12.27 46.99
CA ASN F 241 26.75 -11.44 46.83
C ASN F 241 25.92 -11.75 45.58
N ILE F 242 26.29 -12.82 44.88
CA ILE F 242 25.59 -13.24 43.67
C ILE F 242 24.09 -12.97 43.75
N ASP F 243 23.47 -13.45 44.82
CA ASP F 243 22.03 -13.29 45.02
C ASP F 243 21.58 -11.84 44.95
N LEU F 244 22.18 -10.99 45.78
CA LEU F 244 21.85 -9.57 45.81
C LEU F 244 22.10 -8.98 44.42
N ALA F 245 23.14 -9.47 43.77
CA ALA F 245 23.51 -9.01 42.44
C ALA F 245 22.39 -9.30 41.44
N VAL F 246 21.94 -10.56 41.41
CA VAL F 246 20.88 -10.99 40.52
C VAL F 246 19.61 -10.17 40.69
N GLN F 247 19.21 -9.95 41.93
CA GLN F 247 18.01 -9.18 42.23
C GLN F 247 18.10 -7.77 41.65
N CYS F 248 19.28 -7.16 41.77
CA CYS F 248 19.46 -5.82 41.23
C CYS F 248 19.41 -5.91 39.71
N LEU F 249 19.92 -7.02 39.18
CA LEU F 249 19.93 -7.27 37.75
C LEU F 249 18.50 -7.29 37.23
N ASN F 250 17.69 -8.20 37.77
CA ASN F 250 16.30 -8.35 37.38
C ASN F 250 15.51 -7.06 37.48
N GLU F 251 15.86 -6.22 38.45
CA GLU F 251 15.16 -4.96 38.64
C GLU F 251 15.47 -3.98 37.52
N LEU F 252 16.71 -4.00 37.04
CA LEU F 252 17.10 -3.10 35.96
C LEU F 252 16.50 -3.63 34.67
N ILE F 253 16.62 -4.93 34.46
CA ILE F 253 16.06 -5.54 33.27
C ILE F 253 14.59 -5.14 33.18
N THR F 254 13.88 -5.26 34.30
CA THR F 254 12.46 -4.89 34.36
C THR F 254 12.26 -3.44 33.95
N ASN F 255 13.24 -2.61 34.25
CA ASN F 255 13.17 -1.19 33.91
C ASN F 255 13.20 -1.02 32.38
N ALA F 256 14.15 -1.72 31.75
CA ALA F 256 14.33 -1.64 30.30
C ALA F 256 13.12 -2.18 29.52
N LEU F 257 12.53 -3.27 30.01
CA LEU F 257 11.38 -3.86 29.35
C LEU F 257 10.28 -2.83 29.10
N HIS F 258 10.18 -1.83 29.97
CA HIS F 258 9.17 -0.78 29.81
C HIS F 258 9.26 -0.05 28.48
N HIS F 259 10.35 -0.24 27.75
CA HIS F 259 10.52 0.44 26.47
C HIS F 259 10.02 -0.35 25.26
N ILE F 260 9.69 -1.61 25.46
CA ILE F 260 9.22 -2.43 24.35
C ILE F 260 7.97 -1.88 23.66
N PRO F 261 6.98 -1.37 24.42
CA PRO F 261 5.79 -0.83 23.77
C PRO F 261 6.14 0.26 22.76
N ASP F 262 7.03 1.19 23.15
CA ASP F 262 7.43 2.25 22.22
C ASP F 262 8.23 1.67 21.06
N VAL F 263 9.07 0.67 21.34
CA VAL F 263 9.86 0.03 20.30
C VAL F 263 8.95 -0.58 19.23
N ILE F 264 8.00 -1.38 19.68
CA ILE F 264 7.05 -2.02 18.79
C ILE F 264 6.29 -0.97 17.99
N THR F 265 5.82 0.07 18.67
CA THR F 265 5.08 1.15 18.02
C THR F 265 5.94 1.86 16.97
N TYR F 266 7.18 2.17 17.31
CA TYR F 266 8.09 2.85 16.39
C TYR F 266 8.35 2.02 15.13
N LEU F 267 8.66 0.73 15.31
CA LEU F 267 8.94 -0.14 14.19
C LEU F 267 7.71 -0.38 13.31
N SER F 268 6.53 -0.35 13.92
CA SER F 268 5.28 -0.56 13.17
C SER F 268 5.02 0.51 12.16
N ARG F 269 5.45 1.72 12.46
CA ARG F 269 5.24 2.86 11.58
C ARG F 269 6.14 2.84 10.34
N LEU F 270 7.29 2.18 10.44
CA LEU F 270 8.22 2.12 9.31
C LEU F 270 7.66 1.50 8.04
N ARG F 271 7.96 2.11 6.90
CA ARG F 271 7.46 1.60 5.62
C ARG F 271 8.54 1.18 4.61
N ASN F 272 9.79 1.62 4.82
CA ASN F 272 10.90 1.27 3.93
C ASN F 272 11.57 -0.01 4.43
N GLN F 273 11.76 -0.98 3.54
CA GLN F 273 12.36 -2.25 3.93
C GLN F 273 13.77 -2.14 4.49
N SER F 274 14.64 -1.41 3.80
CA SER F 274 16.02 -1.28 4.25
C SER F 274 16.08 -0.61 5.62
N VAL F 275 15.27 0.43 5.81
CA VAL F 275 15.24 1.11 7.10
C VAL F 275 14.73 0.15 8.18
N PHE F 276 13.70 -0.64 7.84
CA PHE F 276 13.13 -1.58 8.80
C PHE F 276 14.18 -2.55 9.32
N ASN F 277 14.90 -3.20 8.42
CA ASN F 277 15.94 -4.15 8.82
C ASN F 277 16.93 -3.47 9.75
N PHE F 278 17.34 -2.26 9.38
CA PHE F 278 18.29 -1.49 10.17
C PHE F 278 17.81 -1.25 11.62
N CYS F 279 16.56 -0.87 11.78
CA CYS F 279 16.02 -0.58 13.11
C CYS F 279 15.62 -1.82 13.92
N ALA F 280 15.00 -2.79 13.25
CA ALA F 280 14.53 -4.00 13.92
C ALA F 280 15.59 -4.95 14.47
N ILE F 281 16.57 -5.29 13.64
CA ILE F 281 17.62 -6.21 14.07
C ILE F 281 18.24 -5.83 15.42
N PRO F 282 18.77 -4.60 15.55
CA PRO F 282 19.37 -4.22 16.83
C PRO F 282 18.38 -4.42 17.99
N GLN F 283 17.12 -4.08 17.76
CA GLN F 283 16.13 -4.21 18.80
C GLN F 283 15.93 -5.66 19.22
N VAL F 284 15.83 -6.54 18.24
CA VAL F 284 15.64 -7.96 18.50
C VAL F 284 16.80 -8.52 19.33
N MET F 285 18.02 -8.25 18.89
CA MET F 285 19.18 -8.72 19.62
C MET F 285 19.21 -8.17 21.04
N ALA F 286 18.77 -6.93 21.23
CA ALA F 286 18.73 -6.35 22.57
C ALA F 286 17.83 -7.20 23.46
N ILE F 287 16.64 -7.53 22.95
CA ILE F 287 15.68 -8.35 23.70
C ILE F 287 16.21 -9.76 23.89
N ALA F 288 16.94 -10.26 22.90
CA ALA F 288 17.50 -11.60 23.01
C ALA F 288 18.60 -11.61 24.06
N THR F 289 19.10 -10.42 24.41
CA THR F 289 20.15 -10.30 25.41
C THR F 289 19.52 -10.15 26.79
N LEU F 290 18.45 -9.37 26.87
CA LEU F 290 17.76 -9.20 28.14
C LEU F 290 17.23 -10.54 28.62
N ALA F 291 16.87 -11.39 27.68
CA ALA F 291 16.33 -12.70 27.99
C ALA F 291 17.43 -13.60 28.51
N ALA F 292 18.54 -13.63 27.78
CA ALA F 292 19.68 -14.46 28.16
C ALA F 292 20.18 -14.12 29.56
N CYS F 293 20.25 -12.83 29.85
CA CYS F 293 20.74 -12.34 31.14
C CYS F 293 19.76 -12.42 32.30
N TYR F 294 18.47 -12.27 32.04
CA TYR F 294 17.50 -12.29 33.13
C TYR F 294 17.72 -13.41 34.12
N ASN F 295 17.77 -13.05 35.41
CA ASN F 295 17.97 -14.00 36.49
C ASN F 295 19.09 -14.99 36.19
N ASN F 296 20.25 -14.46 35.80
CA ASN F 296 21.40 -15.29 35.47
C ASN F 296 22.69 -14.75 36.07
N GLN F 297 23.25 -15.50 37.01
CA GLN F 297 24.49 -15.12 37.69
C GLN F 297 25.66 -14.89 36.74
N GLN F 298 25.72 -15.65 35.67
CA GLN F 298 26.82 -15.53 34.71
C GLN F 298 27.08 -14.10 34.23
N VAL F 299 26.12 -13.21 34.43
CA VAL F 299 26.28 -11.82 34.01
C VAL F 299 27.47 -11.14 34.67
N PHE F 300 27.72 -11.48 35.93
CA PHE F 300 28.81 -10.90 36.69
C PHE F 300 30.14 -11.63 36.51
N LYS F 301 30.06 -12.85 35.99
CA LYS F 301 31.24 -13.68 35.78
C LYS F 301 31.76 -13.62 34.34
N GLY F 302 31.24 -12.68 33.55
CA GLY F 302 31.67 -12.54 32.17
C GLY F 302 30.58 -12.04 31.24
N ALA F 303 30.73 -12.33 29.94
CA ALA F 303 29.75 -11.91 28.94
C ALA F 303 28.94 -13.12 28.48
N VAL F 304 27.67 -13.16 28.86
CA VAL F 304 26.79 -14.27 28.51
C VAL F 304 26.59 -14.44 27.00
N LEU F 305 26.27 -15.67 26.60
CA LEU F 305 26.05 -16.00 25.20
C LEU F 305 24.59 -15.78 24.77
N ILE F 306 24.38 -15.82 23.45
CA ILE F 306 23.05 -15.68 22.87
C ILE F 306 22.70 -17.13 22.55
N ARG F 307 21.83 -17.75 23.35
CA ARG F 307 21.52 -19.17 23.14
C ARG F 307 20.16 -19.66 22.63
N LEU F 308 19.68 -19.09 21.53
CA LEU F 308 18.44 -19.54 20.88
C LEU F 308 17.03 -19.27 21.43
N GLY F 309 16.11 -19.92 20.70
CA GLY F 309 14.68 -19.92 20.95
C GLY F 309 14.33 -21.18 20.18
N GLN F 310 13.09 -21.36 19.72
CA GLN F 310 12.79 -22.57 18.95
C GLN F 310 11.39 -22.69 18.32
N ALA F 311 11.34 -23.50 17.26
CA ALA F 311 10.11 -23.77 16.51
C ALA F 311 9.62 -22.56 15.71
N VAL F 312 8.58 -21.91 16.23
CA VAL F 312 7.99 -20.74 15.57
C VAL F 312 9.06 -19.71 15.21
N THR F 313 10.20 -19.76 15.89
CA THR F 313 11.29 -18.83 15.62
C THR F 313 11.98 -19.21 14.32
N LEU F 314 12.46 -20.46 14.26
CA LEU F 314 13.14 -20.99 13.08
C LEU F 314 12.40 -20.57 11.81
N MET F 315 11.08 -20.43 11.94
CA MET F 315 10.23 -20.08 10.82
C MET F 315 10.08 -18.58 10.57
N MET F 316 10.95 -17.77 11.15
CA MET F 316 10.84 -16.33 10.93
C MET F 316 12.04 -15.47 11.32
N ASP F 317 12.49 -14.68 10.35
CA ASP F 317 13.60 -13.75 10.51
C ASP F 317 13.04 -12.47 11.14
N ALA F 318 13.83 -11.41 11.13
CA ALA F 318 13.39 -10.14 11.70
C ALA F 318 13.20 -9.10 10.60
N THR F 319 12.63 -9.49 9.47
CA THR F 319 12.45 -8.55 8.38
C THR F 319 11.02 -8.15 8.04
N ASN F 320 10.10 -8.40 8.95
CA ASN F 320 8.71 -7.99 8.78
C ASN F 320 8.12 -7.84 10.17
N MET F 321 7.33 -6.79 10.36
CA MET F 321 6.75 -6.51 11.67
C MET F 321 6.09 -7.68 12.40
N PRO F 322 5.22 -8.44 11.72
CA PRO F 322 4.60 -9.56 12.43
C PRO F 322 5.63 -10.54 12.99
N ALA F 323 6.70 -10.78 12.24
CA ALA F 323 7.74 -11.70 12.67
C ALA F 323 8.54 -11.12 13.83
N VAL F 324 8.78 -9.82 13.81
CA VAL F 324 9.51 -9.18 14.90
C VAL F 324 8.67 -9.22 16.17
N LYS F 325 7.36 -9.08 16.02
CA LYS F 325 6.48 -9.13 17.18
C LYS F 325 6.52 -10.56 17.74
N ALA F 326 6.38 -11.54 16.86
CA ALA F 326 6.40 -12.94 17.27
C ALA F 326 7.68 -13.18 18.04
N ILE F 327 8.79 -12.72 17.48
CA ILE F 327 10.09 -12.90 18.12
C ILE F 327 10.13 -12.24 19.50
N ILE F 328 9.71 -10.98 19.57
CA ILE F 328 9.71 -10.25 20.83
C ILE F 328 8.88 -10.95 21.89
N TYR F 329 7.65 -11.31 21.55
CA TYR F 329 6.77 -11.98 22.49
C TYR F 329 7.34 -13.34 22.92
N GLN F 330 8.11 -13.96 22.03
CA GLN F 330 8.69 -15.25 22.33
C GLN F 330 9.70 -15.10 23.47
N TYR F 331 10.58 -14.10 23.35
CA TYR F 331 11.57 -13.83 24.37
C TYR F 331 10.91 -13.37 25.66
N MET F 332 9.90 -12.52 25.56
CA MET F 332 9.18 -12.02 26.72
C MET F 332 8.72 -13.22 27.54
N GLU F 333 8.38 -14.29 26.85
CA GLU F 333 7.88 -15.50 27.49
C GLU F 333 9.01 -16.21 28.23
N GLU F 334 10.19 -16.29 27.62
CA GLU F 334 11.34 -16.93 28.24
C GLU F 334 11.70 -16.25 29.55
N ILE F 335 11.51 -14.94 29.61
CA ILE F 335 11.81 -14.18 30.83
C ILE F 335 10.71 -14.44 31.87
N TYR F 336 9.46 -14.38 31.43
CA TYR F 336 8.32 -14.59 32.31
C TYR F 336 8.36 -15.96 32.98
N HIS F 337 8.80 -16.96 32.25
CA HIS F 337 8.86 -18.32 32.77
C HIS F 337 9.96 -18.48 33.82
N ARG F 338 11.07 -17.77 33.65
CA ARG F 338 12.18 -17.87 34.58
C ARG F 338 12.10 -16.90 35.76
N ILE F 339 10.96 -16.23 35.92
CA ILE F 339 10.80 -15.30 37.02
C ILE F 339 10.71 -16.02 38.36
N PRO F 340 11.74 -15.89 39.20
CA PRO F 340 11.73 -16.56 40.51
C PRO F 340 10.65 -15.96 41.39
N ASP F 341 9.88 -16.82 42.04
CA ASP F 341 8.82 -16.34 42.92
C ASP F 341 9.44 -15.45 44.00
N SER F 342 10.71 -15.70 44.28
CA SER F 342 11.44 -14.96 45.31
C SER F 342 11.75 -13.50 44.98
N ASN F 343 12.37 -13.29 43.83
CA ASN F 343 12.77 -11.95 43.39
C ASN F 343 11.80 -10.86 43.84
N PRO F 344 12.33 -9.78 44.42
CA PRO F 344 11.50 -8.67 44.89
C PRO F 344 10.88 -7.81 43.80
N SER F 345 11.11 -8.18 42.55
CA SER F 345 10.58 -7.43 41.42
C SER F 345 9.66 -8.29 40.57
N SER F 346 9.58 -9.57 40.91
CA SER F 346 8.73 -10.50 40.15
C SER F 346 7.41 -9.89 39.72
N SER F 347 6.69 -9.30 40.68
CA SER F 347 5.41 -8.67 40.40
C SER F 347 5.51 -7.63 39.29
N LYS F 348 6.41 -6.68 39.47
CA LYS F 348 6.61 -5.63 38.48
C LYS F 348 7.02 -6.21 37.11
N THR F 349 7.76 -7.31 37.13
CA THR F 349 8.21 -7.95 35.91
C THR F 349 7.01 -8.54 35.16
N ARG F 350 6.11 -9.18 35.90
CA ARG F 350 4.93 -9.77 35.29
C ARG F 350 3.99 -8.67 34.81
N GLN F 351 3.89 -7.60 35.58
CA GLN F 351 3.03 -6.46 35.24
C GLN F 351 3.37 -5.85 33.88
N ILE F 352 4.65 -5.64 33.60
CA ILE F 352 5.04 -5.06 32.32
C ILE F 352 4.96 -6.08 31.20
N ILE F 353 5.36 -7.32 31.47
CA ILE F 353 5.29 -8.35 30.45
C ILE F 353 3.81 -8.61 30.10
N SER F 354 2.95 -8.46 31.09
CA SER F 354 1.53 -8.66 30.88
C SER F 354 0.96 -7.54 30.01
N THR F 355 1.38 -6.30 30.28
CA THR F 355 0.90 -5.16 29.50
C THR F 355 1.36 -5.27 28.05
N ILE F 356 2.57 -5.81 27.86
CA ILE F 356 3.15 -5.99 26.54
C ILE F 356 2.38 -7.08 25.79
N ARG F 357 1.99 -8.13 26.51
CA ARG F 357 1.25 -9.24 25.92
C ARG F 357 -0.14 -8.81 25.47
N THR F 358 -0.88 -8.26 26.42
CA THR F 358 -2.25 -7.82 26.25
C THR F 358 -2.48 -6.67 25.29
N GLN F 359 -1.69 -5.61 25.43
CA GLN F 359 -1.87 -4.45 24.57
C GLN F 359 -1.12 -4.61 23.25
OAE BH5 G . -23.44 5.00 -22.85
PBD BH5 G . -23.52 3.63 -23.71
OAF BH5 G . -23.82 2.53 -22.56
OAB BH5 G . -22.29 3.29 -24.45
CBC BH5 G . -25.07 3.71 -24.76
PBE BH5 G . -26.10 5.24 -24.44
OAG BH5 G . -27.44 4.98 -25.30
OAH BH5 G . -26.48 5.14 -22.88
OAC BH5 G . -25.45 6.53 -24.80
OAD BH5 G . -24.86 3.47 -26.15
CAZ BH5 G . -25.95 2.55 -24.28
NBB BH5 G . -25.46 1.25 -24.79
CAK BH5 G . -24.24 0.85 -25.14
CAJ BH5 G . -26.29 0.23 -24.99
CAI BH5 G . -25.58 -0.80 -25.47
NBA BH5 G . -24.32 -0.40 -25.58
CAY BH5 G . -23.29 -1.12 -26.37
CAX BH5 G . -22.31 -1.88 -25.49
CAW BH5 G . -23.09 -2.73 -24.49
CAV BH5 G . -22.17 -3.81 -23.90
CAU BH5 G . -22.92 -4.60 -22.82
CAT BH5 G . -22.98 -3.77 -21.55
CAS BH5 G . -23.83 -4.49 -20.51
CAR BH5 G . -23.55 -3.93 -19.12
CAQ BH5 G . -22.12 -4.27 -18.74
CAP BH5 G . -21.79 -3.76 -17.32
CAO BH5 G . -20.36 -4.17 -16.99
CAN BH5 G . -19.94 -3.63 -15.62
CAM BH5 G . -18.51 -4.07 -15.35
CAL BH5 G . -18.02 -3.54 -14.00
CAA BH5 G . -16.60 -4.04 -13.76
OAE BH5 H . -26.98 17.35 9.87
PBD BH5 H . -25.85 18.22 10.61
OAF BH5 H . -25.56 19.48 9.65
OAB BH5 H . -24.64 17.43 10.88
CBC BH5 H . -26.65 18.89 12.16
PBE BH5 H . -27.50 20.50 11.76
OAG BH5 H . -28.49 20.80 13.00
OAH BH5 H . -26.36 21.64 11.81
OAC BH5 H . -28.22 20.48 10.46
OAD BH5 H . -27.50 17.94 12.81
CAZ BH5 H . -25.49 19.20 13.11
NBB BH5 H . -25.85 18.90 14.52
CAK BH5 H . -25.60 17.74 15.12
CAJ BH5 H . -26.27 19.75 15.44
CAI BH5 H . -26.28 19.13 16.61
NBA BH5 H . -25.87 17.88 16.42
CAY BH5 H . -25.85 16.80 17.42
CAX BH5 H . -24.49 16.11 17.50
CAW BH5 H . -23.43 17.15 17.86
CAV BH5 H . -22.14 16.46 18.30
CAU BH5 H . -21.13 17.53 18.68
CAT BH5 H . -20.52 18.15 17.42
CAS BH5 H . -19.67 19.36 17.80
CAR BH5 H . -18.65 19.64 16.69
CAQ BH5 H . -17.65 18.48 16.66
CAP BH5 H . -16.60 18.71 15.57
CAO BH5 H . -15.60 17.55 15.62
CAN BH5 H . -14.55 17.70 14.51
CAM BH5 H . -13.57 16.53 14.64
CAL BH5 H . -12.48 16.63 13.56
CAA BH5 H . -11.46 15.52 13.77
OAE BH5 I . -6.91 35.60 -13.90
PBD BH5 I . -5.40 35.06 -13.73
OAF BH5 I . -5.29 33.73 -14.64
OAB BH5 I . -5.01 34.82 -12.32
CBC BH5 I . -4.31 36.34 -14.53
PBE BH5 I . -5.37 37.56 -15.46
OAG BH5 I . -4.48 38.14 -16.66
OAH BH5 I . -6.53 36.69 -16.17
OAC BH5 I . -5.93 38.62 -14.59
OAD BH5 I . -3.41 36.96 -13.61
CAZ BH5 I . -3.47 35.59 -15.57
NBB BH5 I . -2.19 36.32 -15.80
CAK BH5 I . -1.08 36.16 -15.07
CAJ BH5 I . -1.96 37.27 -16.69
CAI BH5 I . -0.72 37.72 -16.51
NBA BH5 I . -0.19 37.04 -15.51
CAY BH5 I . 1.14 37.29 -14.90
CAX BH5 I . 1.93 35.99 -14.75
CAW BH5 I . 2.03 35.29 -16.11
CAV BH5 I . 2.98 34.09 -16.02
CAU BH5 I . 3.03 33.41 -17.38
CAT BH5 I . 1.68 32.72 -17.66
CAS BH5 I . 1.67 32.17 -19.08
CAR BH5 I . 1.16 30.72 -19.07
CAQ BH5 I . 2.18 29.85 -18.33
CAP BH5 I . 1.68 28.41 -18.25
CAO BH5 I . 2.73 27.55 -17.56
CAN BH5 I . 2.21 26.12 -17.37
CAM BH5 I . 3.31 25.28 -16.72
CAL BH5 I . 2.81 23.85 -16.49
CAA BH5 I . 3.96 23.02 -15.93
OAE BH5 J . 1.48 -25.57 21.39
PBD BH5 J . -0.13 -25.68 21.55
OAF BH5 J . -0.72 -25.62 20.04
OAB BH5 J . -0.68 -24.63 22.41
CBC BH5 J . -0.48 -27.40 22.18
PBE BH5 J . 1.11 -28.38 22.32
OAG BH5 J . 0.71 -29.91 21.99
OAH BH5 J . 2.05 -27.90 21.11
OAC BH5 J . 1.74 -28.24 23.65
OAD BH5 J . -1.24 -27.40 23.39
CAZ BH5 J . -1.34 -28.12 21.13
NBB BH5 J . -2.78 -28.07 21.49
CAK BH5 J . -3.56 -27.00 21.53
CAJ BH5 J . -3.49 -29.13 21.88
CAI BH5 J . -4.72 -28.71 22.17
NBA BH5 J . -4.76 -27.40 21.96
CAY BH5 J . -5.91 -26.52 22.29
CAX BH5 J . -6.42 -25.77 21.05
CAW BH5 J . -6.65 -26.77 19.91
CAV BH5 J . -7.50 -26.12 18.82
CAU BH5 J . -7.64 -27.09 17.65
CAT BH5 J . -6.37 -27.06 16.79
CAS BH5 J . -6.46 -28.14 15.70
CAR BH5 J . -5.62 -27.72 14.50
CAQ BH5 J . -6.26 -26.48 13.88
CAP BH5 J . -5.44 -26.00 12.68
CAO BH5 J . -6.12 -24.74 12.12
CAN BH5 J . -5.30 -24.14 10.98
CAM BH5 J . -6.03 -22.90 10.47
CAL BH5 J . -5.22 -22.23 9.35
CAA BH5 J . -5.99 -21.02 8.83
OAE BH5 K . 20.23 -28.65 -9.62
PBD BH5 K . 21.49 -28.36 -10.57
OAF BH5 K . 22.39 -27.30 -9.77
OAB BH5 K . 21.09 -27.86 -11.91
CBC BH5 K . 22.50 -29.93 -10.61
PBE BH5 K . 23.12 -30.29 -8.89
OAG BH5 K . 23.83 -28.93 -8.40
OAH BH5 K . 21.79 -30.46 -7.98
OAC BH5 K . 24.03 -31.45 -8.82
OAD BH5 K . 21.84 -31.04 -11.23
CAZ BH5 K . 23.75 -29.66 -11.45
NBB BH5 K . 23.40 -29.43 -12.87
CAK BH5 K . 22.22 -29.60 -13.47
CAJ BH5 K . 24.28 -29.02 -13.78
CAI BH5 K . 23.65 -28.95 -14.96
NBA BH5 K . 22.38 -29.28 -14.75
CAY BH5 K . 21.33 -29.30 -15.80
CAX BH5 K . 20.76 -27.91 -16.08
CAW BH5 K . 21.88 -26.90 -16.31
CAV BH5 K . 21.32 -25.63 -16.93
CAU BH5 K . 22.43 -24.58 -17.05
CAT BH5 K . 22.72 -23.98 -15.66
CAS BH5 K . 23.96 -23.09 -15.74
CAR BH5 K . 23.89 -22.01 -14.66
CAQ BH5 K . 22.70 -21.11 -14.98
CAP BH5 K . 22.62 -19.94 -13.99
CAO BH5 K . 21.44 -19.07 -14.40
CAN BH5 K . 21.31 -17.87 -13.46
CAM BH5 K . 20.12 -17.01 -13.92
CAL BH5 K . 19.97 -15.80 -13.01
CAA BH5 K . 18.82 -14.93 -13.52
OAE BH5 L . 28.64 -4.29 17.77
PBD BH5 L . 28.92 -2.71 17.88
OAF BH5 L . 27.58 -2.07 18.49
OAB BH5 L . 29.28 -2.11 16.57
CBC BH5 L . 30.24 -2.48 19.18
PBE BH5 L . 30.64 -4.12 19.97
OAG BH5 L . 31.43 -3.78 21.33
OAH BH5 L . 29.21 -4.74 20.42
OAC BH5 L . 31.40 -5.03 19.08
OAD BH5 L . 31.40 -1.80 18.70
CAZ BH5 L . 29.65 -1.61 20.28
NBB BH5 L . 29.89 -0.18 20.01
CAK BH5 L . 29.69 0.48 18.88
CAJ BH5 L . 30.31 0.68 20.93
CAI BH5 L . 30.35 1.89 20.37
NBA BH5 L . 29.98 1.76 19.10
CAY BH5 L . 30.20 2.80 18.08
CAX BH5 L . 28.89 3.42 17.57
CAW BH5 L . 28.03 3.85 18.76
CAV BH5 L . 26.94 4.81 18.28
CAU BH5 L . 25.95 5.08 19.42
CAT BH5 L . 24.96 3.92 19.52
CAS BH5 L . 24.01 4.15 20.69
CAR BH5 L . 22.72 3.36 20.48
CAQ BH5 L . 22.02 3.91 19.23
CAP BH5 L . 20.70 3.20 18.98
CAO BH5 L . 20.06 3.80 17.73
CAN BH5 L . 18.74 3.09 17.42
CAM BH5 L . 18.13 3.73 16.16
CAL BH5 L . 16.80 3.05 15.82
CAA BH5 L . 16.20 3.71 14.59
#